data_7LX9
# 
_entry.id   7LX9 
# 
_audit_conform.dict_name       mmcif_pdbx.dic 
_audit_conform.dict_version    5.380 
_audit_conform.dict_location   http://mmcif.pdb.org/dictionaries/ascii/mmcif_pdbx.dic 
# 
loop_
_database_2.database_id 
_database_2.database_code 
_database_2.pdbx_database_accession 
_database_2.pdbx_DOI 
PDB   7LX9         pdb_00007lx9 10.2210/pdb7lx9/pdb 
WWPDB D_1000254735 ?            ?                   
# 
_pdbx_database_status.status_code                     REL 
_pdbx_database_status.status_code_sf                  REL 
_pdbx_database_status.status_code_mr                  ? 
_pdbx_database_status.entry_id                        7LX9 
_pdbx_database_status.recvd_initial_deposition_date   2021-03-03 
_pdbx_database_status.SG_entry                        N 
_pdbx_database_status.deposit_site                    RCSB 
_pdbx_database_status.process_site                    RCSB 
_pdbx_database_status.status_code_cs                  ? 
_pdbx_database_status.status_code_nmr_data            ? 
_pdbx_database_status.methods_development_category    ? 
_pdbx_database_status.pdb_format_compatible           Y 
# 
loop_
_audit_author.name 
_audit_author.pdbx_ordinal 
_audit_author.identifier_ORCID 
'Kamenik, A.S.'  1 ? 
'Singh, I.'      2 ? 
'Lak, P.'        3 ? 
'Balius, T.E.'   4 ? 
'Liedl, K.R.'    5 ? 
'Shoichet, B.K.' 6 ? 
# 
_citation.abstract                  ? 
_citation.abstract_id_CAS           ? 
_citation.book_id_ISBN              ? 
_citation.book_publisher            ? 
_citation.book_publisher_city       ? 
_citation.book_title                ? 
_citation.coordinate_linkage        ? 
_citation.country                   US 
_citation.database_id_Medline       ? 
_citation.details                   ? 
_citation.id                        primary 
_citation.journal_abbrev            Proc.Natl.Acad.Sci.USA 
_citation.journal_id_ASTM           PNASA6 
_citation.journal_id_CSD            0040 
_citation.journal_id_ISSN           1091-6490 
_citation.journal_full              ? 
_citation.journal_issue             ? 
_citation.journal_volume            118 
_citation.language                  ? 
_citation.page_first                ? 
_citation.page_last                 ? 
_citation.title                     'Energy penalties enhance flexible receptor docking in a model cavity.' 
_citation.year                      2021 
_citation.database_id_CSD           ? 
_citation.pdbx_database_id_DOI      10.1073/pnas.2106195118 
_citation.pdbx_database_id_PubMed   34475217 
_citation.pdbx_database_id_patent   ? 
_citation.unpublished_flag          ? 
# 
loop_
_citation_author.citation_id 
_citation_author.name 
_citation_author.ordinal 
_citation_author.identifier_ORCID 
primary 'Kamenik, A.S.'  1 0000-0001-8657-0036 
primary 'Singh, I.'      2 ?                   
primary 'Lak, P.'        3 ?                   
primary 'Balius, T.E.'   4 0000-0002-6811-4667 
primary 'Liedl, K.R.'    5 ?                   
primary 'Shoichet, B.K.' 6 0000-0002-6098-7367 
# 
_cell.angle_alpha                  90.000 
_cell.angle_alpha_esd              ? 
_cell.angle_beta                   90.000 
_cell.angle_beta_esd               ? 
_cell.angle_gamma                  120.000 
_cell.angle_gamma_esd              ? 
_cell.entry_id                     7LX9 
_cell.details                      ? 
_cell.formula_units_Z              ? 
_cell.length_a                     60.246 
_cell.length_a_esd                 ? 
_cell.length_b                     60.246 
_cell.length_b_esd                 ? 
_cell.length_c                     96.317 
_cell.length_c_esd                 ? 
_cell.volume                       ? 
_cell.volume_esd                   ? 
_cell.Z_PDB                        6 
_cell.reciprocal_angle_alpha       ? 
_cell.reciprocal_angle_beta        ? 
_cell.reciprocal_angle_gamma       ? 
_cell.reciprocal_angle_alpha_esd   ? 
_cell.reciprocal_angle_beta_esd    ? 
_cell.reciprocal_angle_gamma_esd   ? 
_cell.reciprocal_length_a          ? 
_cell.reciprocal_length_b          ? 
_cell.reciprocal_length_c          ? 
_cell.reciprocal_length_a_esd      ? 
_cell.reciprocal_length_b_esd      ? 
_cell.reciprocal_length_c_esd      ? 
_cell.pdbx_unique_axis             ? 
# 
_symmetry.entry_id                         7LX9 
_symmetry.cell_setting                     ? 
_symmetry.Int_Tables_number                154 
_symmetry.space_group_name_Hall            ? 
_symmetry.space_group_name_H-M             'P 32 2 1' 
_symmetry.pdbx_full_space_group_name_H-M   ? 
# 
loop_
_entity.id 
_entity.type 
_entity.src_method 
_entity.pdbx_description 
_entity.formula_weight 
_entity.pdbx_number_of_molecules 
_entity.pdbx_ec 
_entity.pdbx_mutation 
_entity.pdbx_fragment 
_entity.details 
1 polymer     man Lysozyme                                 19691.541 1   3.2.1.17 L99A ? ? 
2 non-polymer syn '(but-3-en-1-yl)benzene'                 132.202   1   ?        ?    ? ? 
3 non-polymer syn 2-AMINO-2-HYDROXYMETHYL-PROPANE-1,3-DIOL 122.143   1   ?        ?    ? ? 
4 water       nat water                                    18.015    101 ?        ?    ? ? 
# 
_entity_name_com.entity_id   1 
_entity_name_com.name        'Lysis protein,Endolysin,Muramidase' 
# 
_entity_poly.entity_id                      1 
_entity_poly.type                           'polypeptide(L)' 
_entity_poly.nstd_linkage                   no 
_entity_poly.nstd_monomer                   no 
_entity_poly.pdbx_seq_one_letter_code       
;MNIFEMLRIDEGLRLKIYKDTEGYYTIGIGHLLTKSPSLNAAKSELDKAIGRNCNGVITKDEAEKLFNQDVDAAVRGILR
NAKLKPVYDSLDAVRRCAAINMVFQMGETGVAGFTNSLRMLQQKRWDEAAVNLAKSRWYNQTPNRAKRVITTFRTGTWDA
YKNLLEHHHHHH
;
_entity_poly.pdbx_seq_one_letter_code_can   
;MNIFEMLRIDEGLRLKIYKDTEGYYTIGIGHLLTKSPSLNAAKSELDKAIGRNCNGVITKDEAEKLFNQDVDAAVRGILR
NAKLKPVYDSLDAVRRCAAINMVFQMGETGVAGFTNSLRMLQQKRWDEAAVNLAKSRWYNQTPNRAKRVITTFRTGTWDA
YKNLLEHHHHHH
;
_entity_poly.pdbx_strand_id                 A 
_entity_poly.pdbx_target_identifier         ? 
# 
loop_
_entity_poly_seq.entity_id 
_entity_poly_seq.num 
_entity_poly_seq.mon_id 
_entity_poly_seq.hetero 
1 1   MET n 
1 2   ASN n 
1 3   ILE n 
1 4   PHE n 
1 5   GLU n 
1 6   MET n 
1 7   LEU n 
1 8   ARG n 
1 9   ILE n 
1 10  ASP n 
1 11  GLU n 
1 12  GLY n 
1 13  LEU n 
1 14  ARG n 
1 15  LEU n 
1 16  LYS n 
1 17  ILE n 
1 18  TYR n 
1 19  LYS n 
1 20  ASP n 
1 21  THR n 
1 22  GLU n 
1 23  GLY n 
1 24  TYR n 
1 25  TYR n 
1 26  THR n 
1 27  ILE n 
1 28  GLY n 
1 29  ILE n 
1 30  GLY n 
1 31  HIS n 
1 32  LEU n 
1 33  LEU n 
1 34  THR n 
1 35  LYS n 
1 36  SER n 
1 37  PRO n 
1 38  SER n 
1 39  LEU n 
1 40  ASN n 
1 41  ALA n 
1 42  ALA n 
1 43  LYS n 
1 44  SER n 
1 45  GLU n 
1 46  LEU n 
1 47  ASP n 
1 48  LYS n 
1 49  ALA n 
1 50  ILE n 
1 51  GLY n 
1 52  ARG n 
1 53  ASN n 
1 54  CYS n 
1 55  ASN n 
1 56  GLY n 
1 57  VAL n 
1 58  ILE n 
1 59  THR n 
1 60  LYS n 
1 61  ASP n 
1 62  GLU n 
1 63  ALA n 
1 64  GLU n 
1 65  LYS n 
1 66  LEU n 
1 67  PHE n 
1 68  ASN n 
1 69  GLN n 
1 70  ASP n 
1 71  VAL n 
1 72  ASP n 
1 73  ALA n 
1 74  ALA n 
1 75  VAL n 
1 76  ARG n 
1 77  GLY n 
1 78  ILE n 
1 79  LEU n 
1 80  ARG n 
1 81  ASN n 
1 82  ALA n 
1 83  LYS n 
1 84  LEU n 
1 85  LYS n 
1 86  PRO n 
1 87  VAL n 
1 88  TYR n 
1 89  ASP n 
1 90  SER n 
1 91  LEU n 
1 92  ASP n 
1 93  ALA n 
1 94  VAL n 
1 95  ARG n 
1 96  ARG n 
1 97  CYS n 
1 98  ALA n 
1 99  ALA n 
1 100 ILE n 
1 101 ASN n 
1 102 MET n 
1 103 VAL n 
1 104 PHE n 
1 105 GLN n 
1 106 MET n 
1 107 GLY n 
1 108 GLU n 
1 109 THR n 
1 110 GLY n 
1 111 VAL n 
1 112 ALA n 
1 113 GLY n 
1 114 PHE n 
1 115 THR n 
1 116 ASN n 
1 117 SER n 
1 118 LEU n 
1 119 ARG n 
1 120 MET n 
1 121 LEU n 
1 122 GLN n 
1 123 GLN n 
1 124 LYS n 
1 125 ARG n 
1 126 TRP n 
1 127 ASP n 
1 128 GLU n 
1 129 ALA n 
1 130 ALA n 
1 131 VAL n 
1 132 ASN n 
1 133 LEU n 
1 134 ALA n 
1 135 LYS n 
1 136 SER n 
1 137 ARG n 
1 138 TRP n 
1 139 TYR n 
1 140 ASN n 
1 141 GLN n 
1 142 THR n 
1 143 PRO n 
1 144 ASN n 
1 145 ARG n 
1 146 ALA n 
1 147 LYS n 
1 148 ARG n 
1 149 VAL n 
1 150 ILE n 
1 151 THR n 
1 152 THR n 
1 153 PHE n 
1 154 ARG n 
1 155 THR n 
1 156 GLY n 
1 157 THR n 
1 158 TRP n 
1 159 ASP n 
1 160 ALA n 
1 161 TYR n 
1 162 LYS n 
1 163 ASN n 
1 164 LEU n 
1 165 LEU n 
1 166 GLU n 
1 167 HIS n 
1 168 HIS n 
1 169 HIS n 
1 170 HIS n 
1 171 HIS n 
1 172 HIS n 
# 
_entity_src_gen.entity_id                          1 
_entity_src_gen.pdbx_src_id                        1 
_entity_src_gen.pdbx_alt_source_flag               sample 
_entity_src_gen.pdbx_seq_type                      'Biological sequence' 
_entity_src_gen.pdbx_beg_seq_num                   1 
_entity_src_gen.pdbx_end_seq_num                   172 
_entity_src_gen.gene_src_common_name               'Bacteriophage T4' 
_entity_src_gen.gene_src_genus                     ? 
_entity_src_gen.pdbx_gene_src_gene                 'e, T4Tp126' 
_entity_src_gen.gene_src_species                   ? 
_entity_src_gen.gene_src_strain                    ? 
_entity_src_gen.gene_src_tissue                    ? 
_entity_src_gen.gene_src_tissue_fraction           ? 
_entity_src_gen.gene_src_details                   ? 
_entity_src_gen.pdbx_gene_src_fragment             ? 
_entity_src_gen.pdbx_gene_src_scientific_name      'Enterobacteria phage T4' 
_entity_src_gen.pdbx_gene_src_ncbi_taxonomy_id     10665 
_entity_src_gen.pdbx_gene_src_variant              ? 
_entity_src_gen.pdbx_gene_src_cell_line            ? 
_entity_src_gen.pdbx_gene_src_atcc                 ? 
_entity_src_gen.pdbx_gene_src_organ                ? 
_entity_src_gen.pdbx_gene_src_organelle            ? 
_entity_src_gen.pdbx_gene_src_cell                 ? 
_entity_src_gen.pdbx_gene_src_cellular_location    ? 
_entity_src_gen.host_org_common_name               ? 
_entity_src_gen.pdbx_host_org_scientific_name      
;Escherichia coli 'BL21-Gold(DE3)pLysS AG'
;
_entity_src_gen.pdbx_host_org_ncbi_taxonomy_id     866768 
_entity_src_gen.host_org_genus                     ? 
_entity_src_gen.pdbx_host_org_gene                 ? 
_entity_src_gen.pdbx_host_org_organ                ? 
_entity_src_gen.host_org_species                   ? 
_entity_src_gen.pdbx_host_org_tissue               ? 
_entity_src_gen.pdbx_host_org_tissue_fraction      ? 
_entity_src_gen.pdbx_host_org_strain               ? 
_entity_src_gen.pdbx_host_org_variant              ? 
_entity_src_gen.pdbx_host_org_cell_line            ? 
_entity_src_gen.pdbx_host_org_atcc                 ? 
_entity_src_gen.pdbx_host_org_culture_collection   ? 
_entity_src_gen.pdbx_host_org_cell                 ? 
_entity_src_gen.pdbx_host_org_organelle            ? 
_entity_src_gen.pdbx_host_org_cellular_location    ? 
_entity_src_gen.pdbx_host_org_vector_type          ? 
_entity_src_gen.pdbx_host_org_vector               ? 
_entity_src_gen.host_org_details                   ? 
_entity_src_gen.expression_system_id               ? 
_entity_src_gen.plasmid_name                       ? 
_entity_src_gen.plasmid_details                    ? 
_entity_src_gen.pdbx_description                   ? 
# 
_struct_ref.id                         1 
_struct_ref.db_name                    UNP 
_struct_ref.db_code                    D9IEF7_BPT4 
_struct_ref.pdbx_db_accession          D9IEF7 
_struct_ref.pdbx_db_isoform            ? 
_struct_ref.entity_id                  1 
_struct_ref.pdbx_seq_one_letter_code   
;MNIFEMLRIDEGLRLKIYKDTEGYYTIGIGHLLTKSPSLNAAKSELDKAIGRNCNGVITKDEAEKLFNQDVDAAVRGILR
NAKLKPVYDSLDAVRRCALINMVFQMGETGVAGFTNSLRMLQQKRWDEAAVNLAKSRWYNQTPNRAKRVITTFRTGTWDA
YKNL
;
_struct_ref.pdbx_align_begin           1 
# 
_struct_ref_seq.align_id                      1 
_struct_ref_seq.ref_id                        1 
_struct_ref_seq.pdbx_PDB_id_code              7LX9 
_struct_ref_seq.pdbx_strand_id                A 
_struct_ref_seq.seq_align_beg                 1 
_struct_ref_seq.pdbx_seq_align_beg_ins_code   ? 
_struct_ref_seq.seq_align_end                 164 
_struct_ref_seq.pdbx_seq_align_end_ins_code   ? 
_struct_ref_seq.pdbx_db_accession             D9IEF7 
_struct_ref_seq.db_align_beg                  1 
_struct_ref_seq.pdbx_db_align_beg_ins_code    ? 
_struct_ref_seq.db_align_end                  164 
_struct_ref_seq.pdbx_db_align_end_ins_code    ? 
_struct_ref_seq.pdbx_auth_seq_align_beg       1 
_struct_ref_seq.pdbx_auth_seq_align_end       164 
# 
loop_
_struct_ref_seq_dif.align_id 
_struct_ref_seq_dif.pdbx_pdb_id_code 
_struct_ref_seq_dif.mon_id 
_struct_ref_seq_dif.pdbx_pdb_strand_id 
_struct_ref_seq_dif.seq_num 
_struct_ref_seq_dif.pdbx_pdb_ins_code 
_struct_ref_seq_dif.pdbx_seq_db_name 
_struct_ref_seq_dif.pdbx_seq_db_accession_code 
_struct_ref_seq_dif.db_mon_id 
_struct_ref_seq_dif.pdbx_seq_db_seq_num 
_struct_ref_seq_dif.details 
_struct_ref_seq_dif.pdbx_auth_seq_num 
_struct_ref_seq_dif.pdbx_ordinal 
1 7LX9 ALA A 99  ? UNP D9IEF7 LEU 99 'engineered mutation' 99  1 
1 7LX9 LEU A 165 ? UNP D9IEF7 ?   ?  'expression tag'      165 2 
1 7LX9 GLU A 166 ? UNP D9IEF7 ?   ?  'expression tag'      166 3 
1 7LX9 HIS A 167 ? UNP D9IEF7 ?   ?  'expression tag'      167 4 
1 7LX9 HIS A 168 ? UNP D9IEF7 ?   ?  'expression tag'      168 5 
1 7LX9 HIS A 169 ? UNP D9IEF7 ?   ?  'expression tag'      169 6 
1 7LX9 HIS A 170 ? UNP D9IEF7 ?   ?  'expression tag'      170 7 
1 7LX9 HIS A 171 ? UNP D9IEF7 ?   ?  'expression tag'      171 8 
1 7LX9 HIS A 172 ? UNP D9IEF7 ?   ?  'expression tag'      172 9 
# 
loop_
_chem_comp.id 
_chem_comp.type 
_chem_comp.mon_nstd_flag 
_chem_comp.name 
_chem_comp.pdbx_synonyms 
_chem_comp.formula 
_chem_comp.formula_weight 
ALA 'L-peptide linking' y ALANINE                                  ?             'C3 H7 N O2'     89.093  
ARG 'L-peptide linking' y ARGININE                                 ?             'C6 H15 N4 O2 1' 175.209 
ASN 'L-peptide linking' y ASPARAGINE                               ?             'C4 H8 N2 O3'    132.118 
ASP 'L-peptide linking' y 'ASPARTIC ACID'                          ?             'C4 H7 N O4'     133.103 
CYS 'L-peptide linking' y CYSTEINE                                 ?             'C3 H7 N O2 S'   121.158 
GLN 'L-peptide linking' y GLUTAMINE                                ?             'C5 H10 N2 O3'   146.144 
GLU 'L-peptide linking' y 'GLUTAMIC ACID'                          ?             'C5 H9 N O4'     147.129 
GLY 'peptide linking'   y GLYCINE                                  ?             'C2 H5 N O2'     75.067  
HIS 'L-peptide linking' y HISTIDINE                                ?             'C6 H10 N3 O2 1' 156.162 
HOH non-polymer         . WATER                                    ?             'H2 O'           18.015  
ILE 'L-peptide linking' y ISOLEUCINE                               ?             'C6 H13 N O2'    131.173 
LEU 'L-peptide linking' y LEUCINE                                  ?             'C6 H13 N O2'    131.173 
LYS 'L-peptide linking' y LYSINE                                   ?             'C6 H15 N2 O2 1' 147.195 
MET 'L-peptide linking' y METHIONINE                               ?             'C5 H11 N O2 S'  149.211 
PHE 'L-peptide linking' y PHENYLALANINE                            ?             'C9 H11 N O2'    165.189 
PRO 'L-peptide linking' y PROLINE                                  ?             'C5 H9 N O2'     115.130 
SER 'L-peptide linking' y SERINE                                   ?             'C3 H7 N O3'     105.093 
THR 'L-peptide linking' y THREONINE                                ?             'C4 H9 N O3'     119.119 
TRP 'L-peptide linking' y TRYPTOPHAN                               ?             'C11 H12 N2 O2'  204.225 
TRS non-polymer         . 2-AMINO-2-HYDROXYMETHYL-PROPANE-1,3-DIOL 'TRIS BUFFER' 'C4 H12 N O3 1'  122.143 
TYR 'L-peptide linking' y TYROSINE                                 ?             'C9 H11 N O3'    181.189 
VAL 'L-peptide linking' y VALINE                                   ?             'C5 H11 N O2'    117.146 
YGM non-polymer         . '(but-3-en-1-yl)benzene'                 ?             'C10 H12'        132.202 
# 
_exptl.absorpt_coefficient_mu     ? 
_exptl.absorpt_correction_T_max   ? 
_exptl.absorpt_correction_T_min   ? 
_exptl.absorpt_correction_type    ? 
_exptl.absorpt_process_details    ? 
_exptl.entry_id                   7LX9 
_exptl.crystals_number            1 
_exptl.details                    ? 
_exptl.method                     'X-RAY DIFFRACTION' 
_exptl.method_details             ? 
# 
_exptl_crystal.colour                      ? 
_exptl_crystal.density_diffrn              ? 
_exptl_crystal.density_Matthews            2.56 
_exptl_crystal.density_method              ? 
_exptl_crystal.density_percent_sol         52.00 
_exptl_crystal.description                 ? 
_exptl_crystal.F_000                       ? 
_exptl_crystal.id                          1 
_exptl_crystal.preparation                 ? 
_exptl_crystal.size_max                    ? 
_exptl_crystal.size_mid                    ? 
_exptl_crystal.size_min                    ? 
_exptl_crystal.size_rad                    ? 
_exptl_crystal.colour_lustre               ? 
_exptl_crystal.colour_modifier             ? 
_exptl_crystal.colour_primary              ? 
_exptl_crystal.density_meas                ? 
_exptl_crystal.density_meas_esd            ? 
_exptl_crystal.density_meas_gt             ? 
_exptl_crystal.density_meas_lt             ? 
_exptl_crystal.density_meas_temp           ? 
_exptl_crystal.density_meas_temp_esd       ? 
_exptl_crystal.density_meas_temp_gt        ? 
_exptl_crystal.density_meas_temp_lt        ? 
_exptl_crystal.pdbx_crystal_image_url      ? 
_exptl_crystal.pdbx_crystal_image_format   ? 
_exptl_crystal.pdbx_mosaicity              ? 
_exptl_crystal.pdbx_mosaicity_esd          ? 
# 
_exptl_crystal_grow.apparatus       ? 
_exptl_crystal_grow.atmosphere      ? 
_exptl_crystal_grow.crystal_id      1 
_exptl_crystal_grow.details         ? 
_exptl_crystal_grow.method          'VAPOR DIFFUSION, HANGING DROP' 
_exptl_crystal_grow.method_ref      ? 
_exptl_crystal_grow.pH              8 
_exptl_crystal_grow.pressure        ? 
_exptl_crystal_grow.pressure_esd    ? 
_exptl_crystal_grow.seeding         ? 
_exptl_crystal_grow.seeding_ref     ? 
_exptl_crystal_grow.temp            294 
_exptl_crystal_grow.temp_details    ? 
_exptl_crystal_grow.temp_esd        ? 
_exptl_crystal_grow.time            ? 
_exptl_crystal_grow.pdbx_details    'Isopropanol, PEG 4000, Tris-Cl pH 8.0, Beta-mercaptoethanol,  2-hyrdoxyethyl disulfide' 
_exptl_crystal_grow.pdbx_pH_range   ? 
# 
_diffrn.ambient_environment              ? 
_diffrn.ambient_temp                     100 
_diffrn.ambient_temp_details             ? 
_diffrn.ambient_temp_esd                 ? 
_diffrn.crystal_id                       1 
_diffrn.crystal_support                  ? 
_diffrn.crystal_treatment                ? 
_diffrn.details                          ? 
_diffrn.id                               1 
_diffrn.ambient_pressure                 ? 
_diffrn.ambient_pressure_esd             ? 
_diffrn.ambient_pressure_gt              ? 
_diffrn.ambient_pressure_lt              ? 
_diffrn.ambient_temp_gt                  ? 
_diffrn.ambient_temp_lt                  ? 
_diffrn.pdbx_serial_crystal_experiment   N 
# 
_diffrn_detector.details                      ? 
_diffrn_detector.detector                     PIXEL 
_diffrn_detector.diffrn_id                    1 
_diffrn_detector.type                         'DECTRIS PILATUS3 S 6M' 
_diffrn_detector.area_resol_mean              ? 
_diffrn_detector.dtime                        ? 
_diffrn_detector.pdbx_frames_total            ? 
_diffrn_detector.pdbx_collection_time_total   ? 
_diffrn_detector.pdbx_collection_date         2020-11-24 
_diffrn_detector.pdbx_frequency               ? 
# 
_diffrn_radiation.collimation                      ? 
_diffrn_radiation.diffrn_id                        1 
_diffrn_radiation.filter_edge                      ? 
_diffrn_radiation.inhomogeneity                    ? 
_diffrn_radiation.monochromator                    M 
_diffrn_radiation.polarisn_norm                    ? 
_diffrn_radiation.polarisn_ratio                   ? 
_diffrn_radiation.probe                            ? 
_diffrn_radiation.type                             ? 
_diffrn_radiation.xray_symbol                      ? 
_diffrn_radiation.wavelength_id                    1 
_diffrn_radiation.pdbx_monochromatic_or_laue_m_l   M 
_diffrn_radiation.pdbx_wavelength_list             ? 
_diffrn_radiation.pdbx_wavelength                  ? 
_diffrn_radiation.pdbx_diffrn_protocol             'SINGLE WAVELENGTH' 
_diffrn_radiation.pdbx_analyzer                    ? 
_diffrn_radiation.pdbx_scattering_type             x-ray 
# 
_diffrn_radiation_wavelength.id           1 
_diffrn_radiation_wavelength.wavelength   0.82647 
_diffrn_radiation_wavelength.wt           1.0 
# 
_diffrn_source.current                     ? 
_diffrn_source.details                     ? 
_diffrn_source.diffrn_id                   1 
_diffrn_source.power                       ? 
_diffrn_source.size                        ? 
_diffrn_source.source                      SYNCHROTRON 
_diffrn_source.target                      ? 
_diffrn_source.type                        'ALS BEAMLINE 8.3.1' 
_diffrn_source.voltage                     ? 
_diffrn_source.take-off_angle              ? 
_diffrn_source.pdbx_wavelength_list        0.82647 
_diffrn_source.pdbx_wavelength             ? 
_diffrn_source.pdbx_synchrotron_beamline   8.3.1 
_diffrn_source.pdbx_synchrotron_site       ALS 
# 
_reflns.B_iso_Wilson_estimate            14.160 
_reflns.entry_id                         7LX9 
_reflns.data_reduction_details           ? 
_reflns.data_reduction_method            ? 
_reflns.d_resolution_high                1.190 
_reflns.d_resolution_low                 52.1750 
_reflns.details                          ? 
_reflns.limit_h_max                      ? 
_reflns.limit_h_min                      ? 
_reflns.limit_k_max                      ? 
_reflns.limit_k_min                      ? 
_reflns.limit_l_max                      ? 
_reflns.limit_l_min                      ? 
_reflns.number_all                       ? 
_reflns.number_obs                       65444 
_reflns.observed_criterion               ? 
_reflns.observed_criterion_F_max         ? 
_reflns.observed_criterion_F_min         ? 
_reflns.observed_criterion_I_max         ? 
_reflns.observed_criterion_I_min         ? 
_reflns.observed_criterion_sigma_F       ? 
_reflns.observed_criterion_sigma_I       ? 
_reflns.percent_possible_obs             99.900 
_reflns.R_free_details                   ? 
_reflns.Rmerge_F_all                     ? 
_reflns.Rmerge_F_obs                     ? 
_reflns.Friedel_coverage                 ? 
_reflns.number_gt                        ? 
_reflns.threshold_expression             ? 
_reflns.pdbx_redundancy                  19.500 
_reflns.pdbx_Rmerge_I_obs                0.120 
_reflns.pdbx_Rmerge_I_all                ? 
_reflns.pdbx_Rsym_value                  ? 
_reflns.pdbx_netI_over_av_sigmaI         ? 
_reflns.pdbx_netI_over_sigmaI            16.100 
_reflns.pdbx_res_netI_over_av_sigmaI_2   ? 
_reflns.pdbx_res_netI_over_sigmaI_2      ? 
_reflns.pdbx_chi_squared                 ? 
_reflns.pdbx_scaling_rejects             ? 
_reflns.pdbx_d_res_high_opt              ? 
_reflns.pdbx_d_res_low_opt               ? 
_reflns.pdbx_d_res_opt_method            ? 
_reflns.phase_calculation_details        ? 
_reflns.pdbx_Rrim_I_all                  0.124 
_reflns.pdbx_Rpim_I_all                  0.028 
_reflns.pdbx_d_opt                       ? 
_reflns.pdbx_number_measured_all         ? 
_reflns.pdbx_diffrn_id                   1 
_reflns.pdbx_ordinal                     1 
_reflns.pdbx_CC_half                     1.000 
_reflns.pdbx_CC_star                     ? 
_reflns.pdbx_R_split                     ? 
# 
loop_
_reflns_shell.d_res_high 
_reflns_shell.d_res_low 
_reflns_shell.meanI_over_sigI_all 
_reflns_shell.meanI_over_sigI_obs 
_reflns_shell.number_measured_all 
_reflns_shell.number_measured_obs 
_reflns_shell.number_possible 
_reflns_shell.number_unique_all 
_reflns_shell.number_unique_obs 
_reflns_shell.percent_possible_all 
_reflns_shell.percent_possible_obs 
_reflns_shell.Rmerge_F_all 
_reflns_shell.Rmerge_F_obs 
_reflns_shell.Rmerge_I_all 
_reflns_shell.Rmerge_I_obs 
_reflns_shell.meanI_over_sigI_gt 
_reflns_shell.meanI_over_uI_all 
_reflns_shell.meanI_over_uI_gt 
_reflns_shell.number_measured_gt 
_reflns_shell.number_unique_gt 
_reflns_shell.percent_possible_gt 
_reflns_shell.Rmerge_F_gt 
_reflns_shell.Rmerge_I_gt 
_reflns_shell.pdbx_redundancy 
_reflns_shell.pdbx_Rsym_value 
_reflns_shell.pdbx_chi_squared 
_reflns_shell.pdbx_netI_over_sigmaI_all 
_reflns_shell.pdbx_netI_over_sigmaI_obs 
_reflns_shell.pdbx_Rrim_I_all 
_reflns_shell.pdbx_Rpim_I_all 
_reflns_shell.pdbx_rejects 
_reflns_shell.pdbx_ordinal 
_reflns_shell.pdbx_diffrn_id 
_reflns_shell.pdbx_CC_half 
_reflns_shell.pdbx_CC_star 
_reflns_shell.pdbx_R_split 
1.190 1.210  ? ? 46613 ? ? ? 3121 97.300  ? ? ? ? 5.329 ? ? ? ? ? ? ? ? 14.900 ? ? ? 0.600  5.515 1.375 ? 1 1 0.229 ? ? 
6.520 52.170 ? ? 8891  ? ? ? 480  100.000 ? ? ? ? 0.033 ? ? ? ? ? ? ? ? 18.500 ? ? ? 90.800 0.034 0.008 ? 2 1 0.999 ? ? 
# 
_refine.aniso_B[1][1]                            ? 
_refine.aniso_B[1][2]                            ? 
_refine.aniso_B[1][3]                            ? 
_refine.aniso_B[2][2]                            ? 
_refine.aniso_B[2][3]                            ? 
_refine.aniso_B[3][3]                            ? 
_refine.B_iso_max                                47.870 
_refine.B_iso_mean                               17.4902 
_refine.B_iso_min                                9.260 
_refine.correlation_coeff_Fo_to_Fc               ? 
_refine.correlation_coeff_Fo_to_Fc_free          ? 
_refine.details                                  ? 
_refine.diff_density_max                         ? 
_refine.diff_density_max_esd                     ? 
_refine.diff_density_min                         ? 
_refine.diff_density_min_esd                     ? 
_refine.diff_density_rms                         ? 
_refine.diff_density_rms_esd                     ? 
_refine.entry_id                                 7LX9 
_refine.pdbx_refine_id                           'X-RAY DIFFRACTION' 
_refine.ls_abs_structure_details                 ? 
_refine.ls_abs_structure_Flack                   ? 
_refine.ls_abs_structure_Flack_esd               ? 
_refine.ls_abs_structure_Rogers                  ? 
_refine.ls_abs_structure_Rogers_esd              ? 
_refine.ls_d_res_high                            1.1900 
_refine.ls_d_res_low                             52.1750 
_refine.ls_extinction_coef                       ? 
_refine.ls_extinction_coef_esd                   ? 
_refine.ls_extinction_expression                 ? 
_refine.ls_extinction_method                     ? 
_refine.ls_goodness_of_fit_all                   ? 
_refine.ls_goodness_of_fit_all_esd               ? 
_refine.ls_goodness_of_fit_obs                   ? 
_refine.ls_goodness_of_fit_obs_esd               ? 
_refine.ls_hydrogen_treatment                    ? 
_refine.ls_matrix_type                           ? 
_refine.ls_number_constraints                    ? 
_refine.ls_number_parameters                     ? 
_refine.ls_number_reflns_all                     ? 
_refine.ls_number_reflns_obs                     65039 
_refine.ls_number_reflns_R_free                  3136 
_refine.ls_number_reflns_R_work                  61903 
_refine.ls_number_restraints                     ? 
_refine.ls_percent_reflns_obs                    99.3200 
_refine.ls_percent_reflns_R_free                 4.8200 
_refine.ls_R_factor_all                          ? 
_refine.ls_R_factor_obs                          0.2152 
_refine.ls_R_factor_R_free                       0.2226 
_refine.ls_R_factor_R_free_error                 ? 
_refine.ls_R_factor_R_free_error_details         ? 
_refine.ls_R_factor_R_work                       0.2149 
_refine.ls_R_Fsqd_factor_obs                     ? 
_refine.ls_R_I_factor_obs                        ? 
_refine.ls_redundancy_reflns_all                 ? 
_refine.ls_redundancy_reflns_obs                 ? 
_refine.ls_restrained_S_all                      ? 
_refine.ls_restrained_S_obs                      ? 
_refine.ls_shift_over_esd_max                    ? 
_refine.ls_shift_over_esd_mean                   ? 
_refine.ls_structure_factor_coef                 ? 
_refine.ls_weighting_details                     ? 
_refine.ls_weighting_scheme                      ? 
_refine.ls_wR_factor_all                         ? 
_refine.ls_wR_factor_obs                         ? 
_refine.ls_wR_factor_R_free                      ? 
_refine.ls_wR_factor_R_work                      ? 
_refine.occupancy_max                            ? 
_refine.occupancy_min                            ? 
_refine.solvent_model_details                    'FLAT BULK SOLVENT MODEL' 
_refine.solvent_model_param_bsol                 ? 
_refine.solvent_model_param_ksol                 ? 
_refine.pdbx_R_complete                          ? 
_refine.ls_R_factor_gt                           ? 
_refine.ls_goodness_of_fit_gt                    ? 
_refine.ls_goodness_of_fit_ref                   ? 
_refine.ls_shift_over_su_max                     ? 
_refine.ls_shift_over_su_max_lt                  ? 
_refine.ls_shift_over_su_mean                    ? 
_refine.ls_shift_over_su_mean_lt                 ? 
_refine.pdbx_ls_sigma_I                          ? 
_refine.pdbx_ls_sigma_F                          1.330 
_refine.pdbx_ls_sigma_Fsqd                       ? 
_refine.pdbx_data_cutoff_high_absF               ? 
_refine.pdbx_data_cutoff_high_rms_absF           ? 
_refine.pdbx_data_cutoff_low_absF                ? 
_refine.pdbx_isotropic_thermal_model             ? 
_refine.pdbx_ls_cross_valid_method               THROUGHOUT 
_refine.pdbx_method_to_determine_struct          'MOLECULAR REPLACEMENT' 
_refine.pdbx_starting_model                      4W57 
_refine.pdbx_stereochemistry_target_values       ML 
_refine.pdbx_R_Free_selection_details            ? 
_refine.pdbx_stereochem_target_val_spec_case     ? 
_refine.pdbx_overall_ESU_R                       ? 
_refine.pdbx_overall_ESU_R_Free                  ? 
_refine.pdbx_solvent_vdw_probe_radii             1.1100 
_refine.pdbx_solvent_ion_probe_radii             ? 
_refine.pdbx_solvent_shrinkage_radii             0.9000 
_refine.pdbx_real_space_R                        ? 
_refine.pdbx_density_correlation                 ? 
_refine.pdbx_pd_number_of_powder_patterns        ? 
_refine.pdbx_pd_number_of_points                 ? 
_refine.pdbx_pd_meas_number_of_points            ? 
_refine.pdbx_pd_proc_ls_prof_R_factor            ? 
_refine.pdbx_pd_proc_ls_prof_wR_factor           ? 
_refine.pdbx_pd_Marquardt_correlation_coeff      ? 
_refine.pdbx_pd_Fsqrd_R_factor                   ? 
_refine.pdbx_pd_ls_matrix_band_width             ? 
_refine.pdbx_overall_phase_error                 24.3100 
_refine.pdbx_overall_SU_R_free_Cruickshank_DPI   ? 
_refine.pdbx_overall_SU_R_free_Blow_DPI          ? 
_refine.pdbx_overall_SU_R_Blow_DPI               ? 
_refine.pdbx_TLS_residual_ADP_flag               ? 
_refine.pdbx_diffrn_id                           1 
_refine.overall_SU_B                             ? 
_refine.overall_SU_ML                            0.1400 
_refine.overall_SU_R_Cruickshank_DPI             ? 
_refine.overall_SU_R_free                        ? 
_refine.overall_FOM_free_R_set                   ? 
_refine.overall_FOM_work_R_set                   ? 
_refine.pdbx_average_fsc_overall                 ? 
_refine.pdbx_average_fsc_work                    ? 
_refine.pdbx_average_fsc_free                    ? 
# 
_refine_hist.pdbx_refine_id                   'X-RAY DIFFRACTION' 
_refine_hist.cycle_id                         final 
_refine_hist.details                          ? 
_refine_hist.d_res_high                       1.1900 
_refine_hist.d_res_low                        52.1750 
_refine_hist.number_atoms_solvent             103 
_refine_hist.number_atoms_total               1396 
_refine_hist.number_reflns_all                ? 
_refine_hist.number_reflns_obs                ? 
_refine_hist.number_reflns_R_free             ? 
_refine_hist.number_reflns_R_work             ? 
_refine_hist.R_factor_all                     ? 
_refine_hist.R_factor_obs                     ? 
_refine_hist.R_factor_R_free                  ? 
_refine_hist.R_factor_R_work                  ? 
_refine_hist.pdbx_number_residues_total       162 
_refine_hist.pdbx_B_iso_mean_ligand           18.76 
_refine_hist.pdbx_B_iso_mean_solvent          24.54 
_refine_hist.pdbx_number_atoms_protein        1275 
_refine_hist.pdbx_number_atoms_nucleic_acid   0 
_refine_hist.pdbx_number_atoms_ligand         18 
_refine_hist.pdbx_number_atoms_lipid          ? 
_refine_hist.pdbx_number_atoms_carb           ? 
_refine_hist.pdbx_pseudo_atom_details         ? 
# 
loop_
_refine_ls_restr.pdbx_refine_id 
_refine_ls_restr.criterion 
_refine_ls_restr.dev_ideal 
_refine_ls_restr.dev_ideal_target 
_refine_ls_restr.number 
_refine_ls_restr.rejects 
_refine_ls_restr.type 
_refine_ls_restr.weight 
_refine_ls_restr.pdbx_restraint_function 
'X-RAY DIFFRACTION' ? 0.004 ? 1330 ? f_bond_d           ? ? 
'X-RAY DIFFRACTION' ? 0.772 ? 1788 ? f_angle_d          ? ? 
'X-RAY DIFFRACTION' ? 0.062 ? 196  ? f_chiral_restr     ? ? 
'X-RAY DIFFRACTION' ? 0.005 ? 227  ? f_plane_restr      ? ? 
'X-RAY DIFFRACTION' ? 3.964 ? 816  ? f_dihedral_angle_d ? ? 
# 
loop_
_refine_ls_shell.pdbx_refine_id 
_refine_ls_shell.d_res_high 
_refine_ls_shell.d_res_low 
_refine_ls_shell.number_reflns_all 
_refine_ls_shell.number_reflns_obs 
_refine_ls_shell.number_reflns_R_free 
_refine_ls_shell.number_reflns_R_work 
_refine_ls_shell.percent_reflns_obs 
_refine_ls_shell.percent_reflns_R_free 
_refine_ls_shell.R_factor_all 
_refine_ls_shell.R_factor_obs 
_refine_ls_shell.R_factor_R_free 
_refine_ls_shell.R_factor_R_free_error 
_refine_ls_shell.R_factor_R_work 
_refine_ls_shell.redundancy_reflns_all 
_refine_ls_shell.redundancy_reflns_obs 
_refine_ls_shell.wR_factor_all 
_refine_ls_shell.wR_factor_obs 
_refine_ls_shell.wR_factor_R_free 
_refine_ls_shell.wR_factor_R_work 
_refine_ls_shell.pdbx_R_complete 
_refine_ls_shell.pdbx_total_number_of_bins_used 
_refine_ls_shell.pdbx_phase_error 
_refine_ls_shell.pdbx_fsc_work 
_refine_ls_shell.pdbx_fsc_free 
'X-RAY DIFFRACTION' 1.1900 1.2086  . . 113 2417 86.0000  . . . 0.3230 0.0000 0.3727 . . . . . . . . . . . 
'X-RAY DIFFRACTION' 1.2086 1.2284  . . 149 2777 100.0000 . . . 0.3340 0.0000 0.3347 . . . . . . . . . . . 
'X-RAY DIFFRACTION' 1.2284 1.2496  . . 121 2818 100.0000 . . . 0.3084 0.0000 0.3238 . . . . . . . . . . . 
'X-RAY DIFFRACTION' 1.2496 1.2724  . . 153 2757 100.0000 . . . 0.3154 0.0000 0.3054 . . . . . . . . . . . 
'X-RAY DIFFRACTION' 1.2724 1.2968  . . 155 2771 100.0000 . . . 0.3271 0.0000 0.2964 . . . . . . . . . . . 
'X-RAY DIFFRACTION' 1.2968 1.3233  . . 137 2813 100.0000 . . . 0.2810 0.0000 0.2879 . . . . . . . . . . . 
'X-RAY DIFFRACTION' 1.3233 1.3521  . . 146 2832 100.0000 . . . 0.2924 0.0000 0.2717 . . . . . . . . . . . 
'X-RAY DIFFRACTION' 1.3521 1.3835  . . 126 2800 100.0000 . . . 0.2681 0.0000 0.2629 . . . . . . . . . . . 
'X-RAY DIFFRACTION' 1.3835 1.4181  . . 144 2790 100.0000 . . . 0.2785 0.0000 0.2592 . . . . . . . . . . . 
'X-RAY DIFFRACTION' 1.4181 1.4565  . . 169 2793 100.0000 . . . 0.2691 0.0000 0.2437 . . . . . . . . . . . 
'X-RAY DIFFRACTION' 1.4565 1.4993  . . 146 2825 100.0000 . . . 0.2261 0.0000 0.2281 . . . . . . . . . . . 
'X-RAY DIFFRACTION' 1.4993 1.5477  . . 149 2798 100.0000 . . . 0.2172 0.0000 0.2133 . . . . . . . . . . . 
'X-RAY DIFFRACTION' 1.5477 1.6031  . . 135 2820 100.0000 . . . 0.2197 0.0000 0.2011 . . . . . . . . . . . 
'X-RAY DIFFRACTION' 1.6031 1.6672  . . 137 2838 100.0000 . . . 0.1916 0.0000 0.2013 . . . . . . . . . . . 
'X-RAY DIFFRACTION' 1.6672 1.7431  . . 135 2828 100.0000 . . . 0.2307 0.0000 0.1982 . . . . . . . . . . . 
'X-RAY DIFFRACTION' 1.7431 1.8350  . . 150 2822 100.0000 . . . 0.2064 0.0000 0.1968 . . . . . . . . . . . 
'X-RAY DIFFRACTION' 1.8350 1.9500  . . 142 2854 100.0000 . . . 0.2356 0.0000 0.1987 . . . . . . . . . . . 
'X-RAY DIFFRACTION' 1.9500 2.1006  . . 128 2864 100.0000 . . . 0.2281 0.0000 0.1990 . . . . . . . . . . . 
'X-RAY DIFFRACTION' 2.1006 2.3120  . . 131 2878 100.0000 . . . 0.1774 0.0000 0.1936 . . . . . . . . . . . 
'X-RAY DIFFRACTION' 2.3120 2.6465  . . 160 2852 100.0000 . . . 0.2337 0.0000 0.2108 . . . . . . . . . . . 
'X-RAY DIFFRACTION' 2.6465 3.3342  . . 138 2939 100.0000 . . . 0.1983 0.0000 0.2093 . . . . . . . . . . . 
'X-RAY DIFFRACTION' 3.3342 52.1750 . . 172 3017 100.0000 . . . 0.2081 0.0000 0.2003 . . . . . . . . . . . 
# 
_struct.entry_id                     7LX9 
_struct.title                        'T4 lysozyme mutant L99A' 
_struct.pdbx_model_details           ? 
_struct.pdbx_formula_weight          ? 
_struct.pdbx_formula_weight_method   ? 
_struct.pdbx_model_type_details      ? 
_struct.pdbx_CASP_flag               N 
# 
_struct_keywords.entry_id        7LX9 
_struct_keywords.text            'mutant, lysozyme, small molecule, L99A, complex, PROTEIN BINDING, HYDROLASE' 
_struct_keywords.pdbx_keywords   'PROTEIN BINDING,HYDROLASE' 
# 
loop_
_struct_asym.id 
_struct_asym.pdbx_blank_PDB_chainid_flag 
_struct_asym.pdbx_modified 
_struct_asym.entity_id 
_struct_asym.details 
A N N 1 ? 
B N N 2 ? 
C N N 3 ? 
D N N 4 ? 
# 
loop_
_struct_conf.conf_type_id 
_struct_conf.id 
_struct_conf.pdbx_PDB_helix_id 
_struct_conf.beg_label_comp_id 
_struct_conf.beg_label_asym_id 
_struct_conf.beg_label_seq_id 
_struct_conf.pdbx_beg_PDB_ins_code 
_struct_conf.end_label_comp_id 
_struct_conf.end_label_asym_id 
_struct_conf.end_label_seq_id 
_struct_conf.pdbx_end_PDB_ins_code 
_struct_conf.beg_auth_comp_id 
_struct_conf.beg_auth_asym_id 
_struct_conf.beg_auth_seq_id 
_struct_conf.end_auth_comp_id 
_struct_conf.end_auth_asym_id 
_struct_conf.end_auth_seq_id 
_struct_conf.pdbx_PDB_helix_class 
_struct_conf.details 
_struct_conf.pdbx_PDB_helix_length 
HELX_P HELX_P1 AA1 ASN A 2   ? GLY A 12  ? ASN A 2   GLY A 12  1 ? 11 
HELX_P HELX_P2 AA2 SER A 38  ? GLY A 51  ? SER A 38  GLY A 51  1 ? 14 
HELX_P HELX_P3 AA3 THR A 59  ? ASN A 81  ? THR A 59  ASN A 81  1 ? 23 
HELX_P HELX_P4 AA4 LYS A 83  ? LEU A 91  ? LYS A 83  LEU A 91  1 ? 9  
HELX_P HELX_P5 AA5 ASP A 92  ? GLY A 107 ? ASP A 92  GLY A 107 1 ? 16 
HELX_P HELX_P6 AA6 PHE A 114 ? GLN A 123 ? PHE A 114 GLN A 123 1 ? 10 
HELX_P HELX_P7 AA7 ARG A 125 ? LYS A 135 ? ARG A 125 LYS A 135 1 ? 11 
HELX_P HELX_P8 AA8 SER A 136 ? THR A 142 ? SER A 136 THR A 142 1 ? 7  
HELX_P HELX_P9 AA9 THR A 142 ? GLY A 156 ? THR A 142 GLY A 156 1 ? 15 
# 
_struct_conf_type.id          HELX_P 
_struct_conf_type.criteria    ? 
_struct_conf_type.reference   ? 
# 
_struct_sheet.id               AA1 
_struct_sheet.type             ? 
_struct_sheet.number_strands   3 
_struct_sheet.details          ? 
# 
loop_
_struct_sheet_order.sheet_id 
_struct_sheet_order.range_id_1 
_struct_sheet_order.range_id_2 
_struct_sheet_order.offset 
_struct_sheet_order.sense 
AA1 1 2 ? anti-parallel 
AA1 2 3 ? anti-parallel 
# 
loop_
_struct_sheet_range.sheet_id 
_struct_sheet_range.id 
_struct_sheet_range.beg_label_comp_id 
_struct_sheet_range.beg_label_asym_id 
_struct_sheet_range.beg_label_seq_id 
_struct_sheet_range.pdbx_beg_PDB_ins_code 
_struct_sheet_range.end_label_comp_id 
_struct_sheet_range.end_label_asym_id 
_struct_sheet_range.end_label_seq_id 
_struct_sheet_range.pdbx_end_PDB_ins_code 
_struct_sheet_range.beg_auth_comp_id 
_struct_sheet_range.beg_auth_asym_id 
_struct_sheet_range.beg_auth_seq_id 
_struct_sheet_range.end_auth_comp_id 
_struct_sheet_range.end_auth_asym_id 
_struct_sheet_range.end_auth_seq_id 
AA1 1 ARG A 14 ? LYS A 19 ? ARG A 14 LYS A 19 
AA1 2 TYR A 25 ? GLY A 28 ? TYR A 25 GLY A 28 
AA1 3 HIS A 31 ? THR A 34 ? HIS A 31 THR A 34 
# 
loop_
_pdbx_struct_sheet_hbond.sheet_id 
_pdbx_struct_sheet_hbond.range_id_1 
_pdbx_struct_sheet_hbond.range_id_2 
_pdbx_struct_sheet_hbond.range_1_label_atom_id 
_pdbx_struct_sheet_hbond.range_1_label_comp_id 
_pdbx_struct_sheet_hbond.range_1_label_asym_id 
_pdbx_struct_sheet_hbond.range_1_label_seq_id 
_pdbx_struct_sheet_hbond.range_1_PDB_ins_code 
_pdbx_struct_sheet_hbond.range_1_auth_atom_id 
_pdbx_struct_sheet_hbond.range_1_auth_comp_id 
_pdbx_struct_sheet_hbond.range_1_auth_asym_id 
_pdbx_struct_sheet_hbond.range_1_auth_seq_id 
_pdbx_struct_sheet_hbond.range_2_label_atom_id 
_pdbx_struct_sheet_hbond.range_2_label_comp_id 
_pdbx_struct_sheet_hbond.range_2_label_asym_id 
_pdbx_struct_sheet_hbond.range_2_label_seq_id 
_pdbx_struct_sheet_hbond.range_2_PDB_ins_code 
_pdbx_struct_sheet_hbond.range_2_auth_atom_id 
_pdbx_struct_sheet_hbond.range_2_auth_comp_id 
_pdbx_struct_sheet_hbond.range_2_auth_asym_id 
_pdbx_struct_sheet_hbond.range_2_auth_seq_id 
AA1 1 2 N TYR A 18 ? N TYR A 18 O THR A 26 ? O THR A 26 
AA1 2 3 N TYR A 25 ? N TYR A 25 O LEU A 33 ? O LEU A 33 
# 
loop_
_struct_site.id 
_struct_site.pdbx_evidence_code 
_struct_site.pdbx_auth_asym_id 
_struct_site.pdbx_auth_comp_id 
_struct_site.pdbx_auth_seq_id 
_struct_site.pdbx_auth_ins_code 
_struct_site.pdbx_num_residues 
_struct_site.details 
AC1 Software A YGM 201 ? 7 'binding site for residue YGM A 201' 
AC2 Software A TRS 202 ? 4 'binding site for residue TRS A 202' 
# 
loop_
_struct_site_gen.id 
_struct_site_gen.site_id 
_struct_site_gen.pdbx_num_res 
_struct_site_gen.label_comp_id 
_struct_site_gen.label_asym_id 
_struct_site_gen.label_seq_id 
_struct_site_gen.pdbx_auth_ins_code 
_struct_site_gen.auth_comp_id 
_struct_site_gen.auth_asym_id 
_struct_site_gen.auth_seq_id 
_struct_site_gen.label_atom_id 
_struct_site_gen.label_alt_id 
_struct_site_gen.symmetry 
_struct_site_gen.details 
1  AC1 7 VAL A 87  ? VAL A 87  . ? 1_555 ? 
2  AC1 7 TYR A 88  ? TYR A 88  . ? 1_555 ? 
3  AC1 7 ALA A 99  ? ALA A 99  . ? 1_555 ? 
4  AC1 7 MET A 102 ? MET A 102 . ? 1_555 ? 
5  AC1 7 LEU A 118 ? LEU A 118 . ? 1_555 ? 
6  AC1 7 LEU A 121 ? LEU A 121 . ? 1_555 ? 
7  AC1 7 LEU A 133 ? LEU A 133 . ? 1_555 ? 
8  AC2 4 GLU A 11  ? GLU A 11  . ? 1_555 ? 
9  AC2 4 GLY A 30  ? GLY A 30  . ? 1_555 ? 
10 AC2 4 GLN A 105 ? GLN A 105 . ? 1_555 ? 
11 AC2 4 HOH D .   ? HOH A 307 . ? 1_555 ? 
# 
_atom_sites.entry_id                    7LX9 
_atom_sites.Cartn_transf_matrix[1][1]   ? 
_atom_sites.Cartn_transf_matrix[1][2]   ? 
_atom_sites.Cartn_transf_matrix[1][3]   ? 
_atom_sites.Cartn_transf_matrix[2][1]   ? 
_atom_sites.Cartn_transf_matrix[2][2]   ? 
_atom_sites.Cartn_transf_matrix[2][3]   ? 
_atom_sites.Cartn_transf_matrix[3][1]   ? 
_atom_sites.Cartn_transf_matrix[3][2]   ? 
_atom_sites.Cartn_transf_matrix[3][3]   ? 
_atom_sites.Cartn_transf_vector[1]      ? 
_atom_sites.Cartn_transf_vector[2]      ? 
_atom_sites.Cartn_transf_vector[3]      ? 
_atom_sites.fract_transf_matrix[1][1]   0.01693401 
_atom_sites.fract_transf_matrix[1][2]   -0.00214384 
_atom_sites.fract_transf_matrix[1][3]   -0.00871803 
_atom_sites.fract_transf_matrix[2][1]   0.00241197 
_atom_sites.fract_transf_matrix[2][2]   0.00631305 
_atom_sites.fract_transf_matrix[2][3]   -0.01793498 
_atom_sites.fract_transf_matrix[3][1]   0.00305084 
_atom_sites.fract_transf_matrix[3][2]   0.00922503 
_atom_sites.fract_transf_matrix[3][3]   0.00365747 
_atom_sites.fract_transf_vector[1]      -0.314549 
_atom_sites.fract_transf_vector[2]      0.223242 
_atom_sites.fract_transf_vector[3]      0.102183 
_atom_sites.solution_primary            ? 
_atom_sites.solution_secondary          ? 
_atom_sites.solution_hydrogens          ? 
_atom_sites.special_details             ? 
# 
loop_
_atom_type.symbol 
C 
N 
O 
S 
# 
loop_
_atom_site.group_PDB 
_atom_site.id 
_atom_site.type_symbol 
_atom_site.label_atom_id 
_atom_site.label_alt_id 
_atom_site.label_comp_id 
_atom_site.label_asym_id 
_atom_site.label_entity_id 
_atom_site.label_seq_id 
_atom_site.pdbx_PDB_ins_code 
_atom_site.Cartn_x 
_atom_site.Cartn_y 
_atom_site.Cartn_z 
_atom_site.occupancy 
_atom_site.B_iso_or_equiv 
_atom_site.pdbx_formal_charge 
_atom_site.auth_seq_id 
_atom_site.auth_comp_id 
_atom_site.auth_asym_id 
_atom_site.auth_atom_id 
_atom_site.pdbx_PDB_model_num 
ATOM   1    N N   . MET A 1 1   ? 6.082   -8.295  13.809  1.00 23.46 ? 1   MET A N   1 
ATOM   2    C CA  . MET A 1 1   ? 5.639   -7.696  12.554  1.00 18.69 ? 1   MET A CA  1 
ATOM   3    C C   . MET A 1 1   ? 4.373   -6.834  12.716  1.00 15.87 ? 1   MET A C   1 
ATOM   4    O O   . MET A 1 1   ? 3.484   -7.108  13.535  1.00 15.99 ? 1   MET A O   1 
ATOM   5    C CB  . MET A 1 1   ? 5.501   -8.752  11.452  1.00 26.84 ? 1   MET A CB  1 
ATOM   6    C CG  . MET A 1 1   ? 5.491   -8.160  10.043  1.00 18.18 ? 1   MET A CG  1 
ATOM   7    S SD  . MET A 1 1   ? 7.087   -8.013  9.241   1.00 35.24 ? 1   MET A SD  1 
ATOM   8    C CE  . MET A 1 1   ? 7.781   -9.626  9.592   1.00 31.76 ? 1   MET A CE  1 
ATOM   9    N N   . ASN A 1 2   ? 4.340   -5.752  11.945  1.00 14.41 ? 2   ASN A N   1 
ATOM   10   C CA  . ASN A 1 2   ? 3.271   -4.768  11.987  1.00 12.89 ? 2   ASN A CA  1 
ATOM   11   C C   . ASN A 1 2   ? 3.214   -4.128  10.608  1.00 12.45 ? 2   ASN A C   1 
ATOM   12   O O   . ASN A 1 2   ? 4.031   -4.436  9.733   1.00 12.20 ? 2   ASN A O   1 
ATOM   13   C CB  . ASN A 1 2   ? 3.525   -3.717  13.081  1.00 13.73 ? 2   ASN A CB  1 
ATOM   14   C CG  . ASN A 1 2   ? 4.872   -3.027  12.931  1.00 13.73 ? 2   ASN A CG  1 
ATOM   15   O OD1 . ASN A 1 2   ? 5.139   -2.377  11.918  1.00 13.86 ? 2   ASN A OD1 1 
ATOM   16   N ND2 . ASN A 1 2   ? 5.732   -3.172  13.934  1.00 14.54 ? 2   ASN A ND2 1 
ATOM   17   N N   . ILE A 1 3   ? 2.252   -3.218  10.418  1.00 12.09 ? 3   ILE A N   1 
ATOM   18   C CA  . ILE A 1 3   ? 2.035   -2.659  9.087   1.00 12.22 ? 3   ILE A CA  1 
ATOM   19   C C   . ILE A 1 3   ? 3.259   -1.899  8.596   1.00 12.01 ? 3   ILE A C   1 
ATOM   20   O O   . ILE A 1 3   ? 3.548   -1.882  7.393   1.00 11.81 ? 3   ILE A O   1 
ATOM   21   C CB  . ILE A 1 3   ? 0.758   -1.794  9.064   1.00 11.80 ? 3   ILE A CB  1 
ATOM   22   C CG1 . ILE A 1 3   ? 0.473   -1.265  7.655   1.00 12.51 ? 3   ILE A CG1 1 
ATOM   23   C CG2 . ILE A 1 3   ? 0.868   -0.643  10.036  1.00 13.47 ? 3   ILE A CG2 1 
ATOM   24   C CD1 . ILE A 1 3   ? 0.359   -2.358  6.578   1.00 11.41 ? 3   ILE A CD1 1 
ATOM   25   N N   . PHE A 1 4   ? 3.993   -1.243  9.503   1.00 11.20 ? 4   PHE A N   1 
ATOM   26   C CA  . PHE A 1 4   ? 5.177   -0.494  9.078   1.00 12.14 ? 4   PHE A CA  1 
ATOM   27   C C   . PHE A 1 4   ? 6.282   -1.419  8.586   1.00 12.12 ? 4   PHE A C   1 
ATOM   28   O O   . PHE A 1 4   ? 6.875   -1.183  7.525   1.00 12.79 ? 4   PHE A O   1 
ATOM   29   C CB  . PHE A 1 4   ? 5.656   0.429   10.202  1.00 13.61 ? 4   PHE A CB  1 
ATOM   30   C CG  . PHE A 1 4   ? 4.666   1.497   10.537  1.00 12.91 ? 4   PHE A CG  1 
ATOM   31   C CD1 . PHE A 1 4   ? 4.630   2.672   9.804   1.00 16.31 ? 4   PHE A CD1 1 
ATOM   32   C CD2 . PHE A 1 4   ? 3.748   1.320   11.555  1.00 14.71 ? 4   PHE A CD2 1 
ATOM   33   C CE1 . PHE A 1 4   ? 3.699   3.661   10.096  1.00 17.01 ? 4   PHE A CE1 1 
ATOM   34   C CE2 . PHE A 1 4   ? 2.819   2.306   11.842  1.00 17.47 ? 4   PHE A CE2 1 
ATOM   35   C CZ  . PHE A 1 4   ? 2.797   3.470   11.109  1.00 17.53 ? 4   PHE A CZ  1 
ATOM   36   N N   . GLU A 1 5   ? 6.570   -2.492  9.337   1.00 12.47 ? 5   GLU A N   1 
ATOM   37   C CA  . GLU A 1 5   ? 7.586   -3.440  8.882   1.00 13.84 ? 5   GLU A CA  1 
ATOM   38   C C   . GLU A 1 5   ? 7.166   -4.105  7.579   1.00 13.36 ? 5   GLU A C   1 
ATOM   39   O O   . GLU A 1 5   ? 7.987   -4.283  6.672   1.00 13.53 ? 5   GLU A O   1 
ATOM   40   C CB  . GLU A 1 5   ? 7.848   -4.502  9.953   1.00 14.95 ? 5   GLU A CB  1 
ATOM   41   C CG  . GLU A 1 5   ? 8.440   -3.957  11.239  1.00 16.21 ? 5   GLU A CG  1 
ATOM   42   C CD  . GLU A 1 5   ? 8.966   -5.038  12.162  1.00 19.46 ? 5   GLU A CD  1 
ATOM   43   O OE1 . GLU A 1 5   ? 8.956   -6.235  11.787  1.00 22.52 ? 5   GLU A OE1 1 
ATOM   44   O OE2 . GLU A 1 5   ? 9.390   -4.684  13.280  1.00 22.51 ? 5   GLU A OE2 1 
ATOM   45   N N   . MET A 1 6   ? 5.881   -4.436  7.460   1.00 12.17 ? 6   MET A N   1 
ATOM   46   C CA  . MET A 1 6   ? 5.377   -5.124  6.277   1.00 12.20 ? 6   MET A CA  1 
ATOM   47   C C   . MET A 1 6   ? 5.536   -4.256  5.033   1.00 11.97 ? 6   MET A C   1 
ATOM   48   O O   . MET A 1 6   ? 6.107   -4.685  4.023   1.00 11.88 ? 6   MET A O   1 
ATOM   49   C CB  . MET A 1 6   ? 3.909   -5.458  6.506   1.00 12.16 ? 6   MET A CB  1 
ATOM   50   C CG  . MET A 1 6   ? 3.262   -6.236  5.388   1.00 11.26 ? 6   MET A CG  1 
ATOM   51   S SD  . MET A 1 6   ? 1.473   -6.115  5.527   1.00 12.00 ? 6   MET A SD  1 
ATOM   52   C CE  . MET A 1 6   ? 0.910   -7.616  4.733   1.00 11.79 ? 6   MET A CE  1 
ATOM   53   N N   . LEU A 1 7   ? 5.049   -3.015  5.093   1.00 11.33 ? 7   LEU A N   1 
ATOM   54   C CA  . LEU A 1 7   ? 5.161   -2.143  3.931   1.00 12.78 ? 7   LEU A CA  1 
ATOM   55   C C   . LEU A 1 7   ? 6.600   -1.713  3.671   1.00 12.11 ? 7   LEU A C   1 
ATOM   56   O O   . LEU A 1 7   ? 6.977   -1.499  2.514   1.00 13.23 ? 7   LEU A O   1 
ATOM   57   C CB  . LEU A 1 7   ? 4.254   -0.925  4.098   1.00 12.05 ? 7   LEU A CB  1 
ATOM   58   C CG  . LEU A 1 7   ? 2.795   -1.153  3.724   1.00 11.52 ? 7   LEU A CG  1 
ATOM   59   C CD1 . LEU A 1 7   ? 1.930   -0.012  4.232   1.00 12.58 ? 7   LEU A CD1 1 
ATOM   60   C CD2 . LEU A 1 7   ? 2.658   -1.293  2.220   1.00 12.36 ? 7   LEU A CD2 1 
ATOM   61   N N   . ARG A 1 8   ? 7.423   -1.590  4.715   1.00 12.84 ? 8   ARG A N   1 
ATOM   62   C CA  . ARG A 1 8   ? 8.832   -1.291  4.475   1.00 14.90 ? 8   ARG A CA  1 
ATOM   63   C C   . ARG A 1 8   ? 9.494   -2.404  3.666   1.00 15.38 ? 8   ARG A C   1 
ATOM   64   O O   . ARG A 1 8   ? 10.304  -2.139  2.769   1.00 15.41 ? 8   ARG A O   1 
ATOM   65   C CB  . ARG A 1 8   ? 9.554   -1.054  5.803   1.00 16.31 ? 8   ARG A CB  1 
ATOM   66   C CG  . ARG A 1 8   ? 11.056  -0.926  5.696   1.00 18.47 ? 8   ARG A CG  1 
ATOM   67   C CD  . ARG A 1 8   ? 11.479  0.285   4.888   1.00 18.67 ? 8   ARG A CD  1 
ATOM   68   N NE  . ARG A 1 8   ? 12.936  0.398   4.896   1.00 20.97 ? 8   ARG A NE  1 
ATOM   69   C CZ  . ARG A 1 8   ? 13.739  -0.307  4.108   1.00 23.91 ? 8   ARG A CZ  1 
ATOM   70   N NH1 . ARG A 1 8   ? 13.228  -1.165  3.239   1.00 23.51 ? 8   ARG A NH1 1 
ATOM   71   N NH2 . ARG A 1 8   ? 15.055  -0.155  4.188   1.00 28.84 ? 8   ARG A NH2 1 
ATOM   72   N N   . ILE A 1 9   ? 9.131   -3.658  3.945   1.00 14.45 ? 9   ILE A N   1 
ATOM   73   C CA  . ILE A 1 9   ? 9.633   -4.774  3.144   1.00 15.29 ? 9   ILE A CA  1 
ATOM   74   C C   . ILE A 1 9   ? 9.135   -4.666  1.707   1.00 13.91 ? 9   ILE A C   1 
ATOM   75   O O   . ILE A 1 9   ? 9.901   -4.828  0.751   1.00 15.82 ? 9   ILE A O   1 
ATOM   76   C CB  . ILE A 1 9   ? 9.253   -6.122  3.789   1.00 14.49 ? 9   ILE A CB  1 
ATOM   77   C CG1 . ILE A 1 9   ? 10.080  -6.364  5.055   1.00 17.03 ? 9   ILE A CG1 1 
ATOM   78   C CG2 . ILE A 1 9   ? 9.419   -7.286  2.808   1.00 15.71 ? 9   ILE A CG2 1 
ATOM   79   C CD1 . ILE A 1 9   ? 9.510   -7.466  5.948   1.00 16.95 ? 9   ILE A CD1 1 
ATOM   80   N N   . ASP A 1 10  ? 7.840   -4.387  1.531   1.00 12.86 ? 10  ASP A N   1 
ATOM   81   C CA  . ASP A 1 10  ? 7.259   -4.392  0.192   1.00 13.54 ? 10  ASP A CA  1 
ATOM   82   C C   . ASP A 1 10  ? 7.705   -3.197  -0.633  1.00 13.30 ? 10  ASP A C   1 
ATOM   83   O O   . ASP A 1 10  ? 7.815   -3.304  -1.857  1.00 14.42 ? 10  ASP A O   1 
ATOM   84   C CB  . ASP A 1 10  ? 5.736   -4.419  0.276   1.00 12.72 ? 10  ASP A CB  1 
ATOM   85   C CG  . ASP A 1 10  ? 5.204   -5.782  0.650   1.00 13.43 ? 10  ASP A CG  1 
ATOM   86   O OD1 . ASP A 1 10  ? 5.881   -6.794  0.355   1.00 12.40 ? 10  ASP A OD1 1 
ATOM   87   O OD2 . ASP A 1 10  ? 4.106   -5.845  1.244   1.00 12.27 ? 10  ASP A OD2 1 
ATOM   88   N N   . GLU A 1 11  ? 7.949   -2.050  0.002   1.00 12.24 ? 11  GLU A N   1 
ATOM   89   C CA  . GLU A 1 11  ? 8.235   -0.828  -0.745  1.00 12.25 ? 11  GLU A CA  1 
ATOM   90   C C   . GLU A 1 11  ? 9.713   -0.487  -0.826  1.00 13.27 ? 11  GLU A C   1 
ATOM   91   O O   . GLU A 1 11  ? 10.102  0.274   -1.723  1.00 15.25 ? 11  GLU A O   1 
ATOM   92   C CB  . GLU A 1 11  ? 7.497   0.372   -0.136  1.00 13.39 ? 11  GLU A CB  1 
ATOM   93   C CG  . GLU A 1 11  ? 5.981   0.232   -0.110  1.00 14.15 ? 11  GLU A CG  1 
ATOM   94   C CD  . GLU A 1 11  ? 5.339   0.285   -1.481  1.00 13.67 ? 11  GLU A CD  1 
ATOM   95   O OE1 . GLU A 1 11  ? 5.971   0.774   -2.446  1.00 14.69 ? 11  GLU A OE1 1 
ATOM   96   O OE2 . GLU A 1 11  ? 4.183   -0.177  -1.600  1.00 14.58 ? 11  GLU A OE2 1 
ATOM   97   N N   . GLY A 1 12  ? 10.533  -0.978  0.089   1.00 13.52 ? 12  GLY A N   1 
ATOM   98   C CA  . GLY A 1 12  ? 11.920  -0.546  0.140   1.00 13.95 ? 12  GLY A CA  1 
ATOM   99   C C   . GLY A 1 12  ? 12.072  0.886   0.648   1.00 15.28 ? 12  GLY A C   1 
ATOM   100  O O   . GLY A 1 12  ? 11.140  1.515   1.160   1.00 14.68 ? 12  GLY A O   1 
ATOM   101  N N   . LEU A 1 13  ? 13.292  1.395   0.502   1.00 15.16 ? 13  LEU A N   1 
ATOM   102  C CA  . LEU A 1 13  ? 13.596  2.772   0.879   1.00 16.29 ? 13  LEU A CA  1 
ATOM   103  C C   . LEU A 1 13  ? 14.571  3.349   -0.130  1.00 17.24 ? 13  LEU A C   1 
ATOM   104  O O   . LEU A 1 13  ? 15.667  2.810   -0.309  1.00 17.63 ? 13  LEU A O   1 
ATOM   105  C CB  . LEU A 1 13  ? 14.199  2.833   2.286   1.00 16.98 ? 13  LEU A CB  1 
ATOM   106  C CG  . LEU A 1 13  ? 14.785  4.182   2.713   1.00 19.70 ? 13  LEU A CG  1 
ATOM   107  C CD1 . LEU A 1 13  ? 13.690  5.211   2.896   1.00 19.09 ? 13  LEU A CD1 1 
ATOM   108  C CD2 . LEU A 1 13  ? 15.591  4.021   3.986   1.00 22.50 ? 13  LEU A CD2 1 
ATOM   109  N N   . ARG A 1 14  ? 14.176  4.436   -0.790  1.00 15.68 ? 14  ARG A N   1 
ATOM   110  C CA  . ARG A 1 14  ? 15.049  5.160   -1.702  1.00 18.37 ? 14  ARG A CA  1 
ATOM   111  C C   . ARG A 1 14  ? 14.931  6.646   -1.405  1.00 15.92 ? 14  ARG A C   1 
ATOM   112  O O   . ARG A 1 14  ? 13.822  7.174   -1.287  1.00 15.85 ? 14  ARG A O   1 
ATOM   113  C CB  . ARG A 1 14  ? 14.694  4.859   -3.159  1.00 17.32 ? 14  ARG A CB  1 
ATOM   114  C CG  . ARG A 1 14  ? 14.856  3.380   -3.506  1.00 20.33 ? 14  ARG A CG  1 
ATOM   115  C CD  . ARG A 1 14  ? 14.439  3.038   -4.929  1.00 23.56 ? 14  ARG A CD  1 
ATOM   116  N NE  . ARG A 1 14  ? 15.417  3.511   -5.902  1.00 30.60 ? 14  ARG A NE  1 
ATOM   117  C CZ  . ARG A 1 14  ? 15.369  3.242   -7.203  1.00 30.19 ? 14  ARG A CZ  1 
ATOM   118  N NH1 . ARG A 1 14  ? 14.393  2.488   -7.691  1.00 25.75 ? 14  ARG A NH1 1 
ATOM   119  N NH2 . ARG A 1 14  ? 16.304  3.724   -8.014  1.00 31.67 ? 14  ARG A NH2 1 
ATOM   120  N N   . LEU A 1 15  ? 16.073  7.318   -1.276  1.00 15.06 ? 15  LEU A N   1 
ATOM   121  C CA  . LEU A 1 15  ? 16.093  8.708   -0.845  1.00 15.94 ? 15  LEU A CA  1 
ATOM   122  C C   . LEU A 1 15  ? 16.067  9.704   -1.997  1.00 16.30 ? 15  LEU A C   1 
ATOM   123  O O   . LEU A 1 15  ? 15.934  10.906  -1.751  1.00 16.49 ? 15  LEU A O   1 
ATOM   124  C CB  . LEU A 1 15  ? 17.312  8.952   0.046   1.00 17.93 ? 15  LEU A CB  1 
ATOM   125  C CG  . LEU A 1 15  ? 17.349  8.136   1.336   1.00 18.04 ? 15  LEU A CG  1 
ATOM   126  C CD1 . LEU A 1 15  ? 18.530  8.578   2.180   1.00 20.75 ? 15  LEU A CD1 1 
ATOM   127  C CD2 . LEU A 1 15  ? 16.049  8.267   2.121   1.00 19.40 ? 15  LEU A CD2 1 
ATOM   128  N N   . LYS A 1 16  ? 16.188  9.242   -3.234  1.00 15.51 ? 16  LYS A N   1 
ATOM   129  C CA  . LYS A 1 16  ? 16.119  10.064  -4.436  1.00 16.65 ? 16  LYS A CA  1 
ATOM   130  C C   . LYS A 1 16  ? 14.879  9.648   -5.222  1.00 14.46 ? 16  LYS A C   1 
ATOM   131  O O   . LYS A 1 16  ? 14.489  8.471   -5.209  1.00 15.40 ? 16  LYS A O   1 
ATOM   132  C CB  . LYS A 1 16  ? 17.390  9.829   -5.297  1.00 19.11 ? 16  LYS A CB  1 
ATOM   133  C CG  . LYS A 1 16  ? 17.468  10.487  -6.691  1.00 27.37 ? 16  LYS A CG  1 
ATOM   134  C CD  . LYS A 1 16  ? 16.898  11.880  -6.741  1.00 29.31 ? 16  LYS A CD  1 
ATOM   135  C CE  . LYS A 1 16  ? 17.413  12.730  -7.893  1.00 31.45 ? 16  LYS A CE  1 
ATOM   136  N NZ  . LYS A 1 16  ? 16.248  13.417  -8.548  1.00 39.96 ? 16  LYS A NZ  1 
ATOM   137  N N   . ILE A 1 17  ? 14.267  10.608  -5.926  1.00 14.15 ? 17  ILE A N   1 
ATOM   138  C CA  . ILE A 1 17  ? 13.113  10.317  -6.767  1.00 13.08 ? 17  ILE A CA  1 
ATOM   139  C C   . ILE A 1 17  ? 13.406  9.128   -7.665  1.00 15.21 ? 17  ILE A C   1 
ATOM   140  O O   . ILE A 1 17  ? 14.459  9.050   -8.307  1.00 17.36 ? 17  ILE A O   1 
ATOM   141  C CB  . ILE A 1 17  ? 12.710  11.556  -7.586  1.00 15.45 ? 17  ILE A CB  1 
ATOM   142  C CG1 . ILE A 1 17  ? 12.209  12.666  -6.655  1.00 15.80 ? 17  ILE A CG1 1 
ATOM   143  C CG2 . ILE A 1 17  ? 11.651  11.193  -8.633  1.00 15.33 ? 17  ILE A CG2 1 
ATOM   144  C CD1 . ILE A 1 17  ? 11.850  13.941  -7.385  1.00 15.86 ? 17  ILE A CD1 1 
ATOM   145  N N   . TYR A 1 18  ? 12.476  8.176   -7.689  1.00 14.32 ? 18  TYR A N   1 
ATOM   146  C CA  . TYR A 1 18  ? 12.551  6.996   -8.536  1.00 14.85 ? 18  TYR A CA  1 
ATOM   147  C C   . TYR A 1 18  ? 11.200  6.795   -9.201  1.00 15.83 ? 18  TYR A C   1 
ATOM   148  O O   . TYR A 1 18  ? 10.231  7.506   -8.925  1.00 15.45 ? 18  TYR A O   1 
ATOM   149  C CB  . TYR A 1 18  ? 12.976  5.744   -7.750  1.00 16.14 ? 18  TYR A CB  1 
ATOM   150  C CG  . TYR A 1 18  ? 12.033  5.280   -6.649  1.00 16.33 ? 18  TYR A CG  1 
ATOM   151  C CD1 . TYR A 1 18  ? 12.073  5.855   -5.387  1.00 16.49 ? 18  TYR A CD1 1 
ATOM   152  C CD2 . TYR A 1 18  ? 11.145  4.220   -6.854  1.00 16.61 ? 18  TYR A CD2 1 
ATOM   153  C CE1 . TYR A 1 18  ? 11.240  5.429   -4.371  1.00 14.77 ? 18  TYR A CE1 1 
ATOM   154  C CE2 . TYR A 1 18  ? 10.300  3.797   -5.830  1.00 16.50 ? 18  TYR A CE2 1 
ATOM   155  C CZ  . TYR A 1 18  ? 10.363  4.395   -4.589  1.00 16.86 ? 18  TYR A CZ  1 
ATOM   156  O OH  . TYR A 1 18  ? 9.541   3.981   -3.555  1.00 16.48 ? 18  TYR A OH  1 
ATOM   157  N N   . LYS A 1 19  ? 11.129  5.819   -10.097 1.00 16.04 ? 19  LYS A N   1 
ATOM   158  C CA  . LYS A 1 19  ? 9.868   5.462   -10.727 1.00 16.95 ? 19  LYS A CA  1 
ATOM   159  C C   . LYS A 1 19  ? 9.354   4.156   -10.145 1.00 17.55 ? 19  LYS A C   1 
ATOM   160  O O   . LYS A 1 19  ? 10.118  3.202   -9.960  1.00 17.74 ? 19  LYS A O   1 
ATOM   161  C CB  . LYS A 1 19  ? 10.012  5.328   -12.239 1.00 17.69 ? 19  LYS A CB  1 
ATOM   162  C CG  . LYS A 1 19  ? 10.118  6.657   -12.956 1.00 17.94 ? 19  LYS A CG  1 
ATOM   163  C CD  . LYS A 1 19  ? 10.270  6.404   -14.437 1.00 20.93 ? 19  LYS A CD  1 
ATOM   164  C CE  . LYS A 1 19  ? 10.316  7.693   -15.222 1.00 22.78 ? 19  LYS A CE  1 
ATOM   165  N NZ  . LYS A 1 19  ? 10.443  7.377   -16.672 1.00 22.28 ? 19  LYS A NZ  1 
ATOM   166  N N   . ASP A 1 20  ? 8.060   4.124   -9.838  1.00 14.81 ? 20  ASP A N   1 
ATOM   167  C CA  . ASP A 1 20  ? 7.455   2.908   -9.314  1.00 14.25 ? 20  ASP A CA  1 
ATOM   168  C C   . ASP A 1 20  ? 7.228   1.912   -10.450 1.00 14.95 ? 20  ASP A C   1 
ATOM   169  O O   . ASP A 1 20  ? 7.630   2.138   -11.596 1.00 15.26 ? 20  ASP A O   1 
ATOM   170  C CB  . ASP A 1 20  ? 6.220   3.232   -8.473  1.00 16.00 ? 20  ASP A CB  1 
ATOM   171  C CG  . ASP A 1 20  ? 4.991   3.612   -9.307  1.00 15.27 ? 20  ASP A CG  1 
ATOM   172  O OD1 . ASP A 1 20  ? 5.047   3.649   -10.556 1.00 14.18 ? 20  ASP A OD1 1 
ATOM   173  O OD2 . ASP A 1 20  ? 3.947   3.908   -8.690  1.00 17.73 ? 20  ASP A OD2 1 
ATOM   174  N N   . THR A 1 21  ? 6.549   0.805   -10.150 1.00 15.07 ? 21  THR A N   1 
ATOM   175  C CA  . THR A 1 21  ? 6.385   -0.234  -11.163 1.00 14.80 ? 21  THR A CA  1 
ATOM   176  C C   . THR A 1 21  ? 5.499   0.217   -12.320 1.00 16.27 ? 21  THR A C   1 
ATOM   177  O O   . THR A 1 21  ? 5.556   -0.387  -13.398 1.00 17.00 ? 21  THR A O   1 
ATOM   178  C CB  . THR A 1 21  ? 5.840   -1.526  -10.538 1.00 16.24 ? 21  THR A CB  1 
ATOM   179  O OG1 . THR A 1 21  ? 4.482   -1.329  -10.138 1.00 21.48 ? 21  THR A OG1 1 
ATOM   180  C CG2 . THR A 1 21  ? 6.653   -1.935  -9.316  1.00 22.42 ? 21  THR A CG2 1 
ATOM   181  N N   . GLU A 1 22  ? 4.677   1.249   -12.128 1.00 14.85 ? 22  GLU A N   1 
ATOM   182  C CA  . GLU A 1 22  ? 3.852   1.800   -13.193 1.00 15.61 ? 22  GLU A CA  1 
ATOM   183  C C   . GLU A 1 22  ? 4.527   2.954   -13.918 1.00 14.93 ? 22  GLU A C   1 
ATOM   184  O O   . GLU A 1 22  ? 3.924   3.528   -14.832 1.00 17.78 ? 22  GLU A O   1 
ATOM   185  C CB  . GLU A 1 22  ? 2.496   2.265   -12.643 1.00 16.99 ? 22  GLU A CB  1 
ATOM   186  C CG  . GLU A 1 22  ? 1.699   1.170   -11.929 1.00 18.22 ? 22  GLU A CG  1 
ATOM   187  C CD  . GLU A 1 22  ? 1.144   0.113   -12.865 1.00 20.67 ? 22  GLU A CD  1 
ATOM   188  O OE1 . GLU A 1 22  ? 1.061   0.360   -14.086 1.00 21.33 ? 22  GLU A OE1 1 
ATOM   189  O OE2 . GLU A 1 22  ? 0.802   -0.982  -12.374 1.00 26.34 ? 22  GLU A OE2 1 
ATOM   190  N N   . GLY A 1 23  ? 5.761   3.284   -13.551 1.00 14.74 ? 23  GLY A N   1 
ATOM   191  C CA  . GLY A 1 23  ? 6.478   4.376   -14.164 1.00 17.12 ? 23  GLY A CA  1 
ATOM   192  C C   . GLY A 1 23  ? 6.248   5.734   -13.543 1.00 16.38 ? 23  GLY A C   1 
ATOM   193  O O   . GLY A 1 23  ? 6.626   6.742   -14.155 1.00 17.70 ? 23  GLY A O   1 
ATOM   194  N N   . TYR A 1 24  ? 5.660   5.798   -12.347 1.00 14.42 ? 24  TYR A N   1 
ATOM   195  C CA  . TYR A 1 24  ? 5.284   7.062   -11.726 1.00 15.70 ? 24  TYR A CA  1 
ATOM   196  C C   . TYR A 1 24  ? 6.353   7.513   -10.742 1.00 13.26 ? 24  TYR A C   1 
ATOM   197  O O   . TYR A 1 24  ? 6.880   6.710   -9.970  1.00 13.40 ? 24  TYR A O   1 
ATOM   198  C CB  . TYR A 1 24  ? 3.966   6.920   -10.969 1.00 16.04 ? 24  TYR A CB  1 
ATOM   199  C CG  . TYR A 1 24  ? 2.762   6.614   -11.839 1.00 18.09 ? 24  TYR A CG  1 
ATOM   200  C CD1 . TYR A 1 24  ? 2.612   7.205   -13.086 1.00 20.63 ? 24  TYR A CD1 1 
ATOM   201  C CD2 . TYR A 1 24  ? 1.772   5.740   -11.402 1.00 20.27 ? 24  TYR A CD2 1 
ATOM   202  C CE1 . TYR A 1 24  ? 1.510   6.930   -13.880 1.00 23.45 ? 24  TYR A CE1 1 
ATOM   203  C CE2 . TYR A 1 24  ? 0.666   5.459   -12.189 1.00 20.60 ? 24  TYR A CE2 1 
ATOM   204  C CZ  . TYR A 1 24  ? 0.544   6.058   -13.424 1.00 21.61 ? 24  TYR A CZ  1 
ATOM   205  O OH  . TYR A 1 24  ? -0.550  5.791   -14.219 1.00 26.46 ? 24  TYR A OH  1 
ATOM   206  N N   . TYR A 1 25  ? 6.639   8.820   -10.742 1.00 14.39 ? 25  TYR A N   1 
ATOM   207  C CA  . TYR A 1 25  ? 7.634   9.376   -9.833  1.00 13.58 ? 25  TYR A CA  1 
ATOM   208  C C   . TYR A 1 25  ? 7.218   9.192   -8.380  1.00 12.29 ? 25  TYR A C   1 
ATOM   209  O O   . TYR A 1 25  ? 6.098   9.531   -7.993  1.00 13.31 ? 25  TYR A O   1 
ATOM   210  C CB  . TYR A 1 25  ? 7.856   10.851  -10.138 1.00 14.10 ? 25  TYR A CB  1 
ATOM   211  C CG  . TYR A 1 25  ? 8.553   11.079  -11.455 1.00 15.22 ? 25  TYR A CG  1 
ATOM   212  C CD1 . TYR A 1 25  ? 9.822   10.564  -11.693 1.00 15.91 ? 25  TYR A CD1 1 
ATOM   213  C CD2 . TYR A 1 25  ? 7.937   11.794  -12.466 1.00 16.82 ? 25  TYR A CD2 1 
ATOM   214  C CE1 . TYR A 1 25  ? 10.465  10.777  -12.905 1.00 17.25 ? 25  TYR A CE1 1 
ATOM   215  C CE2 . TYR A 1 25  ? 8.573   12.008  -13.678 1.00 18.58 ? 25  TYR A CE2 1 
ATOM   216  C CZ  . TYR A 1 25  ? 9.828   11.493  -13.886 1.00 18.26 ? 25  TYR A CZ  1 
ATOM   217  O OH  . TYR A 1 25  ? 10.459  11.698  -15.093 1.00 24.31 ? 25  TYR A OH  1 
ATOM   218  N N   . THR A 1 26  ? 8.152   8.674   -7.589  1.00 11.60 ? 26  THR A N   1 
ATOM   219  C CA  . THR A 1 26  ? 7.946   8.181   -6.239  1.00 11.65 ? 26  THR A CA  1 
ATOM   220  C C   . THR A 1 26  ? 9.208   8.505   -5.453  1.00 11.68 ? 26  THR A C   1 
ATOM   221  O O   . THR A 1 26  ? 10.265  8.746   -6.036  1.00 12.60 ? 26  THR A O   1 
ATOM   222  C CB  . THR A 1 26  ? 7.706   6.663   -6.313  1.00 11.86 ? 26  THR A CB  1 
ATOM   223  O OG1 . THR A 1 26  ? 6.600   6.414   -7.182  1.00 13.33 ? 26  THR A OG1 1 
ATOM   224  C CG2 . THR A 1 26  ? 7.404   6.047   -4.946  1.00 11.99 ? 26  THR A CG2 1 
ATOM   225  N N   . ILE A 1 27  ? 9.107   8.506   -4.126  1.00 11.39 ? 27  ILE A N   1 
ATOM   226  C CA  . ILE A 1 27  ? 10.290  8.673   -3.288  1.00 12.40 ? 27  ILE A CA  1 
ATOM   227  C C   . ILE A 1 27  ? 10.066  7.977   -1.952  1.00 11.47 ? 27  ILE A C   1 
ATOM   228  O O   . ILE A 1 27  ? 8.936   7.665   -1.572  1.00 11.73 ? 27  ILE A O   1 
ATOM   229  C CB  . ILE A 1 27  ? 10.642  10.169  -3.092  1.00 12.92 ? 27  ILE A CB  1 
ATOM   230  C CG1 . ILE A 1 27  ? 12.103  10.351  -2.635  1.00 13.87 ? 27  ILE A CG1 1 
ATOM   231  C CG2 . ILE A 1 27  ? 9.672   10.806  -2.116  1.00 14.36 ? 27  ILE A CG2 1 
ATOM   232  C CD1 . ILE A 1 27  ? 12.651  11.746  -2.850  1.00 14.29 ? 27  ILE A CD1 1 
ATOM   233  N N   . GLY A 1 28  ? 11.158  7.741   -1.234  1.00 11.59 ? 28  GLY A N   1 
ATOM   234  C CA  . GLY A 1 28  ? 11.044  7.269   0.136   1.00 11.96 ? 28  GLY A CA  1 
ATOM   235  C C   . GLY A 1 28  ? 10.628  5.817   0.188   1.00 11.83 ? 28  GLY A C   1 
ATOM   236  O O   . GLY A 1 28  ? 11.177  4.961   -0.518  1.00 13.10 ? 28  GLY A O   1 
ATOM   237  N N   . ILE A 1 29  ? 9.662   5.539   1.063   1.00 11.54 ? 29  ILE A N   1 
ATOM   238  C CA  . ILE A 1 29  ? 9.070   4.216   1.225   1.00 10.73 ? 29  ILE A CA  1 
ATOM   239  C C   . ILE A 1 29  ? 7.770   4.186   0.426   1.00 10.80 ? 29  ILE A C   1 
ATOM   240  O O   . ILE A 1 29  ? 6.671   4.181   0.988   1.00 11.43 ? 29  ILE A O   1 
ATOM   241  C CB  . ILE A 1 29  ? 8.880   3.900   2.722   1.00 11.47 ? 29  ILE A CB  1 
ATOM   242  C CG1 . ILE A 1 29  ? 10.212  4.102   3.460   1.00 13.57 ? 29  ILE A CG1 1 
ATOM   243  C CG2 . ILE A 1 29  ? 8.356   2.484   2.931   1.00 12.20 ? 29  ILE A CG2 1 
ATOM   244  C CD1 . ILE A 1 29  ? 10.096  4.124   4.973   1.00 14.20 ? 29  ILE A CD1 1 
ATOM   245  N N   . GLY A 1 30  ? 7.897   4.222   -0.897  1.00 12.00 ? 30  GLY A N   1 
ATOM   246  C CA  . GLY A 1 30  ? 6.734   4.127   -1.754  1.00 12.60 ? 30  GLY A CA  1 
ATOM   247  C C   . GLY A 1 30  ? 5.805   5.321   -1.737  1.00 11.38 ? 30  GLY A C   1 
ATOM   248  O O   . GLY A 1 30  ? 4.602   5.154   -1.954  1.00 12.24 ? 30  GLY A O   1 
ATOM   249  N N   . HIS A 1 31  ? 6.324   6.530   -1.522  1.00 11.85 ? 31  HIS A N   1 
ATOM   250  C CA  . HIS A 1 31  ? 5.473   7.716   -1.542  1.00 11.59 ? 31  HIS A CA  1 
ATOM   251  C C   . HIS A 1 31  ? 5.295   8.204   -2.976  1.00 11.50 ? 31  HIS A C   1 
ATOM   252  O O   . HIS A 1 31  ? 6.240   8.722   -3.580  1.00 12.64 ? 31  HIS A O   1 
ATOM   253  C CB  . HIS A 1 31  ? 6.065   8.833   -0.696  1.00 12.72 ? 31  HIS A CB  1 
ATOM   254  C CG  . HIS A 1 31  ? 5.203   10.049  -0.688  1.00 12.81 ? 31  HIS A CG  1 
ATOM   255  N ND1 . HIS A 1 31  ? 4.093   10.158  0.119   1.00 13.36 ? 31  HIS A ND1 1 
ATOM   256  C CD2 . HIS A 1 31  ? 5.233   11.172  -1.445  1.00 14.52 ? 31  HIS A CD2 1 
ATOM   257  C CE1 . HIS A 1 31  ? 3.498   11.317  -0.109  1.00 14.09 ? 31  HIS A CE1 1 
ATOM   258  N NE2 . HIS A 1 31  ? 4.162   11.943  -1.064  1.00 14.83 ? 31  HIS A NE2 1 
ATOM   259  N N   . LEU A 1 32  ? 4.084   8.070   -3.521  1.00 12.37 ? 32  LEU A N   1 
ATOM   260  C CA  . LEU A 1 32  ? 3.809   8.566   -4.864  1.00 13.22 ? 32  LEU A CA  1 
ATOM   261  C C   . LEU A 1 32  ? 3.852   10.090  -4.882  1.00 14.09 ? 32  LEU A C   1 
ATOM   262  O O   . LEU A 1 32  ? 3.194   10.752  -4.074  1.00 14.82 ? 32  LEU A O   1 
ATOM   263  C CB  . LEU A 1 32  ? 2.424   8.101   -5.303  1.00 14.70 ? 32  LEU A CB  1 
ATOM   264  C CG  . LEU A 1 32  ? 1.878   8.681   -6.613  1.00 15.48 ? 32  LEU A CG  1 
ATOM   265  C CD1 . LEU A 1 32  ? 2.692   8.207   -7.806  1.00 16.95 ? 32  LEU A CD1 1 
ATOM   266  C CD2 . LEU A 1 32  ? 0.417   8.294   -6.792  1.00 19.64 ? 32  LEU A CD2 1 
ATOM   267  N N   . LEU A 1 33  ? 4.608   10.651  -5.826  1.00 13.45 ? 33  LEU A N   1 
ATOM   268  C CA  . LEU A 1 33  ? 4.664   12.102  -5.964  1.00 13.74 ? 33  LEU A CA  1 
ATOM   269  C C   . LEU A 1 33  ? 3.655   12.613  -6.988  1.00 14.32 ? 33  LEU A C   1 
ATOM   270  O O   . LEU A 1 33  ? 2.921   13.569  -6.709  1.00 17.79 ? 33  LEU A O   1 
ATOM   271  C CB  . LEU A 1 33  ? 6.086   12.547  -6.324  1.00 13.96 ? 33  LEU A CB  1 
ATOM   272  C CG  . LEU A 1 33  ? 7.104   12.375  -5.193  1.00 13.91 ? 33  LEU A CG  1 
ATOM   273  C CD1 . LEU A 1 33  ? 8.522   12.523  -5.734  1.00 14.34 ? 33  LEU A CD1 1 
ATOM   274  C CD2 . LEU A 1 33  ? 6.855   13.363  -4.048  1.00 12.99 ? 33  LEU A CD2 1 
ATOM   275  N N   . THR A 1 34  ? 3.581   11.978  -8.156  1.00 15.95 ? 34  THR A N   1 
ATOM   276  C CA  . THR A 1 34  ? 2.696   12.432  -9.224  1.00 15.39 ? 34  THR A CA  1 
ATOM   277  C C   . THR A 1 34  ? 2.616   11.346  -10.280 1.00 17.89 ? 34  THR A C   1 
ATOM   278  O O   . THR A 1 34  ? 3.548   10.556  -10.441 1.00 17.95 ? 34  THR A O   1 
ATOM   279  C CB  . THR A 1 34  ? 3.209   13.731  -9.868  1.00 17.06 ? 34  THR A CB  1 
ATOM   280  O OG1 . THR A 1 34  ? 2.265   14.174  -10.853 1.00 20.08 ? 34  THR A OG1 1 
ATOM   281  C CG2 . THR A 1 34  ? 4.565   13.512  -10.527 1.00 18.45 ? 34  THR A CG2 1 
ATOM   282  N N   . LYS A 1 35  ? 1.498   11.323  -10.999 1.00 18.62 ? 35  LYS A N   1 
ATOM   283  C CA  . LYS A 1 35  ? 1.378   10.495  -12.190 1.00 18.73 ? 35  LYS A CA  1 
ATOM   284  C C   . LYS A 1 35  ? 1.753   11.253  -13.458 1.00 19.15 ? 35  LYS A C   1 
ATOM   285  O O   . LYS A 1 35  ? 1.762   10.659  -14.542 1.00 20.50 ? 35  LYS A O   1 
ATOM   286  C CB  . LYS A 1 35  ? -0.033  9.903   -12.297 1.00 22.03 ? 35  LYS A CB  1 
ATOM   287  C CG  . LYS A 1 35  ? -0.332  8.928   -11.174 1.00 20.16 ? 35  LYS A CG  1 
ATOM   288  C CD  . LYS A 1 35  ? -1.735  8.335   -11.256 1.00 23.49 ? 35  LYS A CD  1 
ATOM   289  C CE  . LYS A 1 35  ? -1.998  7.442   -10.054 1.00 23.91 ? 35  LYS A CE  1 
ATOM   290  N NZ  . LYS A 1 35  ? -3.311  6.738   -10.117 1.00 27.66 ? 35  LYS A NZ  1 
ATOM   291  N N   . SER A 1 36  ? 2.084   12.536  -13.334 1.00 21.51 ? 36  SER A N   1 
ATOM   292  C CA  . SER A 1 36  ? 2.498   13.324  -14.484 1.00 22.03 ? 36  SER A CA  1 
ATOM   293  C C   . SER A 1 36  ? 3.863   12.853  -14.973 1.00 21.20 ? 36  SER A C   1 
ATOM   294  O O   . SER A 1 36  ? 4.718   12.473  -14.168 1.00 19.35 ? 36  SER A O   1 
ATOM   295  C CB  . SER A 1 36  ? 2.592   14.795  -14.080 1.00 22.49 ? 36  SER A CB  1 
ATOM   296  O OG  . SER A 1 36  ? 3.369   15.544  -15.002 1.00 24.87 ? 36  SER A OG  1 
ATOM   297  N N   . PRO A 1 37  ? 4.111   12.872  -16.289 1.00 21.64 ? 37  PRO A N   1 
ATOM   298  C CA  . PRO A 1 37  ? 5.440   12.492  -16.789 1.00 21.33 ? 37  PRO A CA  1 
ATOM   299  C C   . PRO A 1 37  ? 6.522   13.528  -16.526 1.00 21.90 ? 37  PRO A C   1 
ATOM   300  O O   . PRO A 1 37  ? 7.682   13.285  -16.874 1.00 24.68 ? 37  PRO A O   1 
ATOM   301  C CB  . PRO A 1 37  ? 5.209   12.311  -18.299 1.00 24.40 ? 37  PRO A CB  1 
ATOM   302  C CG  . PRO A 1 37  ? 4.038   13.180  -18.596 1.00 27.71 ? 37  PRO A CG  1 
ATOM   303  C CD  . PRO A 1 37  ? 3.155   13.112  -17.383 1.00 25.24 ? 37  PRO A CD  1 
ATOM   304  N N   . SER A 1 38  ? 6.194   14.658  -15.901 1.00 21.57 ? 38  SER A N   1 
ATOM   305  C CA  . SER A 1 38  ? 7.139   15.753  -15.724 1.00 21.64 ? 38  SER A CA  1 
ATOM   306  C C   . SER A 1 38  ? 7.904   15.575  -14.417 1.00 19.78 ? 38  SER A C   1 
ATOM   307  O O   . SER A 1 38  ? 7.308   15.596  -13.333 1.00 18.41 ? 38  SER A O   1 
ATOM   308  C CB  . SER A 1 38  ? 6.404   17.091  -15.714 1.00 23.15 ? 38  SER A CB  1 
ATOM   309  O OG  . SER A 1 38  ? 7.239   18.122  -15.213 1.00 23.43 ? 38  SER A OG  1 
ATOM   310  N N   . LEU A 1 39  ? 9.226   15.428  -14.519 1.00 19.19 ? 39  LEU A N   1 
ATOM   311  C CA  . LEU A 1 39  ? 10.052  15.372  -13.316 1.00 19.10 ? 39  LEU A CA  1 
ATOM   312  C C   . LEU A 1 39  ? 9.952   16.665  -12.517 1.00 18.37 ? 39  LEU A C   1 
ATOM   313  O O   . LEU A 1 39  ? 10.010  16.641  -11.281 1.00 17.97 ? 39  LEU A O   1 
ATOM   314  C CB  . LEU A 1 39  ? 11.511  15.078  -13.682 1.00 19.84 ? 39  LEU A CB  1 
ATOM   315  C CG  . LEU A 1 39  ? 12.531  15.011  -12.541 1.00 20.39 ? 39  LEU A CG  1 
ATOM   316  C CD1 . LEU A 1 39  ? 12.099  14.011  -11.471 1.00 19.22 ? 39  LEU A CD1 1 
ATOM   317  C CD2 . LEU A 1 39  ? 13.935  14.684  -13.053 1.00 23.53 ? 39  LEU A CD2 1 
ATOM   318  N N   . ASN A 1 40  ? 9.804   17.803  -13.201 1.00 18.42 ? 40  ASN A N   1 
ATOM   319  C CA  . ASN A 1 40  ? 9.655   19.065  -12.486 1.00 17.89 ? 40  ASN A CA  1 
ATOM   320  C C   . ASN A 1 40  ? 8.383   19.069  -11.651 1.00 19.17 ? 40  ASN A C   1 
ATOM   321  O O   . ASN A 1 40  ? 8.377   19.570  -10.521 1.00 17.77 ? 40  ASN A O   1 
ATOM   322  C CB  . ASN A 1 40  ? 9.665   20.243  -13.462 1.00 21.47 ? 40  ASN A CB  1 
ATOM   323  C CG  . ASN A 1 40  ? 11.058  20.588  -13.945 1.00 24.67 ? 40  ASN A CG  1 
ATOM   324  O OD1 . ASN A 1 40  ? 12.053  20.248  -13.307 1.00 27.25 ? 40  ASN A OD1 1 
ATOM   325  N ND2 . ASN A 1 40  ? 11.135  21.275  -15.081 1.00 28.67 ? 40  ASN A ND2 1 
ATOM   326  N N   . ALA A 1 41  ? 7.294   18.517  -12.193 1.00 18.85 ? 41  ALA A N   1 
ATOM   327  C CA  . ALA A 1 41  ? 6.070   18.393  -11.410 1.00 16.91 ? 41  ALA A CA  1 
ATOM   328  C C   . ALA A 1 41  ? 6.294   17.531  -10.174 1.00 16.91 ? 41  ALA A C   1 
ATOM   329  O O   . ALA A 1 41  ? 5.816   17.865  -9.083  1.00 16.22 ? 41  ALA A O   1 
ATOM   330  C CB  . ALA A 1 41  ? 4.944   17.824  -12.267 1.00 19.33 ? 41  ALA A CB  1 
ATOM   331  N N   . ALA A 1 42  ? 7.031   16.425  -10.322 1.00 15.43 ? 42  ALA A N   1 
ATOM   332  C CA  . ALA A 1 42  ? 7.318   15.568  -9.177  1.00 15.14 ? 42  ALA A CA  1 
ATOM   333  C C   . ALA A 1 42  ? 8.151   16.302  -8.137  1.00 14.32 ? 42  ALA A C   1 
ATOM   334  O O   . ALA A 1 42  ? 7.907   16.183  -6.929  1.00 14.50 ? 42  ALA A O   1 
ATOM   335  C CB  . ALA A 1 42  ? 8.048   14.306  -9.640  1.00 15.67 ? 42  ALA A CB  1 
ATOM   336  N N   . LYS A 1 43  ? 9.144   17.071  -8.591  1.00 15.22 ? 43  LYS A N   1 
ATOM   337  C CA  . LYS A 1 43  ? 9.989   17.822  -7.671  1.00 14.27 ? 43  LYS A CA  1 
ATOM   338  C C   . LYS A 1 43  ? 9.187   18.881  -6.920  1.00 13.47 ? 43  LYS A C   1 
ATOM   339  O O   . LYS A 1 43  ? 9.411   19.104  -5.727  1.00 14.28 ? 43  LYS A O   1 
ATOM   340  C CB  . LYS A 1 43  ? 11.160  18.454  -8.428  1.00 16.00 ? 43  LYS A CB  1 
ATOM   341  C CG  . LYS A 1 43  ? 12.237  17.458  -8.851  1.00 17.43 ? 43  LYS A CG  1 
ATOM   342  C CD  . LYS A 1 43  ? 13.351  18.131  -9.645  1.00 21.01 ? 43  LYS A CD  1 
ATOM   343  C CE  . LYS A 1 43  ? 14.529  17.193  -9.831  1.00 23.42 ? 43  LYS A CE  1 
ATOM   344  N NZ  . LYS A 1 43  ? 15.594  17.817  -10.660 1.00 28.95 ? 43  LYS A NZ  1 
ATOM   345  N N   . SER A 1 44  ? 8.218   19.508  -7.591  1.00 15.15 ? 44  SER A N   1 
ATOM   346  C CA  . SER A 1 44  ? 7.351   20.461  -6.900  1.00 16.15 ? 44  SER A CA  1 
ATOM   347  C C   . SER A 1 44  ? 6.505   19.762  -5.843  1.00 15.03 ? 44  SER A C   1 
ATOM   348  O O   . SER A 1 44  ? 6.379   20.247  -4.711  1.00 16.02 ? 44  SER A O   1 
ATOM   349  C CB  . SER A 1 44  ? 6.456   21.201  -7.897  1.00 19.78 ? 44  SER A CB  1 
ATOM   350  O OG  . SER A 1 44  ? 7.202   22.126  -8.672  1.00 24.88 ? 44  SER A OG  1 
ATOM   351  N N   . GLU A 1 45  ? 5.915   18.617  -6.196  1.00 14.26 ? 45  GLU A N   1 
ATOM   352  C CA  . GLU A 1 45  ? 5.165   17.849  -5.209  1.00 14.32 ? 45  GLU A CA  1 
ATOM   353  C C   . GLU A 1 45  ? 6.041   17.472  -4.022  1.00 13.56 ? 45  GLU A C   1 
ATOM   354  O O   . GLU A 1 45  ? 5.603   17.546  -2.866  1.00 14.72 ? 45  GLU A O   1 
ATOM   355  C CB  . GLU A 1 45  ? 4.551   16.603  -5.851  1.00 14.71 ? 45  GLU A CB  1 
ATOM   356  C CG  . GLU A 1 45  ? 3.434   16.916  -6.831  1.00 15.38 ? 45  GLU A CG  1 
ATOM   357  C CD  . GLU A 1 45  ? 2.294   17.667  -6.177  1.00 15.33 ? 45  GLU A CD  1 
ATOM   358  O OE1 . GLU A 1 45  ? 1.753   17.172  -5.171  1.00 16.39 ? 45  GLU A OE1 1 
ATOM   359  O OE2 . GLU A 1 45  ? 1.932   18.756  -6.673  1.00 17.47 ? 45  GLU A OE2 1 
ATOM   360  N N   . LEU A 1 46  ? 7.289   17.080  -4.282  1.00 13.18 ? 46  LEU A N   1 
ATOM   361  C CA  . LEU A 1 46  ? 8.179   16.694  -3.193  1.00 13.76 ? 46  LEU A CA  1 
ATOM   362  C C   . LEU A 1 46  ? 8.429   17.861  -2.245  1.00 12.99 ? 46  LEU A C   1 
ATOM   363  O O   . LEU A 1 46  ? 8.339   17.710  -1.023  1.00 12.73 ? 46  LEU A O   1 
ATOM   364  C CB  . LEU A 1 46  ? 9.503   16.172  -3.749  1.00 13.71 ? 46  LEU A CB  1 
ATOM   365  C CG  . LEU A 1 46  ? 10.544  15.786  -2.693  1.00 12.64 ? 46  LEU A CG  1 
ATOM   366  C CD1 . LEU A 1 46  ? 10.020  14.659  -1.805  1.00 14.63 ? 46  LEU A CD1 1 
ATOM   367  C CD2 . LEU A 1 46  ? 11.860  15.395  -3.352  1.00 13.48 ? 46  LEU A CD2 1 
ATOM   368  N N   . ASP A 1 47  ? 8.762   19.032  -2.796  1.00 13.52 ? 47  ASP A N   1 
ATOM   369  C CA  . ASP A 1 47  ? 9.064   20.183  -1.954  1.00 13.84 ? 47  ASP A CA  1 
ATOM   370  C C   . ASP A 1 47  ? 7.859   20.573  -1.114  1.00 13.55 ? 47  ASP A C   1 
ATOM   371  O O   . ASP A 1 47  ? 7.999   20.911  0.067   1.00 14.84 ? 47  ASP A O   1 
ATOM   372  C CB  . ASP A 1 47  ? 9.514   21.360  -2.817  1.00 15.73 ? 47  ASP A CB  1 
ATOM   373  C CG  . ASP A 1 47  ? 10.866  21.137  -3.460  1.00 17.59 ? 47  ASP A CG  1 
ATOM   374  O OD1 . ASP A 1 47  ? 11.532  20.129  -3.156  1.00 16.77 ? 47  ASP A OD1 1 
ATOM   375  O OD2 . ASP A 1 47  ? 11.281  21.989  -4.272  1.00 20.30 ? 47  ASP A OD2 1 
ATOM   376  N N   . LYS A 1 48  ? 6.669   20.538  -1.708  1.00 13.48 ? 48  LYS A N   1 
ATOM   377  C CA  . LYS A 1 48  ? 5.437   20.806  -0.974  1.00 15.06 ? 48  LYS A CA  1 
ATOM   378  C C   . LYS A 1 48  ? 5.225   19.787  0.144   1.00 14.57 ? 48  LYS A C   1 
ATOM   379  O O   . LYS A 1 48  ? 4.807   20.139  1.254   1.00 13.10 ? 48  LYS A O   1 
ATOM   380  C CB  . LYS A 1 48  ? 4.279   20.770  -1.975  1.00 16.09 ? 48  LYS A CB  1 
ATOM   381  C CG  . LYS A 1 48  ? 2.886   20.839  -1.399  1.00 16.61 ? 48  LYS A CG  1 
ATOM   382  C CD  . LYS A 1 48  ? 1.872   21.194  -2.492  1.00 16.46 ? 48  LYS A CD  1 
ATOM   383  C CE  . LYS A 1 48  ? 1.778   20.139  -3.580  1.00 17.38 ? 48  LYS A CE  1 
ATOM   384  N NZ  . LYS A 1 48  ? 0.951   18.983  -3.171  1.00 15.76 ? 48  LYS A NZ  1 
ATOM   385  N N   . ALA A 1 49  ? 5.525   18.513  -0.123  1.00 13.15 ? 49  ALA A N   1 
ATOM   386  C CA  . ALA A 1 49  ? 5.302   17.476  0.882   1.00 12.53 ? 49  ALA A CA  1 
ATOM   387  C C   . ALA A 1 49  ? 6.278   17.600  2.045   1.00 12.69 ? 49  ALA A C   1 
ATOM   388  O O   . ALA A 1 49  ? 5.917   17.324  3.195   1.00 13.26 ? 49  ALA A O   1 
ATOM   389  C CB  . ALA A 1 49  ? 5.413   16.093  0.238   1.00 14.28 ? 49  ALA A CB  1 
ATOM   390  N N   . ILE A 1 50  ? 7.522   17.986  1.766   1.00 13.60 ? 50  ILE A N   1 
ATOM   391  C CA  . ILE A 1 50  ? 8.555   18.026  2.791   1.00 13.47 ? 50  ILE A CA  1 
ATOM   392  C C   . ILE A 1 50  ? 8.624   19.393  3.471   1.00 14.77 ? 50  ILE A C   1 
ATOM   393  O O   . ILE A 1 50  ? 9.022   19.488  4.639   1.00 16.34 ? 50  ILE A O   1 
ATOM   394  C CB  . ILE A 1 50  ? 9.914   17.652  2.166   1.00 14.79 ? 50  ILE A CB  1 
ATOM   395  C CG1 . ILE A 1 50  ? 9.846   16.272  1.510   1.00 16.23 ? 50  ILE A CG1 1 
ATOM   396  C CG2 . ILE A 1 50  ? 11.043  17.701  3.191   1.00 16.87 ? 50  ILE A CG2 1 
ATOM   397  C CD1 . ILE A 1 50  ? 9.581   15.145  2.481   1.00 18.51 ? 50  ILE A CD1 1 
ATOM   398  N N   . GLY A 1 51  ? 8.262   20.458  2.759   1.00 14.64 ? 51  GLY A N   1 
ATOM   399  C CA  . GLY A 1 51  ? 8.346   21.799  3.299   1.00 15.58 ? 51  GLY A CA  1 
ATOM   400  C C   . GLY A 1 51  ? 9.693   22.460  3.145   1.00 18.10 ? 51  GLY A C   1 
ATOM   401  O O   . GLY A 1 51  ? 10.018  23.364  3.927   1.00 18.72 ? 51  GLY A O   1 
ATOM   402  N N   . ARG A 1 52  ? 10.487  22.047  2.163   1.00 17.07 ? 52  ARG A N   1 
ATOM   403  C CA  . ARG A 1 52  ? 11.757  22.690  1.860   1.00 18.20 ? 52  ARG A CA  1 
ATOM   404  C C   . ARG A 1 52  ? 12.102  22.338  0.421   1.00 18.19 ? 52  ARG A C   1 
ATOM   405  O O   . ARG A 1 52  ? 11.496  21.446  -0.178  1.00 17.69 ? 52  ARG A O   1 
ATOM   406  C CB  . ARG A 1 52  ? 12.858  22.245  2.832   1.00 18.32 ? 52  ARG A CB  1 
ATOM   407  C CG  . ARG A 1 52  ? 13.285  20.797  2.633   1.00 17.01 ? 52  ARG A CG  1 
ATOM   408  C CD  . ARG A 1 52  ? 14.371  20.352  3.615   1.00 17.97 ? 52  ARG A CD  1 
ATOM   409  N NE  . ARG A 1 52  ? 14.694  18.944  3.391   1.00 18.81 ? 52  ARG A NE  1 
ATOM   410  C CZ  . ARG A 1 52  ? 15.559  18.516  2.478   1.00 18.76 ? 52  ARG A CZ  1 
ATOM   411  N NH1 . ARG A 1 52  ? 16.208  19.389  1.711   1.00 20.28 ? 52  ARG A NH1 1 
ATOM   412  N NH2 . ARG A 1 52  ? 15.771  17.211  2.324   1.00 18.09 ? 52  ARG A NH2 1 
ATOM   413  N N   . ASN A 1 53  ? 13.082  23.053  -0.132  1.00 17.70 ? 53  ASN A N   1 
ATOM   414  C CA  . ASN A 1 53  ? 13.559  22.799  -1.488  1.00 17.87 ? 53  ASN A CA  1 
ATOM   415  C C   . ASN A 1 53  ? 14.490  21.597  -1.440  1.00 17.21 ? 53  ASN A C   1 
ATOM   416  O O   . ASN A 1 53  ? 15.615  21.694  -0.945  1.00 17.00 ? 53  ASN A O   1 
ATOM   417  C CB  . ASN A 1 53  ? 14.314  24.022  -2.002  1.00 20.07 ? 53  ASN A CB  1 
ATOM   418  C CG  . ASN A 1 53  ? 13.393  25.160  -2.371  1.00 28.89 ? 53  ASN A CG  1 
ATOM   419  O OD1 . ASN A 1 53  ? 13.801  26.318  -2.386  1.00 36.88 ? 53  ASN A OD1 1 
ATOM   420  N ND2 . ASN A 1 53  ? 12.138  24.837  -2.670  1.00 29.53 ? 53  ASN A ND2 1 
ATOM   421  N N   . CYS A 1 54  ? 14.025  20.453  -1.946  1.00 16.09 ? 54  CYS A N   1 
ATOM   422  C CA  . CYS A 1 54  ? 14.728  19.191  -1.758  1.00 16.75 ? 54  CYS A CA  1 
ATOM   423  C C   . CYS A 1 54  ? 15.633  18.803  -2.916  1.00 15.90 ? 54  CYS A C   1 
ATOM   424  O O   . CYS A 1 54  ? 16.491  17.932  -2.735  1.00 17.71 ? 54  CYS A O   1 
ATOM   425  C CB  . CYS A 1 54  ? 13.720  18.051  -1.563  1.00 15.90 ? 54  CYS A CB  1 
ATOM   426  S SG  . CYS A 1 54  ? 12.807  18.160  -0.030  1.00 16.40 ? 54  CYS A SG  1 
ATOM   427  N N   . ASN A 1 55  ? 15.435  19.369  -4.103  1.00 17.79 ? 55  ASN A N   1 
ATOM   428  C CA  . ASN A 1 55  ? 16.252  18.999  -5.257  1.00 19.86 ? 55  ASN A CA  1 
ATOM   429  C C   . ASN A 1 55  ? 16.134  17.502  -5.558  1.00 21.28 ? 55  ASN A C   1 
ATOM   430  O O   . ASN A 1 55  ? 17.105  16.864  -5.969  1.00 21.44 ? 55  ASN A O   1 
ATOM   431  C CB  . ASN A 1 55  ? 17.714  19.428  -5.043  1.00 25.09 ? 55  ASN A CB  1 
ATOM   432  C CG  . ASN A 1 55  ? 18.553  19.378  -6.313  1.00 25.07 ? 55  ASN A CG  1 
ATOM   433  O OD1 . ASN A 1 55  ? 18.047  19.577  -7.419  1.00 28.92 ? 55  ASN A OD1 1 
ATOM   434  N ND2 . ASN A 1 55  ? 19.850  19.117  -6.151  1.00 25.99 ? 55  ASN A ND2 1 
ATOM   435  N N   . GLY A 1 56  ? 14.954  16.922  -5.308  1.00 16.94 ? 56  GLY A N   1 
ATOM   436  C CA  . GLY A 1 56  ? 14.710  15.516  -5.588  1.00 16.51 ? 56  GLY A CA  1 
ATOM   437  C C   . GLY A 1 56  ? 15.284  14.526  -4.601  1.00 15.31 ? 56  GLY A C   1 
ATOM   438  O O   . GLY A 1 56  ? 15.244  13.320  -4.881  1.00 16.07 ? 56  GLY A O   1 
ATOM   439  N N   . VAL A 1 57  ? 15.800  14.974  -3.458  1.00 15.44 ? 57  VAL A N   1 
ATOM   440  C CA  . VAL A 1 57  ? 16.469  14.101  -2.500  1.00 16.13 ? 57  VAL A CA  1 
ATOM   441  C C   . VAL A 1 57  ? 15.969  14.426  -1.100  1.00 16.57 ? 57  VAL A C   1 
ATOM   442  O O   . VAL A 1 57  ? 15.839  15.599  -0.740  1.00 16.44 ? 57  VAL A O   1 
ATOM   443  C CB  . VAL A 1 57  ? 18.001  14.266  -2.578  1.00 20.55 ? 57  VAL A CB  1 
ATOM   444  C CG1 . VAL A 1 57  ? 18.692  13.413  -1.529  1.00 23.69 ? 57  VAL A CG1 1 
ATOM   445  C CG2 . VAL A 1 57  ? 18.507  13.925  -3.969  1.00 22.17 ? 57  VAL A CG2 1 
ATOM   446  N N   . ILE A 1 58  ? 15.716  13.387  -0.296  1.00 14.83 ? 58  ILE A N   1 
ATOM   447  C CA  . ILE A 1 58  ? 15.267  13.543  1.085   1.00 15.63 ? 58  ILE A CA  1 
ATOM   448  C C   . ILE A 1 58  ? 16.165  12.731  2.014   1.00 16.55 ? 58  ILE A C   1 
ATOM   449  O O   . ILE A 1 58  ? 16.979  11.915  1.576   1.00 17.04 ? 58  ILE A O   1 
ATOM   450  C CB  . ILE A 1 58  ? 13.781  13.158  1.283   1.00 14.54 ? 58  ILE A CB  1 
ATOM   451  C CG1 . ILE A 1 58  ? 13.526  11.697  0.893   1.00 14.75 ? 58  ILE A CG1 1 
ATOM   452  C CG2 . ILE A 1 58  ? 12.875  14.080  0.480   1.00 16.08 ? 58  ILE A CG2 1 
ATOM   453  C CD1 . ILE A 1 58  ? 12.122  11.207  1.276   1.00 14.93 ? 58  ILE A CD1 1 
ATOM   454  N N   . THR A 1 59  ? 15.999  12.967  3.313   1.00 15.94 ? 59  THR A N   1 
ATOM   455  C CA  . THR A 1 59  ? 16.693  12.205  4.341   1.00 17.71 ? 59  THR A CA  1 
ATOM   456  C C   . THR A 1 59  ? 15.854  11.001  4.768   1.00 18.49 ? 59  THR A C   1 
ATOM   457  O O   . THR A 1 59  ? 14.653  10.920  4.501   1.00 16.78 ? 59  THR A O   1 
ATOM   458  C CB  . THR A 1 59  ? 16.968  13.085  5.563   1.00 18.93 ? 59  THR A CB  1 
ATOM   459  O OG1 . THR A 1 59  ? 15.735  13.366  6.236   1.00 18.13 ? 59  THR A OG1 1 
ATOM   460  C CG2 . THR A 1 59  ? 17.629  14.399  5.163   1.00 20.87 ? 59  THR A CG2 1 
ATOM   461  N N   . LYS A 1 60  ? 16.502  10.062  5.461   1.00 18.70 ? 60  LYS A N   1 
ATOM   462  C CA  . LYS A 1 60  ? 15.781  8.900   5.974   1.00 17.98 ? 60  LYS A CA  1 
ATOM   463  C C   . LYS A 1 60  ? 14.679  9.310   6.946   1.00 19.08 ? 60  LYS A C   1 
ATOM   464  O O   . LYS A 1 60  ? 13.570  8.760   6.901   1.00 17.59 ? 60  LYS A O   1 
ATOM   465  C CB  . LYS A 1 60  ? 16.752  7.918   6.624   1.00 21.90 ? 60  LYS A CB  1 
ATOM   466  C CG  . LYS A 1 60  ? 16.116  6.587   7.000   1.00 22.59 ? 60  LYS A CG  1 
ATOM   467  C CD  . LYS A 1 60  ? 17.136  5.632   7.609   1.00 27.03 ? 60  LYS A CD  1 
ATOM   468  C CE  . LYS A 1 60  ? 16.519  4.277   7.914   1.00 33.21 ? 60  LYS A CE  1 
ATOM   469  N NZ  . LYS A 1 60  ? 16.094  4.193   9.338   1.00 37.66 ? 60  LYS A NZ  1 
ATOM   470  N N   . ASP A 1 61  ? 14.960  10.279  7.825   1.00 18.35 ? 61  ASP A N   1 
ATOM   471  C CA  . ASP A 1 61  ? 13.941  10.774  8.748   1.00 17.10 ? 61  ASP A CA  1 
ATOM   472  C C   . ASP A 1 61  ? 12.732  11.313  7.996   1.00 16.64 ? 61  ASP A C   1 
ATOM   473  O O   . ASP A 1 61  ? 11.586  11.044  8.376   1.00 16.18 ? 61  ASP A O   1 
ATOM   474  C CB  . ASP A 1 61  ? 14.523  11.881  9.629   1.00 19.43 ? 61  ASP A CB  1 
ATOM   475  C CG  . ASP A 1 61  ? 15.344  11.347  10.785  1.00 24.07 ? 61  ASP A CG  1 
ATOM   476  O OD1 . ASP A 1 61  ? 15.411  10.112  10.963  1.00 26.44 ? 61  ASP A OD1 1 
ATOM   477  O OD2 . ASP A 1 61  ? 15.938  12.177  11.510  1.00 29.88 ? 61  ASP A OD2 1 
ATOM   478  N N   . GLU A 1 62  ? 12.968  12.085  6.933   1.00 17.26 ? 62  GLU A N   1 
ATOM   479  C CA  . GLU A 1 62  ? 11.863  12.616  6.143   1.00 14.74 ? 62  GLU A CA  1 
ATOM   480  C C   . GLU A 1 62  ? 11.090  11.495  5.459   1.00 14.22 ? 62  GLU A C   1 
ATOM   481  O O   . GLU A 1 62  ? 9.854   11.525  5.415   1.00 13.89 ? 62  GLU A O   1 
ATOM   482  C CB  . GLU A 1 62  ? 12.393  13.619  5.113   1.00 14.26 ? 62  GLU A CB  1 
ATOM   483  C CG  . GLU A 1 62  ? 12.922  14.906  5.751   1.00 15.14 ? 62  GLU A CG  1 
ATOM   484  C CD  . GLU A 1 62  ? 13.740  15.788  4.821   1.00 16.43 ? 62  GLU A CD  1 
ATOM   485  O OE1 . GLU A 1 62  ? 14.258  15.308  3.795   1.00 15.81 ? 62  GLU A OE1 1 
ATOM   486  O OE2 . GLU A 1 62  ? 13.882  16.992  5.145   1.00 17.59 ? 62  GLU A OE2 1 
ATOM   487  N N   . ALA A 1 63  ? 11.797  10.497  4.921   1.00 14.50 ? 63  ALA A N   1 
ATOM   488  C CA  . ALA A 1 63  ? 11.109  9.364   4.308   1.00 13.32 ? 63  ALA A CA  1 
ATOM   489  C C   . ALA A 1 63  ? 10.225  8.649   5.322   1.00 13.90 ? 63  ALA A C   1 
ATOM   490  O O   . ALA A 1 63  ? 9.097   8.246   5.006   1.00 12.84 ? 63  ALA A O   1 
ATOM   491  C CB  . ALA A 1 63  ? 12.127  8.400   3.702   1.00 15.58 ? 63  ALA A CB  1 
ATOM   492  N N   . GLU A 1 64  ? 10.716  8.488   6.550   1.00 14.60 ? 64  GLU A N   1 
ATOM   493  C CA  . GLU A 1 64  ? 9.945   7.784   7.564   1.00 13.93 ? 64  GLU A CA  1 
ATOM   494  C C   . GLU A 1 64  ? 8.739   8.588   8.013   1.00 14.18 ? 64  GLU A C   1 
ATOM   495  O O   . GLU A 1 64  ? 7.681   8.014   8.297   1.00 14.78 ? 64  GLU A O   1 
ATOM   496  C CB  . GLU A 1 64  ? 10.855  7.378   8.726   1.00 16.97 ? 64  GLU A CB  1 
ATOM   497  C CG  . GLU A 1 64  ? 11.712  6.186   8.325   1.00 16.95 ? 64  GLU A CG  1 
ATOM   498  C CD  . GLU A 1 64  ? 12.916  5.933   9.200   1.00 27.32 ? 64  GLU A CD  1 
ATOM   499  O OE1 . GLU A 1 64  ? 13.202  6.749   10.100  1.00 26.29 ? 64  GLU A OE1 1 
ATOM   500  O OE2 . GLU A 1 64  ? 13.573  4.892   8.982   1.00 30.38 ? 64  GLU A OE2 1 
ATOM   501  N N   . LYS A 1 65  ? 8.869   9.917   8.071   1.00 14.07 ? 65  LYS A N   1 
ATOM   502  C CA  . LYS A 1 65  ? 7.715   10.741  8.418   1.00 14.07 ? 65  LYS A CA  1 
ATOM   503  C C   . LYS A 1 65  ? 6.645   10.693  7.336   1.00 12.95 ? 65  LYS A C   1 
ATOM   504  O O   . LYS A 1 65  ? 5.454   10.562  7.641   1.00 13.90 ? 65  LYS A O   1 
ATOM   505  C CB  . LYS A 1 65  ? 8.132   12.183  8.701   1.00 15.24 ? 65  LYS A CB  1 
ATOM   506  C CG  . LYS A 1 65  ? 6.954   13.037  9.151   1.00 18.73 ? 65  LYS A CG  1 
ATOM   507  C CD  . LYS A 1 65  ? 7.396   14.387  9.696   1.00 19.77 ? 65  LYS A CD  1 
ATOM   508  C CE  . LYS A 1 65  ? 6.209   15.189  10.208  1.00 21.97 ? 65  LYS A CE  1 
ATOM   509  N NZ  . LYS A 1 65  ? 6.641   16.465  10.833  1.00 23.98 ? 65  LYS A NZ  1 
ATOM   510  N N   . LEU A 1 66  ? 7.050   10.820  6.063   1.00 12.46 ? 66  LEU A N   1 
ATOM   511  C CA  . LEU A 1 66  ? 6.097   10.652  4.967   1.00 14.84 ? 66  LEU A CA  1 
ATOM   512  C C   . LEU A 1 66  ? 5.405   9.301   5.055   1.00 12.92 ? 66  LEU A C   1 
ATOM   513  O O   . LEU A 1 66  ? 4.194   9.202   4.839   1.00 13.70 ? 66  LEU A O   1 
ATOM   514  C CB  . LEU A 1 66  ? 6.811   10.752  3.616   1.00 16.05 ? 66  LEU A CB  1 
ATOM   515  C CG  . LEU A 1 66  ? 7.215   12.125  3.079   1.00 17.13 ? 66  LEU A CG  1 
ATOM   516  C CD1 . LEU A 1 66  ? 7.788   11.957  1.674   1.00 19.98 ? 66  LEU A CD1 1 
ATOM   517  C CD2 . LEU A 1 66  ? 6.043   13.099  3.076   1.00 21.04 ? 66  LEU A CD2 1 
ATOM   518  N N   . PHE A 1 67  ? 6.169   8.255   5.380   1.00 12.49 ? 67  PHE A N   1 
ATOM   519  C CA  . PHE A 1 67  ? 5.618   6.905   5.483   1.00 11.15 ? 67  PHE A CA  1 
ATOM   520  C C   . PHE A 1 67  ? 4.558   6.816   6.579   1.00 12.58 ? 67  PHE A C   1 
ATOM   521  O O   . PHE A 1 67  ? 3.489   6.235   6.373   1.00 13.09 ? 67  PHE A O   1 
ATOM   522  C CB  . PHE A 1 67  ? 6.786   5.960   5.746   1.00 11.98 ? 67  PHE A CB  1 
ATOM   523  C CG  . PHE A 1 67  ? 6.433   4.499   5.804   1.00 12.09 ? 67  PHE A CG  1 
ATOM   524  C CD1 . PHE A 1 67  ? 5.541   3.915   4.902   1.00 12.71 ? 67  PHE A CD1 1 
ATOM   525  C CD2 . PHE A 1 67  ? 7.033   3.704   6.754   1.00 12.17 ? 67  PHE A CD2 1 
ATOM   526  C CE1 . PHE A 1 67  ? 5.259   2.549   4.963   1.00 13.13 ? 67  PHE A CE1 1 
ATOM   527  C CE2 . PHE A 1 67  ? 6.748   2.350   6.822   1.00 12.68 ? 67  PHE A CE2 1 
ATOM   528  C CZ  . PHE A 1 67  ? 5.858   1.774   5.921   1.00 13.35 ? 67  PHE A CZ  1 
ATOM   529  N N   . ASN A 1 68  ? 4.822   7.412   7.748   1.00 13.06 ? 68  ASN A N   1 
ATOM   530  C CA  . ASN A 1 68  ? 3.812   7.449   8.806   1.00 12.91 ? 68  ASN A CA  1 
ATOM   531  C C   . ASN A 1 68  ? 2.538   8.118   8.318   1.00 13.76 ? 68  ASN A C   1 
ATOM   532  O O   . ASN A 1 68  ? 1.426   7.642   8.572   1.00 14.60 ? 68  ASN A O   1 
ATOM   533  C CB  . ASN A 1 68  ? 4.346   8.248   9.990   1.00 16.27 ? 68  ASN A CB  1 
ATOM   534  C CG  . ASN A 1 68  ? 4.958   7.385   11.051  1.00 20.42 ? 68  ASN A CG  1 
ATOM   535  O OD1 . ASN A 1 68  ? 4.248   6.767   11.847  1.00 25.25 ? 68  ASN A OD1 1 
ATOM   536  N ND2 . ASN A 1 68  ? 6.280   7.337   11.085  1.00 25.70 ? 68  ASN A ND2 1 
ATOM   537  N N   . GLN A 1 69  ? 2.684   9.267   7.646   1.00 12.68 ? 69  GLN A N   1 
ATOM   538  C CA  . GLN A 1 69  ? 1.527   9.972   7.111   1.00 13.63 ? 69  GLN A CA  1 
ATOM   539  C C   . GLN A 1 69  ? 0.774   9.118   6.112   1.00 13.00 ? 69  GLN A C   1 
ATOM   540  O O   . GLN A 1 69  ? -0.460  9.101   6.104   1.00 13.10 ? 69  GLN A O   1 
ATOM   541  C CB  . GLN A 1 69  ? 1.977   11.272  6.441   1.00 12.96 ? 69  GLN A CB  1 
ATOM   542  C CG  . GLN A 1 69  ? 2.523   12.268  7.427   1.00 13.56 ? 69  GLN A CG  1 
ATOM   543  C CD  . GLN A 1 69  ? 3.040   13.534  6.781   1.00 14.06 ? 69  GLN A CD  1 
ATOM   544  O OE1 . GLN A 1 69  ? 3.146   13.638  5.553   1.00 16.85 ? 69  GLN A OE1 1 
ATOM   545  N NE2 . GLN A 1 69  ? 3.378   14.502  7.610   1.00 13.93 ? 69  GLN A NE2 1 
ATOM   546  N N   . ASP A 1 70  ? 1.504   8.417   5.245   1.00 12.54 ? 70  ASP A N   1 
ATOM   547  C CA  . ASP A 1 70  ? 0.860   7.627   4.207   1.00 12.67 ? 70  ASP A CA  1 
ATOM   548  C C   . ASP A 1 70  ? 0.131   6.418   4.786   1.00 12.70 ? 70  ASP A C   1 
ATOM   549  O O   . ASP A 1 70  ? -0.954  6.066   4.312   1.00 13.47 ? 70  ASP A O   1 
ATOM   550  C CB  . ASP A 1 70  ? 1.901   7.182   3.181   1.00 12.62 ? 70  ASP A CB  1 
ATOM   551  C CG  . ASP A 1 70  ? 2.438   8.335   2.354   1.00 13.96 ? 70  ASP A CG  1 
ATOM   552  O OD1 . ASP A 1 70  ? 1.839   9.440   2.358   1.00 13.63 ? 70  ASP A OD1 1 
ATOM   553  O OD2 . ASP A 1 70  ? 3.480   8.139   1.698   1.00 13.28 ? 70  ASP A OD2 1 
ATOM   554  N N   . VAL A 1 71  ? 0.721   5.762   5.790   1.00 11.78 ? 71  VAL A N   1 
ATOM   555  C CA  . VAL A 1 71  ? 0.030   4.663   6.465   1.00 12.23 ? 71  VAL A CA  1 
ATOM   556  C C   . VAL A 1 71  ? -1.232  5.176   7.145   1.00 12.84 ? 71  VAL A C   1 
ATOM   557  O O   . VAL A 1 71  ? -2.304  4.568   7.049   1.00 13.74 ? 71  VAL A O   1 
ATOM   558  C CB  . VAL A 1 71  ? 0.974   3.947   7.447   1.00 12.93 ? 71  VAL A CB  1 
ATOM   559  C CG1 . VAL A 1 71  ? 0.199   2.952   8.312   1.00 14.09 ? 71  VAL A CG1 1 
ATOM   560  C CG2 . VAL A 1 71  ? 2.087   3.249   6.696   1.00 13.84 ? 71  VAL A CG2 1 
ATOM   561  N N   . ASP A 1 72  ? -1.125  6.327   7.822   1.00 14.51 ? 72  ASP A N   1 
ATOM   562  C CA  . ASP A 1 72  ? -2.294  6.947   8.447   1.00 14.73 ? 72  ASP A CA  1 
ATOM   563  C C   . ASP A 1 72  ? -3.383  7.226   7.419   1.00 15.44 ? 72  ASP A C   1 
ATOM   564  O O   . ASP A 1 72  ? -4.562  6.936   7.650   1.00 16.21 ? 72  ASP A O   1 
ATOM   565  C CB  . ASP A 1 72  ? -1.863  8.246   9.137   1.00 15.97 ? 72  ASP A CB  1 
ATOM   566  C CG  . ASP A 1 72  ? -2.638  8.538   10.417  1.00 24.50 ? 72  ASP A CG  1 
ATOM   567  O OD1 . ASP A 1 72  ? -3.162  7.598   11.048  1.00 29.70 ? 72  ASP A OD1 1 
ATOM   568  O OD2 . ASP A 1 72  ? -2.695  9.723   10.804  1.00 31.43 ? 72  ASP A OD2 1 
ATOM   569  N N   . ALA A 1 73  ? -3.006  7.791   6.268   1.00 15.03 ? 73  ALA A N   1 
ATOM   570  C CA  . ALA A 1 73  ? -3.992  8.109   5.241   1.00 15.53 ? 73  ALA A CA  1 
ATOM   571  C C   . ALA A 1 73  ? -4.683  6.854   4.721   1.00 15.13 ? 73  ALA A C   1 
ATOM   572  O O   . ALA A 1 73  ? -5.879  6.878   4.416   1.00 16.72 ? 73  ALA A O   1 
ATOM   573  C CB  . ALA A 1 73  ? -3.336  8.885   4.094   1.00 17.84 ? 73  ALA A CB  1 
ATOM   574  N N   . ALA A 1 74  ? -3.943  5.751   4.594   1.00 15.67 ? 74  ALA A N   1 
ATOM   575  C CA  . ALA A 1 74  ? -4.552  4.507   4.146   1.00 14.99 ? 74  ALA A CA  1 
ATOM   576  C C   . ALA A 1 74  ? -5.572  4.009   5.161   1.00 15.65 ? 74  ALA A C   1 
ATOM   577  O O   . ALA A 1 74  ? -6.681  3.609   4.793   1.00 15.28 ? 74  ALA A O   1 
ATOM   578  C CB  . ALA A 1 74  ? -3.469  3.461   3.889   1.00 15.20 ? 74  ALA A CB  1 
ATOM   579  N N   . VAL A 1 75  ? -5.211  4.032   6.444   1.00 13.74 ? 75  VAL A N   1 
ATOM   580  C CA  . VAL A 1 75  ? -6.154  3.630   7.485   1.00 15.59 ? 75  VAL A CA  1 
ATOM   581  C C   . VAL A 1 75  ? -7.412  4.490   7.438   1.00 16.12 ? 75  VAL A C   1 
ATOM   582  O O   . VAL A 1 75  ? -8.537  3.979   7.520   1.00 17.14 ? 75  VAL A O   1 
ATOM   583  C CB  . VAL A 1 75  ? -5.475  3.652   8.866   1.00 15.53 ? 75  VAL A CB  1 
ATOM   584  C CG1 . VAL A 1 75  ? -6.501  3.390   9.973   1.00 17.97 ? 75  VAL A CG1 1 
ATOM   585  C CG2 . VAL A 1 75  ? -4.328  2.645   8.912   1.00 14.08 ? 75  VAL A CG2 1 
ATOM   586  N N   . ARG A 1 76  ? -7.245  5.808   7.284   1.00 17.88 ? 76  ARG A N   1 
ATOM   587  C CA  . ARG A 1 76  ? -8.397  6.705   7.264   1.00 18.75 ? 76  ARG A CA  1 
ATOM   588  C C   . ARG A 1 76  ? -9.278  6.468   6.045   1.00 20.42 ? 76  ARG A C   1 
ATOM   589  O O   . ARG A 1 76  ? -10.507 6.582   6.131   1.00 20.35 ? 76  ARG A O   1 
ATOM   590  C CB  . ARG A 1 76  ? -7.924  8.158   7.317   1.00 21.80 ? 76  ARG A CB  1 
ATOM   591  C CG  . ARG A 1 76  ? -7.474  8.604   8.701   1.00 21.61 ? 76  ARG A CG  1 
ATOM   592  C CD  . ARG A 1 76  ? -7.035  10.065  8.693   1.00 31.23 ? 76  ARG A CD  1 
ATOM   593  N NE  . ARG A 1 76  ? -6.654  10.538  10.024  1.00 36.61 ? 76  ARG A NE  1 
ATOM   594  C CZ  . ARG A 1 76  ? -7.514  10.981  10.938  1.00 45.06 ? 76  ARG A CZ  1 
ATOM   595  N NH1 . ARG A 1 76  ? -8.810  11.026  10.671  1.00 47.87 ? 76  ARG A NH1 1 
ATOM   596  N NH2 . ARG A 1 76  ? -7.073  11.389  12.117  1.00 46.78 ? 76  ARG A NH2 1 
ATOM   597  N N   . GLY A 1 77  ? -8.670  6.171   4.896   1.00 18.10 ? 77  GLY A N   1 
ATOM   598  C CA  . GLY A 1 77  ? -9.456  5.862   3.714   1.00 18.76 ? 77  GLY A CA  1 
ATOM   599  C C   . GLY A 1 77  ? -10.314 4.629   3.907   1.00 20.38 ? 77  GLY A C   1 
ATOM   600  O O   . GLY A 1 77  ? -11.435 4.557   3.398   1.00 21.07 ? 77  GLY A O   1 
ATOM   601  N N   . ILE A 1 78  ? -9.799  3.647   4.652   1.00 16.66 ? 78  ILE A N   1 
ATOM   602  C CA  . ILE A 1 78  ? -10.598 2.483   5.018   1.00 16.83 ? 78  ILE A CA  1 
ATOM   603  C C   . ILE A 1 78  ? -11.730 2.886   5.955   1.00 16.31 ? 78  ILE A C   1 
ATOM   604  O O   . ILE A 1 78  ? -12.897 2.555   5.724   1.00 15.83 ? 78  ILE A O   1 
ATOM   605  C CB  . ILE A 1 78  ? -9.707  1.397   5.643   1.00 16.54 ? 78  ILE A CB  1 
ATOM   606  C CG1 . ILE A 1 78  ? -8.827  0.751   4.572   1.00 15.69 ? 78  ILE A CG1 1 
ATOM   607  C CG2 . ILE A 1 78  ? -10.563 0.329   6.308   1.00 14.92 ? 78  ILE A CG2 1 
ATOM   608  C CD1 . ILE A 1 78  ? -7.689  -0.096  5.123   1.00 16.68 ? 78  ILE A CD1 1 
ATOM   609  N N   . LEU A 1 79  ? -11.399 3.612   7.026   1.00 15.96 ? 79  LEU A N   1 
ATOM   610  C CA  . LEU A 1 79  ? -12.399 3.898   8.052   1.00 17.31 ? 79  LEU A CA  1 
ATOM   611  C C   . LEU A 1 79  ? -13.501 4.817   7.541   1.00 20.65 ? 79  LEU A C   1 
ATOM   612  O O   . LEU A 1 79  ? -14.628 4.769   8.051   1.00 20.40 ? 79  LEU A O   1 
ATOM   613  C CB  . LEU A 1 79  ? -11.733 4.479   9.298   1.00 19.61 ? 79  LEU A CB  1 
ATOM   614  C CG  . LEU A 1 79  ? -10.735 3.564   10.011  1.00 19.17 ? 79  LEU A CG  1 
ATOM   615  C CD1 . LEU A 1 79  ? -10.093 4.287   11.197  1.00 24.83 ? 79  LEU A CD1 1 
ATOM   616  C CD2 . LEU A 1 79  ? -11.394 2.257   10.451  1.00 22.60 ? 79  LEU A CD2 1 
ATOM   617  N N   . ARG A 1 80  ? -13.213 5.637   6.532   1.00 19.14 ? 80  ARG A N   1 
ATOM   618  C CA  . ARG A 1 80  ? -14.213 6.540   5.973   1.00 21.45 ? 80  ARG A CA  1 
ATOM   619  C C   . ARG A 1 80  ? -15.051 5.904   4.875   1.00 21.71 ? 80  ARG A C   1 
ATOM   620  O O   . ARG A 1 80  ? -16.052 6.497   4.458   1.00 25.14 ? 80  ARG A O   1 
ATOM   621  C CB  . ARG A 1 80  ? -13.543 7.796   5.411   1.00 25.04 ? 80  ARG A CB  1 
ATOM   622  C CG  . ARG A 1 80  ? -13.136 8.812   6.462   1.00 30.08 ? 80  ARG A CG  1 
ATOM   623  C CD  . ARG A 1 80  ? -12.760 10.145  5.825   1.00 35.36 ? 80  ARG A CD  1 
ATOM   624  N NE  . ARG A 1 80  ? -11.350 10.201  5.449   1.00 38.74 ? 80  ARG A NE  1 
ATOM   625  C CZ  . ARG A 1 80  ? -10.867 9.823   4.268   1.00 38.74 ? 80  ARG A CZ  1 
ATOM   626  N NH1 . ARG A 1 80  ? -11.680 9.362   3.323   1.00 36.85 ? 80  ARG A NH1 1 
ATOM   627  N NH2 . ARG A 1 80  ? -9.566  9.913   4.027   1.00 34.58 ? 80  ARG A NH2 1 
ATOM   628  N N   . ASN A 1 81  ? -14.678 4.723   4.396   1.00 18.43 ? 81  ASN A N   1 
ATOM   629  C CA  . ASN A 1 81  ? -15.331 4.094   3.257   1.00 19.49 ? 81  ASN A CA  1 
ATOM   630  C C   . ASN A 1 81  ? -16.371 3.104   3.769   1.00 20.19 ? 81  ASN A C   1 
ATOM   631  O O   . ASN A 1 81  ? -16.038 2.173   4.510   1.00 19.85 ? 81  ASN A O   1 
ATOM   632  C CB  . ASN A 1 81  ? -14.283 3.393   2.393   1.00 19.51 ? 81  ASN A CB  1 
ATOM   633  C CG  . ASN A 1 81  ? -14.848 2.873   1.097   1.00 22.36 ? 81  ASN A CG  1 
ATOM   634  O OD1 . ASN A 1 81  ? -15.636 1.936   1.089   1.00 23.24 ? 81  ASN A OD1 1 
ATOM   635  N ND2 . ASN A 1 81  ? -14.421 3.463   -0.015  1.00 24.80 ? 81  ASN A ND2 1 
ATOM   636  N N   . ALA A 1 82  ? -17.630 3.300   3.367   1.00 23.83 ? 82  ALA A N   1 
ATOM   637  C CA  . ALA A 1 82  ? -18.709 2.463   3.881   1.00 24.26 ? 82  ALA A CA  1 
ATOM   638  C C   . ALA A 1 82  ? -18.612 1.016   3.411   1.00 21.91 ? 82  ALA A C   1 
ATOM   639  O O   . ALA A 1 82  ? -19.211 0.135   4.039   1.00 23.82 ? 82  ALA A O   1 
ATOM   640  C CB  . ALA A 1 82  ? -20.068 3.054   3.506   1.00 26.48 ? 82  ALA A CB  1 
ATOM   641  N N   . LYS A 1 83  ? -17.890 0.751   2.322   1.00 22.66 ? 83  LYS A N   1 
ATOM   642  C CA  . LYS A 1 83  ? -17.694 -0.625  1.879   1.00 22.41 ? 83  LYS A CA  1 
ATOM   643  C C   . LYS A 1 83  ? -16.518 -1.279  2.594   1.00 21.63 ? 83  LYS A C   1 
ATOM   644  O O   . LYS A 1 83  ? -16.568 -2.471  2.917   1.00 22.60 ? 83  LYS A O   1 
ATOM   645  C CB  . LYS A 1 83  ? -17.467 -0.674  0.366   1.00 28.84 ? 83  LYS A CB  1 
ATOM   646  C CG  . LYS A 1 83  ? -18.722 -0.512  -0.474  1.00 33.17 ? 83  LYS A CG  1 
ATOM   647  C CD  . LYS A 1 83  ? -18.473 -0.885  -1.937  1.00 41.50 ? 83  LYS A CD  1 
ATOM   648  C CE  . LYS A 1 83  ? -17.268 -1.805  -2.107  1.00 44.74 ? 83  LYS A CE  1 
ATOM   649  N NZ  . LYS A 1 83  ? -17.484 -2.822  -3.176  1.00 47.71 ? 83  LYS A NZ  1 
ATOM   650  N N   . LEU A 1 84  ? -15.457 -0.512  2.852   1.00 17.40 ? 84  LEU A N   1 
ATOM   651  C CA  . LEU A 1 84  ? -14.229 -1.091  3.384   1.00 16.51 ? 84  LEU A CA  1 
ATOM   652  C C   . LEU A 1 84  ? -14.283 -1.250  4.898   1.00 15.45 ? 84  LEU A C   1 
ATOM   653  O O   . LEU A 1 84  ? -13.829 -2.271  5.427   1.00 15.33 ? 84  LEU A O   1 
ATOM   654  C CB  . LEU A 1 84  ? -13.026 -0.234  2.985   1.00 16.32 ? 84  LEU A CB  1 
ATOM   655  C CG  . LEU A 1 84  ? -12.772 -0.093  1.478   1.00 15.77 ? 84  LEU A CG  1 
ATOM   656  C CD1 . LEU A 1 84  ? -11.559 0.788   1.243   1.00 18.19 ? 84  LEU A CD1 1 
ATOM   657  C CD2 . LEU A 1 84  ? -12.576 -1.459  0.816   1.00 19.15 ? 84  LEU A CD2 1 
ATOM   658  N N   . LYS A 1 85  ? -14.826 -0.254  5.602   1.00 15.77 ? 85  LYS A N   1 
ATOM   659  C CA  . LYS A 1 85  ? -14.809 -0.282  7.066   1.00 14.84 ? 85  LYS A CA  1 
ATOM   660  C C   . LYS A 1 85  ? -15.420 -1.542  7.659   1.00 14.30 ? 85  LYS A C   1 
ATOM   661  O O   . LYS A 1 85  ? -14.784 -2.145  8.542   1.00 14.64 ? 85  LYS A O   1 
ATOM   662  C CB  . LYS A 1 85  ? -15.423 0.994   7.650   1.00 15.76 ? 85  LYS A CB  1 
ATOM   663  C CG  . LYS A 1 85  ? -15.329 1.030   9.162   1.00 18.87 ? 85  LYS A CG  1 
ATOM   664  C CD  . LYS A 1 85  ? -15.938 2.293   9.732   1.00 22.24 ? 85  LYS A CD  1 
ATOM   665  C CE  . LYS A 1 85  ? -15.536 2.476   11.186  1.00 25.71 ? 85  LYS A CE  1 
ATOM   666  N NZ  . LYS A 1 85  ? -16.051 1.395   12.061  1.00 27.88 ? 85  LYS A NZ  1 
ATOM   667  N N   . PRO A 1 86  ? -16.619 -1.989  7.269   1.00 16.07 ? 86  PRO A N   1 
ATOM   668  C CA  . PRO A 1 86  ? -17.171 -3.193  7.913   1.00 16.61 ? 86  PRO A CA  1 
ATOM   669  C C   . PRO A 1 86  ? -16.312 -4.426  7.708   1.00 15.48 ? 86  PRO A C   1 
ATOM   670  O O   . PRO A 1 86  ? -16.185 -5.251  8.621   1.00 16.83 ? 86  PRO A O   1 
ATOM   671  C CB  . PRO A 1 86  ? -18.563 -3.346  7.278   1.00 18.88 ? 86  PRO A CB  1 
ATOM   672  C CG  . PRO A 1 86  ? -18.523 -2.503  6.040   1.00 22.77 ? 86  PRO A CG  1 
ATOM   673  C CD  . PRO A 1 86  ? -17.576 -1.382  6.328   1.00 17.23 ? 86  PRO A CD  1 
ATOM   674  N N   . VAL A 1 87  ? -15.708 -4.574  6.529   1.00 14.48 ? 87  VAL A N   1 
ATOM   675  C CA  . VAL A 1 87  ? -14.819 -5.709  6.297   1.00 15.04 ? 87  VAL A CA  1 
ATOM   676  C C   . VAL A 1 87  ? -13.568 -5.590  7.157   1.00 13.77 ? 87  VAL A C   1 
ATOM   677  O O   . VAL A 1 87  ? -13.143 -6.549  7.809   1.00 13.48 ? 87  VAL A O   1 
ATOM   678  C CB  . VAL A 1 87  ? -14.478 -5.831  4.801   1.00 16.34 ? 87  VAL A CB  1 
ATOM   679  C CG1 . VAL A 1 87  ? -13.683 -7.099  4.550   1.00 16.95 ? 87  VAL A CG1 1 
ATOM   680  C CG2 . VAL A 1 87  ? -15.753 -5.840  3.966   1.00 18.10 ? 87  VAL A CG2 1 
ATOM   681  N N   . TYR A 1 88  ? -12.965 -4.404  7.176   1.00 13.69 ? 88  TYR A N   1 
ATOM   682  C CA  . TYR A 1 88  ? -11.776 -4.173  7.989   1.00 13.30 ? 88  TYR A CA  1 
ATOM   683  C C   . TYR A 1 88  ? -12.040 -4.483  9.459   1.00 13.59 ? 88  TYR A C   1 
ATOM   684  O O   . TYR A 1 88  ? -11.249 -5.176  10.115  1.00 13.64 ? 88  TYR A O   1 
ATOM   685  C CB  . TYR A 1 88  ? -11.329 -2.724  7.808   1.00 14.91 ? 88  TYR A CB  1 
ATOM   686  C CG  . TYR A 1 88  ? -10.110 -2.331  8.589   1.00 14.09 ? 88  TYR A CG  1 
ATOM   687  C CD1 . TYR A 1 88  ? -8.835  -2.625  8.117   1.00 14.28 ? 88  TYR A CD1 1 
ATOM   688  C CD2 . TYR A 1 88  ? -10.226 -1.653  9.792   1.00 14.84 ? 88  TYR A CD2 1 
ATOM   689  C CE1 . TYR A 1 88  ? -7.710  -2.250  8.824   1.00 14.82 ? 88  TYR A CE1 1 
ATOM   690  C CE2 . TYR A 1 88  ? -9.110  -1.274  10.503  1.00 15.53 ? 88  TYR A CE2 1 
ATOM   691  C CZ  . TYR A 1 88  ? -7.853  -1.580  10.014  1.00 14.59 ? 88  TYR A CZ  1 
ATOM   692  O OH  . TYR A 1 88  ? -6.733  -1.221  10.715  1.00 18.80 ? 88  TYR A OH  1 
ATOM   693  N N   . ASP A 1 89  ? -13.160 -3.986  9.990   1.00 13.97 ? 89  ASP A N   1 
ATOM   694  C CA  . ASP A 1 89  ? -13.484 -4.230  11.393  1.00 14.90 ? 89  ASP A CA  1 
ATOM   695  C C   . ASP A 1 89  ? -13.681 -5.713  11.688  1.00 15.02 ? 89  ASP A C   1 
ATOM   696  O O   . ASP A 1 89  ? -13.482 -6.145  12.830  1.00 16.44 ? 89  ASP A O   1 
ATOM   697  C CB  . ASP A 1 89  ? -14.746 -3.465  11.777  1.00 15.77 ? 89  ASP A CB  1 
ATOM   698  C CG  . ASP A 1 89  ? -14.500 -1.986  11.956  1.00 19.32 ? 89  ASP A CG  1 
ATOM   699  O OD1 . ASP A 1 89  ? -13.324 -1.585  12.063  1.00 19.85 ? 89  ASP A OD1 1 
ATOM   700  O OD2 . ASP A 1 89  ? -15.497 -1.240  11.995  1.00 23.19 ? 89  ASP A OD2 1 
ATOM   701  N N   . SER A 1 90  ? -14.098 -6.506  10.691  1.00 12.83 ? 90  SER A N   1 
ATOM   702  C CA  . SER A 1 90  ? -14.316 -7.937  10.887  1.00 13.20 ? 90  SER A CA  1 
ATOM   703  C C   . SER A 1 90  ? -13.018 -8.734  10.952  1.00 12.71 ? 90  SER A C   1 
ATOM   704  O O   . SER A 1 90  ? -13.041 -9.885  11.403  1.00 13.16 ? 90  SER A O   1 
ATOM   705  C CB  . SER A 1 90  ? -15.218 -8.494  9.779   1.00 14.53 ? 90  SER A CB  1 
ATOM   706  O OG  . SER A 1 90  ? -14.502 -8.719  8.569   1.00 14.33 ? 90  SER A OG  1 
ATOM   707  N N   . LEU A 1 91  ? -11.903 -8.164  10.499  1.00 12.54 ? 91  LEU A N   1 
ATOM   708  C CA  . LEU A 1 91  ? -10.632 -8.876  10.416  1.00 12.93 ? 91  LEU A CA  1 
ATOM   709  C C   . LEU A 1 91  ? -9.871  -8.849  11.738  1.00 12.53 ? 91  LEU A C   1 
ATOM   710  O O   . LEU A 1 91  ? -10.003 -7.918  12.537  1.00 13.53 ? 91  LEU A O   1 
ATOM   711  C CB  . LEU A 1 91  ? -9.747  -8.264  9.328   1.00 12.34 ? 91  LEU A CB  1 
ATOM   712  C CG  . LEU A 1 91  ? -10.261 -8.314  7.887   1.00 13.31 ? 91  LEU A CG  1 
ATOM   713  C CD1 . LEU A 1 91  ? -9.363  -7.458  7.008   1.00 14.68 ? 91  LEU A CD1 1 
ATOM   714  C CD2 . LEU A 1 91  ? -10.328 -9.737  7.352   1.00 13.75 ? 91  LEU A CD2 1 
ATOM   715  N N   . ASP A 1 92  ? -9.045  -9.871  11.938  1.00 12.51 ? 92  ASP A N   1 
ATOM   716  C CA  . ASP A 1 92  ? -8.041  -9.868  12.991  1.00 13.04 ? 92  ASP A CA  1 
ATOM   717  C C   . ASP A 1 92  ? -6.905  -8.904  12.633  1.00 14.51 ? 92  ASP A C   1 
ATOM   718  O O   . ASP A 1 92  ? -6.826  -8.373  11.523  1.00 12.89 ? 92  ASP A O   1 
ATOM   719  C CB  . ASP A 1 92  ? -7.446  -11.262 13.125  1.00 14.46 ? 92  ASP A CB  1 
ATOM   720  C CG  . ASP A 1 92  ? -6.872  -11.748 11.822  1.00 14.63 ? 92  ASP A CG  1 
ATOM   721  O OD1 . ASP A 1 92  ? -7.657  -12.263 11.000  1.00 13.52 ? 92  ASP A OD1 1 
ATOM   722  O OD2 . ASP A 1 92  ? -5.649  -11.546 11.605  1.00 14.12 ? 92  ASP A OD2 1 
ATOM   723  N N   . ALA A 1 93  ? -5.993  -8.712  13.592  1.00 14.53 ? 93  ALA A N   1 
ATOM   724  C CA  . ALA A 1 93  ? -4.969  -7.675  13.470  1.00 14.64 ? 93  ALA A CA  1 
ATOM   725  C C   . ALA A 1 93  ? -3.987  -7.947  12.333  1.00 13.65 ? 93  ALA A C   1 
ATOM   726  O O   . ALA A 1 93  ? -3.521  -7.006  11.677  1.00 15.24 ? 93  ALA A O   1 
ATOM   727  C CB  . ALA A 1 93  ? -4.229  -7.501  14.800  1.00 16.43 ? 93  ALA A CB  1 
ATOM   728  N N   . VAL A 1 94  ? -3.629  -9.209  12.101  1.00 13.53 ? 94  VAL A N   1 
ATOM   729  C CA  . VAL A 1 94  ? -2.685  -9.508  11.026  1.00 13.79 ? 94  VAL A CA  1 
ATOM   730  C C   . VAL A 1 94  ? -3.332  -9.265  9.671   1.00 12.37 ? 94  VAL A C   1 
ATOM   731  O O   . VAL A 1 94  ? -2.751  -8.616  8.793   1.00 12.47 ? 94  VAL A O   1 
ATOM   732  C CB  . VAL A 1 94  ? -2.125  -10.935 11.169  1.00 13.76 ? 94  VAL A CB  1 
ATOM   733  C CG1 . VAL A 1 94  ? -1.217  -11.283 9.997   1.00 14.26 ? 94  VAL A CG1 1 
ATOM   734  C CG2 . VAL A 1 94  ? -1.363  -11.059 12.479  1.00 16.20 ? 94  VAL A CG2 1 
ATOM   735  N N   . ARG A 1 95  ? -4.558  -9.749  9.485   1.00 11.64 ? 95  ARG A N   1 
ATOM   736  C CA  . ARG A 1 95  ? -5.237  -9.518  8.215   1.00 12.47 ? 95  ARG A CA  1 
ATOM   737  C C   . ARG A 1 95  ? -5.554  -8.041  7.989   1.00 11.41 ? 95  ARG A C   1 
ATOM   738  O O   . ARG A 1 95  ? -5.585  -7.588  6.840   1.00 11.11 ? 95  ARG A O   1 
ATOM   739  C CB  . ARG A 1 95  ? -6.484  -10.398 8.131   1.00 11.92 ? 95  ARG A CB  1 
ATOM   740  C CG  . ARG A 1 95  ? -6.161  -11.880 8.068   1.00 11.65 ? 95  ARG A CG  1 
ATOM   741  C CD  . ARG A 1 95  ? -7.414  -12.693 7.809   1.00 12.49 ? 95  ARG A CD  1 
ATOM   742  N NE  . ARG A 1 95  ? -7.142  -14.101 7.507   1.00 12.45 ? 95  ARG A NE  1 
ATOM   743  C CZ  . ARG A 1 95  ? -7.056  -15.062 8.425   1.00 11.66 ? 95  ARG A CZ  1 
ATOM   744  N NH1 . ARG A 1 95  ? -7.224  -14.777 9.712   1.00 13.54 ? 95  ARG A NH1 1 
ATOM   745  N NH2 . ARG A 1 95  ? -6.812  -16.313 8.042   1.00 12.76 ? 95  ARG A NH2 1 
ATOM   746  N N   . ARG A 1 96  ? -5.780  -7.270  9.055   1.00 12.20 ? 96  ARG A N   1 
ATOM   747  C CA  . ARG A 1 96  ? -5.950  -5.831  8.882   1.00 12.04 ? 96  ARG A CA  1 
ATOM   748  C C   . ARG A 1 96  ? -4.717  -5.199  8.248   1.00 11.08 ? 96  ARG A C   1 
ATOM   749  O O   . ARG A 1 96  ? -4.841  -4.247  7.469   1.00 11.73 ? 96  ARG A O   1 
ATOM   750  C CB  . ARG A 1 96  ? -6.253  -5.169  10.225  1.00 13.90 ? 96  ARG A CB  1 
ATOM   751  C CG  . ARG A 1 96  ? -7.693  -5.340  10.681  1.00 13.40 ? 96  ARG A CG  1 
ATOM   752  C CD  . ARG A 1 96  ? -7.938  -4.680  12.031  1.00 13.91 ? 96  ARG A CD  1 
ATOM   753  N NE  . ARG A 1 96  ? -9.304  -4.924  12.469  1.00 15.92 ? 96  ARG A NE  1 
ATOM   754  C CZ  . ARG A 1 96  ? -9.743  -4.745  13.708  1.00 15.73 ? 96  ARG A CZ  1 
ATOM   755  N NH1 . ARG A 1 96  ? -8.919  -4.305  14.652  1.00 18.54 ? 96  ARG A NH1 1 
ATOM   756  N NH2 . ARG A 1 96  ? -11.008 -5.005  14.000  1.00 16.64 ? 96  ARG A NH2 1 
ATOM   757  N N   . CYS A 1 97  ? -3.531  -5.725  8.541   1.00 10.85 ? 97  CYS A N   1 
ATOM   758  C CA  . CYS A 1 97  ? -2.332  -5.206  7.897   1.00 11.65 ? 97  CYS A CA  1 
ATOM   759  C C   . CYS A 1 97  ? -2.355  -5.460  6.398   1.00 10.66 ? 97  CYS A C   1 
ATOM   760  O O   . CYS A 1 97  ? -1.922  -4.606  5.612   1.00 11.62 ? 97  CYS A O   1 
ATOM   761  C CB  . CYS A 1 97  ? -1.092  -5.826  8.524   1.00 11.03 ? 97  CYS A CB  1 
ATOM   762  S SG  . CYS A 1 97  ? -0.791  -5.282  10.214  1.00 13.72 ? 97  CYS A SG  1 
ATOM   763  N N   . ALA A 1 98  ? -2.817  -6.642  5.986   1.00 11.36 ? 98  ALA A N   1 
ATOM   764  C CA  . ALA A 1 98  ? -2.935  -6.933  4.563   1.00 10.10 ? 98  ALA A CA  1 
ATOM   765  C C   . ALA A 1 98  ? -3.901  -5.967  3.886   1.00 9.26  ? 98  ALA A C   1 
ATOM   766  O O   . ALA A 1 98  ? -3.648  -5.508  2.766   1.00 10.40 ? 98  ALA A O   1 
ATOM   767  C CB  . ALA A 1 98  ? -3.364  -8.388  4.367   1.00 11.48 ? 98  ALA A CB  1 
ATOM   768  N N   . ALA A 1 99  ? -5.003  -5.629  4.562   1.00 10.39 ? 99  ALA A N   1 
ATOM   769  C CA  . ALA A 1 99  ? -5.956  -4.674  4.009   1.00 11.77 ? 99  ALA A CA  1 
ATOM   770  C C   . ALA A 1 99  ? -5.334  -3.291  3.853   1.00 11.49 ? 99  ALA A C   1 
ATOM   771  O O   . ALA A 1 99  ? -5.516  -2.627  2.822   1.00 11.40 ? 99  ALA A O   1 
ATOM   772  C CB  . ALA A 1 99  ? -7.192  -4.589  4.904   1.00 12.52 ? 99  ALA A CB  1 
ATOM   773  N N   . ILE A 1 100 ? -4.620  -2.825  4.880   1.00 10.64 ? 100 ILE A N   1 
ATOM   774  C CA  . ILE A 1 100 ? -3.965  -1.521  4.780   1.00 10.90 ? 100 ILE A CA  1 
ATOM   775  C C   . ILE A 1 100 ? -2.942  -1.540  3.660   1.00 11.07 ? 100 ILE A C   1 
ATOM   776  O O   . ILE A 1 100 ? -2.797  -0.568  2.913   1.00 11.55 ? 100 ILE A O   1 
ATOM   777  C CB  . ILE A 1 100 ? -3.326  -1.108  6.122   1.00 11.79 ? 100 ILE A CB  1 
ATOM   778  C CG1 . ILE A 1 100 ? -4.387  -0.957  7.212   1.00 11.63 ? 100 ILE A CG1 1 
ATOM   779  C CG2 . ILE A 1 100 ? -2.539  0.193   5.961   1.00 11.73 ? 100 ILE A CG2 1 
ATOM   780  C CD1 . ILE A 1 100 ? -3.818  -1.009  8.627   1.00 14.45 ? 100 ILE A CD1 1 
ATOM   781  N N   . ASN A 1 101 ? -2.209  -2.647  3.534   1.00 11.40 ? 101 ASN A N   1 
ATOM   782  C CA  . ASN A 1 101 ? -1.197  -2.770  2.493   1.00 10.67 ? 101 ASN A CA  1 
ATOM   783  C C   . ASN A 1 101 ? -1.813  -2.553  1.110   1.00 10.44 ? 101 ASN A C   1 
ATOM   784  O O   . ASN A 1 101 ? -1.287  -1.776  0.300   1.00 11.22 ? 101 ASN A O   1 
ATOM   785  C CB  . ASN A 1 101 ? -0.550  -4.155  2.629   1.00 10.13 ? 101 ASN A CB  1 
ATOM   786  C CG  . ASN A 1 101 ? 0.712   -4.311  1.812   1.00 10.74 ? 101 ASN A CG  1 
ATOM   787  O OD1 . ASN A 1 101 ? 0.718   -4.078  0.604   1.00 11.29 ? 101 ASN A OD1 1 
ATOM   788  N ND2 . ASN A 1 101 ? 1.779   -4.755  2.458   1.00 11.56 ? 101 ASN A ND2 1 
ATOM   789  N N   . MET A 1 102 ? -2.935  -3.223  0.821   1.00 10.58 ? 102 MET A N   1 
ATOM   790  C CA  . MET A 1 102 ? -3.577  -3.037  -0.476  1.00 10.28 ? 102 MET A CA  1 
ATOM   791  C C   . MET A 1 102 ? -4.015  -1.597  -0.696  1.00 11.34 ? 102 MET A C   1 
ATOM   792  O O   . MET A 1 102 ? -3.886  -1.073  -1.809  1.00 12.13 ? 102 MET A O   1 
ATOM   793  C CB  . MET A 1 102 ? -4.781  -3.960  -0.612  1.00 10.95 ? 102 MET A CB  1 
ATOM   794  C CG  . MET A 1 102 ? -4.405  -5.424  -0.693  1.00 11.36 ? 102 MET A CG  1 
ATOM   795  S SD  . MET A 1 102 ? -5.798  -6.502  -1.082  1.00 13.38 ? 102 MET A SD  1 
ATOM   796  C CE  . MET A 1 102 ? -6.077  -6.085  -2.797  1.00 14.60 ? 102 MET A CE  1 
ATOM   797  N N   . VAL A 1 103 ? -4.588  -0.963  0.329   1.00 11.80 ? 103 VAL A N   1 
ATOM   798  C CA  . VAL A 1 103 ? -5.061  0.409   0.164   1.00 12.97 ? 103 VAL A CA  1 
ATOM   799  C C   . VAL A 1 103 ? -3.885  1.350   -0.037  1.00 13.01 ? 103 VAL A C   1 
ATOM   800  O O   . VAL A 1 103 ? -3.955  2.295   -0.832  1.00 12.98 ? 103 VAL A O   1 
ATOM   801  C CB  . VAL A 1 103 ? -5.967  0.821   1.342   1.00 13.44 ? 103 VAL A CB  1 
ATOM   802  C CG1 . VAL A 1 103 ? -6.309  2.306   1.273   1.00 14.03 ? 103 VAL A CG1 1 
ATOM   803  C CG2 . VAL A 1 103 ? -7.238  -0.009  1.334   1.00 14.73 ? 103 VAL A CG2 1 
ATOM   804  N N   . PHE A 1 104 ? -2.783  1.096   0.665   1.00 11.37 ? 104 PHE A N   1 
ATOM   805  C CA  . PHE A 1 104 ? -1.565  1.873   0.464   1.00 11.77 ? 104 PHE A CA  1 
ATOM   806  C C   . PHE A 1 104 ? -1.093  1.770   -0.983  1.00 12.57 ? 104 PHE A C   1 
ATOM   807  O O   . PHE A 1 104 ? -0.731  2.778   -1.601  1.00 13.41 ? 104 PHE A O   1 
ATOM   808  C CB  . PHE A 1 104 ? -0.505  1.357   1.441   1.00 11.50 ? 104 PHE A CB  1 
ATOM   809  C CG  . PHE A 1 104 ? 0.782   2.150   1.470   1.00 11.47 ? 104 PHE A CG  1 
ATOM   810  C CD1 . PHE A 1 104 ? 1.756   1.949   0.506   1.00 12.77 ? 104 PHE A CD1 1 
ATOM   811  C CD2 . PHE A 1 104 ? 1.048   3.043   2.504   1.00 13.10 ? 104 PHE A CD2 1 
ATOM   812  C CE1 . PHE A 1 104 ? 2.955   2.643   0.546   1.00 13.30 ? 104 PHE A CE1 1 
ATOM   813  C CE2 . PHE A 1 104 ? 2.247   3.736   2.550   1.00 13.27 ? 104 PHE A CE2 1 
ATOM   814  C CZ  . PHE A 1 104 ? 3.198   3.540   1.569   1.00 13.40 ? 104 PHE A CZ  1 
ATOM   815  N N   . GLN A 1 105 ? -1.119  0.564   -1.552  1.00 12.20 ? 105 GLN A N   1 
ATOM   816  C CA  . GLN A 1 105 ? -0.600  0.376   -2.900  1.00 13.12 ? 105 GLN A CA  1 
ATOM   817  C C   . GLN A 1 105 ? -1.542  0.909   -3.974  1.00 14.11 ? 105 GLN A C   1 
ATOM   818  O O   . GLN A 1 105 ? -1.087  1.532   -4.942  1.00 15.48 ? 105 GLN A O   1 
ATOM   819  C CB  . GLN A 1 105 ? -0.299  -1.105  -3.156  1.00 12.76 ? 105 GLN A CB  1 
ATOM   820  C CG  . GLN A 1 105 ? 0.310   -1.350  -4.536  1.00 13.43 ? 105 GLN A CG  1 
ATOM   821  C CD  . GLN A 1 105 ? 0.574   -2.818  -4.828  1.00 13.02 ? 105 GLN A CD  1 
ATOM   822  O OE1 . GLN A 1 105 ? 0.281   -3.697  -4.021  1.00 12.95 ? 105 GLN A OE1 1 
ATOM   823  N NE2 . GLN A 1 105 ? 1.131   -3.090  -6.006  1.00 14.18 ? 105 GLN A NE2 1 
ATOM   824  N N   . MET A 1 106 ? -2.851  0.681   -3.853  1.00 13.31 ? 106 MET A N   1 
ATOM   825  C CA  A MET A 1 106 ? -3.732  1.026   -4.959  0.35 14.54 ? 106 MET A CA  1 
ATOM   826  C CA  B MET A 1 106 ? -3.799  0.953   -4.927  0.65 14.52 ? 106 MET A CA  1 
ATOM   827  C C   . MET A 1 106 ? -4.802  2.050   -4.618  1.00 16.49 ? 106 MET A C   1 
ATOM   828  O O   . MET A 1 106 ? -5.540  2.461   -5.525  1.00 17.13 ? 106 MET A O   1 
ATOM   829  C CB  A MET A 1 106 ? -4.351  -0.222  -5.607  0.35 16.30 ? 106 MET A CB  1 
ATOM   830  C CB  B MET A 1 106 ? -4.568  -0.325  -5.275  0.65 15.79 ? 106 MET A CB  1 
ATOM   831  C CG  A MET A 1 106 ? -5.386  -0.914  -4.765  0.35 16.39 ? 106 MET A CG  1 
ATOM   832  C CG  B MET A 1 106 ? -3.700  -1.347  -5.962  0.65 15.71 ? 106 MET A CG  1 
ATOM   833  S SD  A MET A 1 106 ? -5.718  -2.610  -5.288  0.35 18.87 ? 106 MET A SD  1 
ATOM   834  S SD  B MET A 1 106 ? -4.547  -2.898  -6.230  0.65 17.18 ? 106 MET A SD  1 
ATOM   835  C CE  A MET A 1 106 ? -4.268  -3.419  -4.605  0.35 17.25 ? 106 MET A CE  1 
ATOM   836  C CE  B MET A 1 106 ? -4.313  -3.669  -4.640  0.65 17.87 ? 106 MET A CE  1 
ATOM   837  N N   . GLY A 1 107 ? -4.884  2.494   -3.377  1.00 14.90 ? 107 GLY A N   1 
ATOM   838  C CA  . GLY A 1 107 ? -5.850  3.528   -3.043  1.00 17.03 ? 107 GLY A CA  1 
ATOM   839  C C   . GLY A 1 107 ? -7.194  2.963   -2.633  1.00 19.36 ? 107 GLY A C   1 
ATOM   840  O O   . GLY A 1 107 ? -7.610  1.880   -3.050  1.00 18.84 ? 107 GLY A O   1 
ATOM   841  N N   . GLU A 1 108 ? -7.897  3.741   -1.800  1.00 20.09 ? 108 GLU A N   1 
ATOM   842  C CA  . GLU A 1 108 ? -9.187  3.322   -1.265  1.00 23.84 ? 108 GLU A CA  1 
ATOM   843  C C   . GLU A 1 108 ? -10.173 3.036   -2.386  1.00 26.80 ? 108 GLU A C   1 
ATOM   844  O O   . GLU A 1 108 ? -10.952 2.078   -2.307  1.00 28.73 ? 108 GLU A O   1 
ATOM   845  C CB  . GLU A 1 108 ? -9.722  4.409   -0.330  1.00 25.71 ? 108 GLU A CB  1 
ATOM   846  C CG  . GLU A 1 108 ? -11.227 4.422   -0.182  1.00 28.28 ? 108 GLU A CG  1 
ATOM   847  C CD  . GLU A 1 108 ? -11.760 5.763   0.280   1.00 28.61 ? 108 GLU A CD  1 
ATOM   848  O OE1 . GLU A 1 108 ? -12.996 5.927   0.298   1.00 28.97 ? 108 GLU A OE1 1 
ATOM   849  O OE2 . GLU A 1 108 ? -10.948 6.653   0.618   1.00 31.69 ? 108 GLU A OE2 1 
ATOM   850  N N   . THR A 1 109 ? -10.149 3.850   -3.442  1.00 29.51 ? 109 THR A N   1 
ATOM   851  C CA  . THR A 1 109 ? -11.003 3.590   -4.595  1.00 31.78 ? 109 THR A CA  1 
ATOM   852  C C   . THR A 1 109 ? -10.474 2.418   -5.414  1.00 30.68 ? 109 THR A C   1 
ATOM   853  O O   . THR A 1 109 ? -11.235 1.525   -5.792  1.00 36.06 ? 109 THR A O   1 
ATOM   854  C CB  . THR A 1 109 ? -11.129 4.851   -5.454  1.00 32.23 ? 109 THR A CB  1 
ATOM   855  O OG1 . THR A 1 109 ? -9.947  5.018   -6.252  1.00 38.67 ? 109 THR A OG1 1 
ATOM   856  C CG2 . THR A 1 109 ? -11.334 6.081   -4.580  1.00 32.98 ? 109 THR A CG2 1 
ATOM   857  N N   . GLY A 1 110 ? -9.164  2.391   -5.674  1.00 30.15 ? 110 GLY A N   1 
ATOM   858  C CA  . GLY A 1 110 ? -8.539  1.381   -6.522  1.00 29.70 ? 110 GLY A CA  1 
ATOM   859  C C   . GLY A 1 110 ? -8.803  -0.050  -6.100  1.00 28.54 ? 110 GLY A C   1 
ATOM   860  O O   . GLY A 1 110 ? -8.500  -0.971  -6.868  1.00 32.88 ? 110 GLY A O   1 
ATOM   861  N N   . GLY A 1 113 ? -13.017 -2.557  -7.405  1.00 25.72 ? 113 GLY A N   1 
ATOM   862  C CA  . GLY A 1 113 ? -13.375 -3.757  -8.141  1.00 25.57 ? 113 GLY A CA  1 
ATOM   863  C C   . GLY A 1 113 ? -13.305 -5.037  -7.339  1.00 23.27 ? 113 GLY A C   1 
ATOM   864  O O   . GLY A 1 113 ? -13.664 -6.095  -7.863  1.00 23.87 ? 113 GLY A O   1 
ATOM   865  N N   . PHE A 1 114 ? -12.854 -4.961  -6.080  1.00 25.41 ? 114 PHE A N   1 
ATOM   866  C CA  . PHE A 1 114 ? -12.686 -6.120  -5.210  1.00 19.57 ? 114 PHE A CA  1 
ATOM   867  C C   . PHE A 1 114 ? -13.927 -6.421  -4.367  1.00 18.19 ? 114 PHE A C   1 
ATOM   868  O O   . PHE A 1 114 ? -13.807 -7.028  -3.297  1.00 16.76 ? 114 PHE A O   1 
ATOM   869  C CB  . PHE A 1 114 ? -11.440 -5.949  -4.333  1.00 18.14 ? 114 PHE A CB  1 
ATOM   870  C CG  . PHE A 1 114 ? -10.130 -6.033  -5.097  1.00 19.57 ? 114 PHE A CG  1 
ATOM   871  C CD1 . PHE A 1 114 ? -9.619  -4.931  -5.764  1.00 20.74 ? 114 PHE A CD1 1 
ATOM   872  C CD2 . PHE A 1 114 ? -9.411  -7.221  -5.135  1.00 18.53 ? 114 PHE A CD2 1 
ATOM   873  C CE1 . PHE A 1 114 ? -8.415  -5.018  -6.461  1.00 20.63 ? 114 PHE A CE1 1 
ATOM   874  C CE2 . PHE A 1 114 ? -8.212  -7.317  -5.831  1.00 18.76 ? 114 PHE A CE2 1 
ATOM   875  C CZ  . PHE A 1 114 ? -7.712  -6.214  -6.489  1.00 18.68 ? 114 PHE A CZ  1 
ATOM   876  N N   . THR A 1 115 ? -15.118 -6.043  -4.845  1.00 18.43 ? 115 THR A N   1 
ATOM   877  C CA  . THR A 1 115 ? -16.358 -6.286  -4.112  1.00 19.64 ? 115 THR A CA  1 
ATOM   878  C C   . THR A 1 115 ? -16.514 -7.748  -3.707  1.00 17.04 ? 115 THR A C   1 
ATOM   879  O O   . THR A 1 115 ? -16.874 -8.056  -2.564  1.00 17.43 ? 115 THR A O   1 
ATOM   880  C CB  . THR A 1 115 ? -17.546 -5.849  -4.969  1.00 21.30 ? 115 THR A CB  1 
ATOM   881  O OG1 . THR A 1 115 ? -17.396 -4.469  -5.315  1.00 24.55 ? 115 THR A OG1 1 
ATOM   882  C CG2 . THR A 1 115 ? -18.855 -6.056  -4.226  1.00 23.82 ? 115 THR A CG2 1 
ATOM   883  N N   . ASN A 1 116 ? -16.265 -8.671  -4.637  1.00 16.69 ? 116 ASN A N   1 
ATOM   884  C CA  . ASN A 1 116 ? -16.443 -10.082 -4.315  1.00 16.11 ? 116 ASN A CA  1 
ATOM   885  C C   . ASN A 1 116 ? -15.390 -10.562 -3.318  1.00 15.60 ? 116 ASN A C   1 
ATOM   886  O O   . ASN A 1 116 ? -15.696 -11.348 -2.414  1.00 15.00 ? 116 ASN A O   1 
ATOM   887  C CB  . ASN A 1 116 ? -16.431 -10.919 -5.596  1.00 15.84 ? 116 ASN A CB  1 
ATOM   888  C CG  . ASN A 1 116 ? -17.510 -10.495 -6.578  1.00 19.25 ? 116 ASN A CG  1 
ATOM   889  N N   . SER A 1 117 ? -14.145 -10.099 -3.463  1.00 14.87 ? 117 SER A N   1 
ATOM   890  C CA  . SER A 1 117 ? -13.115 -10.474 -2.500  1.00 14.88 ? 117 SER A CA  1 
ATOM   891  C C   . SER A 1 117 ? -13.457 -9.958  -1.112  1.00 13.87 ? 117 SER A C   1 
ATOM   892  O O   . SER A 1 117 ? -13.249 -10.658 -0.112  1.00 14.14 ? 117 SER A O   1 
ATOM   893  C CB  . SER A 1 117 ? -11.756 -9.917  -2.922  1.00 15.29 ? 117 SER A CB  1 
ATOM   894  O OG  . SER A 1 117 ? -11.380 -10.358 -4.215  1.00 22.95 ? 117 SER A OG  1 
ATOM   895  N N   . LEU A 1 118 ? -13.966 -8.725  -1.034  1.00 13.64 ? 118 LEU A N   1 
ATOM   896  C CA  . LEU A 1 118 ? -14.342 -8.152  0.252   1.00 15.04 ? 118 LEU A CA  1 
ATOM   897  C C   . LEU A 1 118 ? -15.410 -8.988  0.931   1.00 14.31 ? 118 LEU A C   1 
ATOM   898  O O   . LEU A 1 118 ? -15.343 -9.228  2.140   1.00 14.20 ? 118 LEU A O   1 
ATOM   899  C CB  . LEU A 1 118 ? -14.845 -6.720  0.067   1.00 15.31 ? 118 LEU A CB  1 
ATOM   900  C CG  . LEU A 1 118 ? -13.778 -5.671  -0.240  1.00 17.87 ? 118 LEU A CG  1 
ATOM   901  C CD1 . LEU A 1 118 ? -14.395 -4.421  -0.844  1.00 20.23 ? 118 LEU A CD1 1 
ATOM   902  C CD2 . LEU A 1 118 ? -12.984 -5.322  1.017   1.00 17.07 ? 118 LEU A CD2 1 
ATOM   903  N N   . ARG A 1 119 ? -16.411 -9.435  0.167   1.00 14.19 ? 119 ARG A N   1 
ATOM   904  C CA  . ARG A 1 119 ? -17.453 -10.270 0.751   1.00 16.33 ? 119 ARG A CA  1 
ATOM   905  C C   . ARG A 1 119 ? -16.871 -11.567 1.289   1.00 14.34 ? 119 ARG A C   1 
ATOM   906  O O   . ARG A 1 119 ? -17.204 -11.988 2.400   1.00 14.51 ? 119 ARG A O   1 
ATOM   907  C CB  . ARG A 1 119 ? -18.542 -10.562 -0.282  1.00 17.02 ? 119 ARG A CB  1 
ATOM   908  C CG  . ARG A 1 119 ? -19.671 -11.440 0.245   1.00 20.34 ? 119 ARG A CG  1 
ATOM   909  C CD  . ARG A 1 119 ? -20.661 -11.786 -0.855  1.00 25.44 ? 119 ARG A CD  1 
ATOM   910  N NE  . ARG A 1 119 ? -20.081 -12.697 -1.838  1.00 26.72 ? 119 ARG A NE  1 
ATOM   911  C CZ  . ARG A 1 119 ? -19.742 -12.346 -3.074  1.00 26.31 ? 119 ARG A CZ  1 
ATOM   912  N NH1 . ARG A 1 119 ? -19.927 -11.097 -3.490  1.00 24.62 ? 119 ARG A NH1 1 
ATOM   913  N NH2 . ARG A 1 119 ? -19.217 -13.247 -3.893  1.00 28.53 ? 119 ARG A NH2 1 
ATOM   914  N N   . MET A 1 120 ? -15.988 -12.212 0.516   1.00 14.10 ? 120 MET A N   1 
ATOM   915  C CA  . MET A 1 120 ? -15.390 -13.464 0.970   1.00 13.53 ? 120 MET A CA  1 
ATOM   916  C C   . MET A 1 120 ? -14.544 -13.265 2.220   1.00 13.00 ? 120 MET A C   1 
ATOM   917  O O   . MET A 1 120 ? -14.539 -14.117 3.117   1.00 13.96 ? 120 MET A O   1 
ATOM   918  C CB  . MET A 1 120 ? -14.542 -14.077 -0.139  1.00 13.19 ? 120 MET A CB  1 
ATOM   919  C CG  . MET A 1 120 ? -15.357 -14.477 -1.348  1.00 15.22 ? 120 MET A CG  1 
ATOM   920  S SD  . MET A 1 120 ? -14.294 -15.023 -2.690  1.00 17.62 ? 120 MET A SD  1 
ATOM   921  C CE  . MET A 1 120 ? -15.446 -15.035 -4.072  1.00 18.57 ? 120 MET A CE  1 
ATOM   922  N N   . LEU A 1 121 ? -13.794 -12.158 2.282   1.00 12.49 ? 121 LEU A N   1 
ATOM   923  C CA  . LEU A 1 121 ? -13.015 -11.859 3.481   1.00 12.60 ? 121 LEU A CA  1 
ATOM   924  C C   . LEU A 1 121 ? -13.918 -11.652 4.695   1.00 12.22 ? 121 LEU A C   1 
ATOM   925  O O   . LEU A 1 121 ? -13.634 -12.170 5.779   1.00 13.21 ? 121 LEU A O   1 
ATOM   926  C CB  . LEU A 1 121 ? -12.125 -10.632 3.250   1.00 12.31 ? 121 LEU A CB  1 
ATOM   927  C CG  . LEU A 1 121 ? -10.970 -10.830 2.264   1.00 12.01 ? 121 LEU A CG  1 
ATOM   928  C CD1 . LEU A 1 121 ? -10.314 -9.494  1.926   1.00 13.27 ? 121 LEU A CD1 1 
ATOM   929  C CD2 . LEU A 1 121 ? -9.930  -11.782 2.807   1.00 13.70 ? 121 LEU A CD2 1 
ATOM   930  N N   . GLN A 1 122 ? -15.008 -10.893 4.530   1.00 13.21 ? 122 GLN A N   1 
ATOM   931  C CA  . GLN A 1 122 ? -15.928 -10.677 5.645   1.00 16.81 ? 122 GLN A CA  1 
ATOM   932  C C   . GLN A 1 122 ? -16.530 -11.993 6.117   1.00 16.06 ? 122 GLN A C   1 
ATOM   933  O O   . GLN A 1 122 ? -16.777 -12.181 7.316   1.00 17.06 ? 122 GLN A O   1 
ATOM   934  C CB  . GLN A 1 122 ? -17.036 -9.705  5.247   1.00 17.33 ? 122 GLN A CB  1 
ATOM   935  C CG  . GLN A 1 122 ? -18.010 -9.420  6.385   1.00 23.26 ? 122 GLN A CG  1 
ATOM   936  C CD  . GLN A 1 122 ? -18.550 -8.007  6.388   1.00 27.87 ? 122 GLN A CD  1 
ATOM   937  O OE1 . GLN A 1 122 ? -18.251 -7.209  5.502   1.00 30.57 ? 122 GLN A OE1 1 
ATOM   938  N NE2 . GLN A 1 122 ? -19.363 -7.692  7.391   1.00 27.68 ? 122 GLN A NE2 1 
ATOM   939  N N   . GLN A 1 123 ? -16.775 -12.913 5.190   1.00 15.01 ? 123 GLN A N   1 
ATOM   940  C CA  . GLN A 1 123 ? -17.302 -14.232 5.516   1.00 14.23 ? 123 GLN A CA  1 
ATOM   941  C C   . GLN A 1 123 ? -16.241 -15.177 6.051   1.00 14.50 ? 123 GLN A C   1 
ATOM   942  O O   . GLN A 1 123 ? -16.579 -16.307 6.417   1.00 15.39 ? 123 GLN A O   1 
ATOM   943  C CB  . GLN A 1 123 ? -17.968 -14.867 4.292   1.00 16.73 ? 123 GLN A CB  1 
ATOM   944  C CG  . GLN A 1 123 ? -19.213 -14.152 3.830   1.00 19.68 ? 123 GLN A CG  1 
ATOM   945  C CD  . GLN A 1 123 ? -19.688 -14.645 2.478   1.00 23.18 ? 123 GLN A CD  1 
ATOM   946  O OE1 . GLN A 1 123 ? -18.884 -14.977 1.607   1.00 22.84 ? 123 GLN A OE1 1 
ATOM   947  N NE2 . GLN A 1 123 ? -21.001 -14.684 2.292   1.00 29.13 ? 123 GLN A NE2 1 
ATOM   948  N N   . LYS A 1 124 ? -14.974 -14.752 6.082   1.00 14.10 ? 124 LYS A N   1 
ATOM   949  C CA  . LYS A 1 124 ? -13.863 -15.581 6.549   1.00 13.97 ? 124 LYS A CA  1 
ATOM   950  C C   . LYS A 1 124 ? -13.684 -16.843 5.711   1.00 13.97 ? 124 LYS A C   1 
ATOM   951  O O   . LYS A 1 124 ? -13.259 -17.885 6.211   1.00 15.68 ? 124 LYS A O   1 
ATOM   952  C CB  . LYS A 1 124 ? -13.939 -15.868 8.051   1.00 14.94 ? 124 LYS A CB  1 
ATOM   953  C CG  . LYS A 1 124 ? -14.028 -14.569 8.851   1.00 14.56 ? 124 LYS A CG  1 
ATOM   954  C CD  . LYS A 1 124 ? -13.816 -14.779 10.337  1.00 17.03 ? 124 LYS A CD  1 
ATOM   955  C CE  . LYS A 1 124 ? -13.825 -13.457 11.084  1.00 16.63 ? 124 LYS A CE  1 
ATOM   956  N NZ  . LYS A 1 124 ? -12.782 -12.527 10.610  1.00 18.00 ? 124 LYS A NZ  1 
ATOM   957  N N   . ARG A 1 125 ? -13.972 -16.726 4.416   1.00 13.56 ? 125 ARG A N   1 
ATOM   958  C CA  . ARG A 1 125 ? -13.716 -17.803 3.462   1.00 13.99 ? 125 ARG A CA  1 
ATOM   959  C C   . ARG A 1 125 ? -12.353 -17.520 2.842   1.00 12.61 ? 125 ARG A C   1 
ATOM   960  O O   . ARG A 1 125 ? -12.236 -17.004 1.732   1.00 14.02 ? 125 ARG A O   1 
ATOM   961  C CB  . ARG A 1 125 ? -14.815 -17.853 2.406   1.00 17.04 ? 125 ARG A CB  1 
ATOM   962  C CG  . ARG A 1 125 ? -16.217 -18.068 2.957   1.00 17.22 ? 125 ARG A CG  1 
ATOM   963  C CD  . ARG A 1 125 ? -17.252 -17.602 1.946   1.00 23.38 ? 125 ARG A CD  1 
ATOM   964  N NE  . ARG A 1 125 ? -17.494 -18.570 0.883   1.00 34.24 ? 125 ARG A NE  1 
ATOM   965  C CZ  . ARG A 1 125 ? -18.638 -19.225 0.711   1.00 36.74 ? 125 ARG A CZ  1 
ATOM   966  N NH1 . ARG A 1 125 ? -19.660 -19.007 1.527   1.00 42.33 ? 125 ARG A NH1 1 
ATOM   967  N NH2 . ARG A 1 125 ? -18.762 -20.091 -0.287  1.00 37.28 ? 125 ARG A NH2 1 
ATOM   968  N N   . TRP A 1 126 ? -11.305 -17.883 3.586   1.00 12.91 ? 126 TRP A N   1 
ATOM   969  C CA  . TRP A 1 126 ? -9.966  -17.378 3.282   1.00 12.79 ? 126 TRP A CA  1 
ATOM   970  C C   . TRP A 1 126 ? -9.403  -17.952 1.988   1.00 12.39 ? 126 TRP A C   1 
ATOM   971  O O   . TRP A 1 126 ? -8.785  -17.222 1.204   1.00 12.87 ? 126 TRP A O   1 
ATOM   972  C CB  . TRP A 1 126 ? -9.012  -17.670 4.435   1.00 14.29 ? 126 TRP A CB  1 
ATOM   973  C CG  . TRP A 1 126 ? -9.479  -17.212 5.777   1.00 12.62 ? 126 TRP A CG  1 
ATOM   974  C CD1 . TRP A 1 126 ? -9.599  -17.982 6.905   1.00 13.32 ? 126 TRP A CD1 1 
ATOM   975  C CD2 . TRP A 1 126 ? -9.847  -15.875 6.164   1.00 13.38 ? 126 TRP A CD2 1 
ATOM   976  N NE1 . TRP A 1 126 ? -10.034 -17.214 7.955   1.00 13.73 ? 126 TRP A NE1 1 
ATOM   977  C CE2 . TRP A 1 126 ? -10.194 -15.917 7.531   1.00 12.39 ? 126 TRP A CE2 1 
ATOM   978  C CE3 . TRP A 1 126 ? -9.939  -14.651 5.483   1.00 13.64 ? 126 TRP A CE3 1 
ATOM   979  C CZ2 . TRP A 1 126 ? -10.606 -14.780 8.235   1.00 13.22 ? 126 TRP A CZ2 1 
ATOM   980  C CZ3 . TRP A 1 126 ? -10.355 -13.522 6.185   1.00 13.47 ? 126 TRP A CZ3 1 
ATOM   981  C CH2 . TRP A 1 126 ? -10.689 -13.596 7.545   1.00 13.15 ? 126 TRP A CH2 1 
ATOM   982  N N   . ASP A 1 127 ? -9.569  -19.260 1.753   1.00 13.02 ? 127 ASP A N   1 
ATOM   983  C CA  . ASP A 1 127 ? -9.034  -19.841 0.523   1.00 13.29 ? 127 ASP A CA  1 
ATOM   984  C C   . ASP A 1 127 ? -9.756  -19.288 -0.694  1.00 12.29 ? 127 ASP A C   1 
ATOM   985  O O   . ASP A 1 127 ? -9.133  -19.005 -1.727  1.00 14.02 ? 127 ASP A O   1 
ATOM   986  C CB  . ASP A 1 127 ? -9.158  -21.365 0.542   1.00 13.67 ? 127 ASP A CB  1 
ATOM   987  C CG  . ASP A 1 127 ? -8.131  -22.027 1.428   1.00 16.74 ? 127 ASP A CG  1 
ATOM   988  O OD1 . ASP A 1 127 ? -7.427  -21.328 2.180   1.00 19.82 ? 127 ASP A OD1 1 
ATOM   989  O OD2 . ASP A 1 127 ? -8.034  -23.272 1.375   1.00 21.18 ? 127 ASP A OD2 1 
ATOM   990  N N   . GLU A 1 128 ? -11.077 -19.147 -0.601  1.00 13.47 ? 128 GLU A N   1 
ATOM   991  C CA  . GLU A 1 128 ? -11.835 -18.589 -1.712  1.00 14.70 ? 128 GLU A CA  1 
ATOM   992  C C   . GLU A 1 128 ? -11.445 -17.141 -1.962  1.00 12.48 ? 128 GLU A C   1 
ATOM   993  O O   . GLU A 1 128 ? -11.305 -16.716 -3.115  1.00 13.11 ? 128 GLU A O   1 
ATOM   994  C CB  . GLU A 1 128 ? -13.332 -18.699 -1.427  1.00 16.45 ? 128 GLU A CB  1 
ATOM   995  C CG  . GLU A 1 128 ? -13.831 -20.126 -1.305  1.00 20.56 ? 128 GLU A CG  1 
ATOM   996  C CD  . GLU A 1 128 ? -15.288 -20.181 -0.915  1.00 28.02 ? 128 GLU A CD  1 
ATOM   997  O OE1 . GLU A 1 128 ? -16.152 -20.011 -1.803  1.00 34.11 ? 128 GLU A OE1 1 
ATOM   998  O OE2 . GLU A 1 128 ? -15.567 -20.377 0.285   1.00 31.69 ? 128 GLU A OE2 1 
ATOM   999  N N   . ALA A 1 129 ? -11.273 -16.366 -0.890  1.00 12.63 ? 129 ALA A N   1 
ATOM   1000 C CA  . ALA A 1 129 ? -10.828 -14.986 -1.056  1.00 12.21 ? 129 ALA A CA  1 
ATOM   1001 C C   . ALA A 1 129 ? -9.462  -14.929 -1.724  1.00 12.26 ? 129 ALA A C   1 
ATOM   1002 O O   . ALA A 1 129 ? -9.234  -14.107 -2.621  1.00 13.27 ? 129 ALA A O   1 
ATOM   1003 C CB  . ALA A 1 129 ? -10.795 -14.281 0.299   1.00 13.89 ? 129 ALA A CB  1 
ATOM   1004 N N   . ALA A 1 130 ? -8.544  -15.796 -1.299  1.00 12.61 ? 130 ALA A N   1 
ATOM   1005 C CA  . ALA A 1 130 ? -7.213  -15.825 -1.890  1.00 13.28 ? 130 ALA A CA  1 
ATOM   1006 C C   . ALA A 1 130 ? -7.277  -16.089 -3.386  1.00 14.39 ? 130 ALA A C   1 
ATOM   1007 O O   . ALA A 1 130 ? -6.578  -15.433 -4.168  1.00 14.56 ? 130 ALA A O   1 
ATOM   1008 C CB  . ALA A 1 130 ? -6.351  -16.873 -1.190  1.00 14.78 ? 130 ALA A CB  1 
ATOM   1009 N N   . VAL A 1 131 ? -8.098  -17.057 -3.802  1.00 13.48 ? 131 VAL A N   1 
ATOM   1010 C CA  . VAL A 1 131 ? -8.258  -17.341 -5.226  1.00 14.98 ? 131 VAL A CA  1 
ATOM   1011 C C   . VAL A 1 131 ? -8.822  -16.125 -5.956  1.00 13.00 ? 131 VAL A C   1 
ATOM   1012 O O   . VAL A 1 131 ? -8.353  -15.751 -7.037  1.00 14.57 ? 131 VAL A O   1 
ATOM   1013 C CB  . VAL A 1 131 ? -9.126  -18.597 -5.433  1.00 15.20 ? 131 VAL A CB  1 
ATOM   1014 C CG1 . VAL A 1 131 ? -9.514  -18.735 -6.896  1.00 16.57 ? 131 VAL A CG1 1 
ATOM   1015 C CG2 . VAL A 1 131 ? -8.396  -19.847 -4.943  1.00 17.02 ? 131 VAL A CG2 1 
ATOM   1016 N N   . ASN A 1 132 ? -9.849  -15.496 -5.385  1.00 12.49 ? 132 ASN A N   1 
ATOM   1017 C CA  . ASN A 1 132 ? -10.475 -14.363 -6.060  1.00 13.83 ? 132 ASN A CA  1 
ATOM   1018 C C   . ASN A 1 132 ? -9.526  -13.167 -6.146  1.00 14.06 ? 132 ASN A C   1 
ATOM   1019 O O   . ASN A 1 132 ? -9.505  -12.459 -7.160  1.00 13.69 ? 132 ASN A O   1 
ATOM   1020 C CB  . ASN A 1 132 ? -11.766 -13.984 -5.337  1.00 14.84 ? 132 ASN A CB  1 
ATOM   1021 C CG  . ASN A 1 132 ? -12.554 -12.922 -6.075  1.00 16.78 ? 132 ASN A CG  1 
ATOM   1022 O OD1 . ASN A 1 132 ? -12.426 -11.732 -5.791  1.00 17.71 ? 132 ASN A OD1 1 
ATOM   1023 N ND2 . ASN A 1 132 ? -13.371 -13.345 -7.028  1.00 18.82 ? 132 ASN A ND2 1 
ATOM   1024 N N   . LEU A 1 133 ? -8.731  -12.926 -5.092  1.00 12.55 ? 133 LEU A N   1 
ATOM   1025 C CA  . LEU A 1 133 ? -7.812  -11.790 -5.071  1.00 12.65 ? 133 LEU A CA  1 
ATOM   1026 C C   . LEU A 1 133 ? -6.755  -11.904 -6.160  1.00 12.30 ? 133 LEU A C   1 
ATOM   1027 O O   . LEU A 1 133 ? -6.287  -10.883 -6.678  1.00 13.60 ? 133 LEU A O   1 
ATOM   1028 C CB  . LEU A 1 133 ? -7.133  -11.718 -3.705  1.00 13.84 ? 133 LEU A CB  1 
ATOM   1029 C CG  . LEU A 1 133 ? -7.974  -11.162 -2.548  1.00 12.81 ? 133 LEU A CG  1 
ATOM   1030 C CD1 . LEU A 1 133 ? -7.377  -11.566 -1.209  1.00 14.42 ? 133 LEU A CD1 1 
ATOM   1031 C CD2 . LEU A 1 133 ? -8.105  -9.647  -2.647  1.00 15.83 ? 133 LEU A CD2 1 
ATOM   1032 N N   . ALA A 1 134 ? -6.360  -13.127 -6.512  1.00 13.05 ? 134 ALA A N   1 
ATOM   1033 C CA  . ALA A 1 134 ? -5.343  -13.333 -7.532  1.00 13.98 ? 134 ALA A CA  1 
ATOM   1034 C C   . ALA A 1 134 ? -5.869  -13.118 -8.946  1.00 13.52 ? 134 ALA A C   1 
ATOM   1035 O O   . ALA A 1 134 ? -5.068  -12.989 -9.879  1.00 13.92 ? 134 ALA A O   1 
ATOM   1036 C CB  . ALA A 1 134 ? -4.737  -14.731 -7.385  1.00 14.70 ? 134 ALA A CB  1 
ATOM   1037 N N   . LYS A 1 135 ? -7.182  -13.067 -9.140  1.00 12.01 ? 135 LYS A N   1 
ATOM   1038 C CA  . LYS A 1 135 ? -7.733  -12.822 -10.474 1.00 13.06 ? 135 LYS A CA  1 
ATOM   1039 C C   . LYS A 1 135 ? -7.855  -11.314 -10.667 1.00 13.33 ? 135 LYS A C   1 
ATOM   1040 O O   . LYS A 1 135 ? -8.940  -10.740 -10.668 1.00 13.53 ? 135 LYS A O   1 
ATOM   1041 C CB  . LYS A 1 135 ? -9.073  -13.527 -10.631 1.00 15.19 ? 135 LYS A CB  1 
ATOM   1042 C CG  . LYS A 1 135 ? -8.988  -15.033 -10.431 1.00 16.54 ? 135 LYS A CG  1 
ATOM   1043 C CD  . LYS A 1 135 ? -10.365 -15.678 -10.374 1.00 20.36 ? 135 LYS A CD  1 
ATOM   1044 C CE  . LYS A 1 135 ? -10.247 -17.198 -10.355 1.00 20.41 ? 135 LYS A CE  1 
ATOM   1045 N NZ  . LYS A 1 135 ? -11.559 -17.862 -10.085 1.00 25.63 ? 135 LYS A NZ  1 
ATOM   1046 N N   . SER A 1 136 ? -6.698  -10.672 -10.820 1.00 12.29 ? 136 SER A N   1 
ATOM   1047 C CA  . SER A 1 136 ? -6.662  -9.218  -10.780 1.00 11.97 ? 136 SER A CA  1 
ATOM   1048 C C   . SER A 1 136 ? -5.455  -8.723  -11.552 1.00 12.35 ? 136 SER A C   1 
ATOM   1049 O O   . SER A 1 136 ? -4.418  -9.387  -11.602 1.00 12.05 ? 136 SER A O   1 
ATOM   1050 C CB  . SER A 1 136 ? -6.591  -8.718  -9.330  1.00 11.56 ? 136 SER A CB  1 
ATOM   1051 O OG  . SER A 1 136 ? -5.425  -9.189  -8.675  1.00 12.39 ? 136 SER A OG  1 
ATOM   1052 N N   . ARG A 1 137 ? -5.588  -7.527  -12.128 1.00 11.79 ? 137 ARG A N   1 
ATOM   1053 C CA  . ARG A 1 137 ? -4.411  -6.867  -12.678 1.00 12.98 ? 137 ARG A CA  1 
ATOM   1054 C C   . ARG A 1 137 ? -3.334  -6.714  -11.614 1.00 13.16 ? 137 ARG A C   1 
ATOM   1055 O O   . ARG A 1 137 ? -2.146  -6.900  -11.894 1.00 13.41 ? 137 ARG A O   1 
ATOM   1056 C CB  . ARG A 1 137 ? -4.782  -5.502  -13.263 1.00 13.70 ? 137 ARG A CB  1 
ATOM   1057 C CG  . ARG A 1 137 ? -3.577  -4.775  -13.841 1.00 15.43 ? 137 ARG A CG  1 
ATOM   1058 C CD  . ARG A 1 137 ? -3.901  -3.398  -14.398 1.00 17.00 ? 137 ARG A CD  1 
ATOM   1059 N NE  . ARG A 1 137 ? -2.751  -2.841  -15.113 1.00 18.85 ? 137 ARG A NE  1 
ATOM   1060 C CZ  . ARG A 1 137 ? -1.750  -2.176  -14.537 1.00 21.09 ? 137 ARG A CZ  1 
ATOM   1061 N NH1 . ARG A 1 137 ? -1.744  -1.974  -13.225 1.00 19.52 ? 137 ARG A NH1 1 
ATOM   1062 N NH2 . ARG A 1 137 ? -0.742  -1.712  -15.271 1.00 20.12 ? 137 ARG A NH2 1 
ATOM   1063 N N   . TRP A 1 138 ? -3.745  -6.407  -10.378 1.00 12.52 ? 138 TRP A N   1 
ATOM   1064 C CA  . TRP A 1 138 ? -2.813  -6.275  -9.261  1.00 12.92 ? 138 TRP A CA  1 
ATOM   1065 C C   . TRP A 1 138 ? -1.898  -7.483  -9.151  1.00 13.14 ? 138 TRP A C   1 
ATOM   1066 O O   . TRP A 1 138 ? -0.668  -7.356  -9.129  1.00 13.73 ? 138 TRP A O   1 
ATOM   1067 C CB  . TRP A 1 138 ? -3.630  -6.128  -7.982  1.00 13.11 ? 138 TRP A CB  1 
ATOM   1068 C CG  . TRP A 1 138 ? -2.861  -6.201  -6.697  1.00 12.27 ? 138 TRP A CG  1 
ATOM   1069 C CD1 . TRP A 1 138 ? -1.821  -5.392  -6.303  1.00 12.55 ? 138 TRP A CD1 1 
ATOM   1070 C CD2 . TRP A 1 138 ? -3.134  -7.071  -5.592  1.00 12.08 ? 138 TRP A CD2 1 
ATOM   1071 N NE1 . TRP A 1 138 ? -1.415  -5.737  -5.030  1.00 12.52 ? 138 TRP A NE1 1 
ATOM   1072 C CE2 . TRP A 1 138 ? -2.200  -6.764  -4.574  1.00 11.28 ? 138 TRP A CE2 1 
ATOM   1073 C CE3 . TRP A 1 138 ? -4.061  -8.098  -5.370  1.00 12.52 ? 138 TRP A CE3 1 
ATOM   1074 C CZ2 . TRP A 1 138 ? -2.187  -7.419  -3.354  1.00 11.64 ? 138 TRP A CZ2 1 
ATOM   1075 C CZ3 . TRP A 1 138 ? -4.032  -8.762  -4.161  1.00 12.63 ? 138 TRP A CZ3 1 
ATOM   1076 C CH2 . TRP A 1 138 ? -3.094  -8.424  -3.169  1.00 12.37 ? 138 TRP A CH2 1 
ATOM   1077 N N   . TYR A 1 139 ? -2.488  -8.673  -9.089  1.00 12.66 ? 139 TYR A N   1 
ATOM   1078 C CA  . TYR A 1 139 ? -1.697  -9.888  -8.940  1.00 13.06 ? 139 TYR A CA  1 
ATOM   1079 C C   . TYR A 1 139 ? -0.807  -10.117 -10.156 1.00 15.56 ? 139 TYR A C   1 
ATOM   1080 O O   . TYR A 1 139 ? 0.363   -10.490 -10.020 1.00 16.99 ? 139 TYR A O   1 
ATOM   1081 C CB  . TYR A 1 139 ? -2.654  -11.060 -8.743  1.00 15.20 ? 139 TYR A CB  1 
ATOM   1082 C CG  . TYR A 1 139 ? -2.010  -12.420 -8.612  1.00 17.03 ? 139 TYR A CG  1 
ATOM   1083 C CD1 . TYR A 1 139 ? -1.594  -12.892 -7.376  1.00 16.80 ? 139 TYR A CD1 1 
ATOM   1084 C CD2 . TYR A 1 139 ? -1.846  -13.243 -9.720  1.00 19.81 ? 139 TYR A CD2 1 
ATOM   1085 C CE1 . TYR A 1 139 ? -1.023  -14.142 -7.245  1.00 21.84 ? 139 TYR A CE1 1 
ATOM   1086 C CE2 . TYR A 1 139 ? -1.274  -14.498 -9.599  1.00 22.72 ? 139 TYR A CE2 1 
ATOM   1087 C CZ  . TYR A 1 139 ? -0.869  -14.939 -8.358  1.00 23.54 ? 139 TYR A CZ  1 
ATOM   1088 O OH  . TYR A 1 139 ? -0.300  -16.187 -8.229  1.00 29.50 ? 139 TYR A OH  1 
ATOM   1089 N N   . ASN A 1 140 ? -1.334  -9.874  -11.354 1.00 12.77 ? 140 ASN A N   1 
ATOM   1090 C CA  . ASN A 1 140 ? -0.553  -10.118 -12.560 1.00 14.56 ? 140 ASN A CA  1 
ATOM   1091 C C   . ASN A 1 140 ? 0.612   -9.145  -12.703 1.00 14.70 ? 140 ASN A C   1 
ATOM   1092 O O   . ASN A 1 140 ? 1.686   -9.535  -13.183 1.00 16.31 ? 140 ASN A O   1 
ATOM   1093 C CB  . ASN A 1 140 ? -1.462  -10.082 -13.789 1.00 15.88 ? 140 ASN A CB  1 
ATOM   1094 C CG  . ASN A 1 140 ? -2.296  -11.338 -13.925 1.00 16.91 ? 140 ASN A CG  1 
ATOM   1095 O OD1 . ASN A 1 140 ? -3.469  -11.371 -13.548 1.00 18.85 ? 140 ASN A OD1 1 
ATOM   1096 N ND2 . ASN A 1 140 ? -1.682  -12.394 -14.432 1.00 18.78 ? 140 ASN A ND2 1 
ATOM   1097 N N   . GLN A 1 141 ? 0.440   -7.895  -12.280 1.00 12.88 ? 141 GLN A N   1 
ATOM   1098 C CA  . GLN A 1 141 ? 1.487   -6.898  -12.469 1.00 13.90 ? 141 GLN A CA  1 
ATOM   1099 C C   . GLN A 1 141 ? 2.519   -6.901  -11.347 1.00 13.60 ? 141 GLN A C   1 
ATOM   1100 O O   . GLN A 1 141 ? 3.701   -6.638  -11.598 1.00 14.89 ? 141 GLN A O   1 
ATOM   1101 C CB  . GLN A 1 141 ? 0.886   -5.498  -12.632 1.00 14.86 ? 141 GLN A CB  1 
ATOM   1102 C CG  . GLN A 1 141 ? -0.083  -5.368  -13.811 1.00 15.88 ? 141 GLN A CG  1 
ATOM   1103 C CD  . GLN A 1 141 ? 0.535   -5.712  -15.164 1.00 15.74 ? 141 GLN A CD  1 
ATOM   1104 O OE1 . GLN A 1 141 ? -0.046  -6.469  -15.951 1.00 18.63 ? 141 GLN A OE1 1 
ATOM   1105 N NE2 . GLN A 1 141 ? 1.707   -5.156  -15.444 1.00 17.76 ? 141 GLN A NE2 1 
ATOM   1106 N N   . THR A 1 142 ? 2.121   -7.164  -10.102 1.00 12.48 ? 142 THR A N   1 
ATOM   1107 C CA  . THR A 1 142 ? 3.066   -7.299  -8.992  1.00 12.25 ? 142 THR A CA  1 
ATOM   1108 C C   . THR A 1 142 ? 2.811   -8.626  -8.286  1.00 12.48 ? 142 THR A C   1 
ATOM   1109 O O   . THR A 1 142 ? 2.288   -8.662  -7.168  1.00 12.19 ? 142 THR A O   1 
ATOM   1110 C CB  . THR A 1 142 ? 2.994   -6.111  -8.024  1.00 11.92 ? 142 THR A CB  1 
ATOM   1111 O OG1 . THR A 1 142 ? 1.650   -5.914  -7.559  1.00 14.11 ? 142 THR A OG1 1 
ATOM   1112 C CG2 . THR A 1 142 ? 3.447   -4.829  -8.712  1.00 14.81 ? 142 THR A CG2 1 
ATOM   1113 N N   . PRO A 1 143 ? 3.170   -9.744  -8.926  1.00 12.52 ? 143 PRO A N   1 
ATOM   1114 C CA  . PRO A 1 143 ? 2.781   -11.054 -8.369  1.00 11.92 ? 143 PRO A CA  1 
ATOM   1115 C C   . PRO A 1 143 ? 3.475   -11.417 -7.076  1.00 12.79 ? 143 PRO A C   1 
ATOM   1116 O O   . PRO A 1 143 ? 2.854   -12.046 -6.215  1.00 12.60 ? 143 PRO A O   1 
ATOM   1117 C CB  . PRO A 1 143 ? 3.117   -12.042 -9.499  1.00 13.59 ? 143 PRO A CB  1 
ATOM   1118 C CG  . PRO A 1 143 ? 4.150   -11.333 -10.309 1.00 13.76 ? 143 PRO A CG  1 
ATOM   1119 C CD  . PRO A 1 143 ? 3.819   -9.870  -10.239 1.00 14.11 ? 143 PRO A CD  1 
ATOM   1120 N N   . ASN A 1 144 ? 4.742   -11.053 -6.899  1.00 12.21 ? 144 ASN A N   1 
ATOM   1121 C CA  . ASN A 1 144 ? 5.407   -11.457 -5.668  1.00 14.72 ? 144 ASN A CA  1 
ATOM   1122 C C   . ASN A 1 144 ? 4.839   -10.707 -4.474  1.00 13.78 ? 144 ASN A C   1 
ATOM   1123 O O   . ASN A 1 144 ? 4.574   -11.305 -3.424  1.00 13.73 ? 144 ASN A O   1 
ATOM   1124 C CB  . ASN A 1 144 ? 6.916   -11.270 -5.780  1.00 15.21 ? 144 ASN A CB  1 
ATOM   1125 C CG  . ASN A 1 144 ? 7.575   -12.393 -6.554  1.00 17.69 ? 144 ASN A CG  1 
ATOM   1126 O OD1 . ASN A 1 144 ? 7.007   -13.472 -6.701  1.00 23.38 ? 144 ASN A OD1 1 
ATOM   1127 N ND2 . ASN A 1 144 ? 8.778   -12.145 -7.046  1.00 23.75 ? 144 ASN A ND2 1 
ATOM   1128 N N   . ARG A 1 145 ? 4.619   -9.406  -4.626  1.00 11.98 ? 145 ARG A N   1 
ATOM   1129 C CA  . ARG A 1 145 ? 4.019   -8.646  -3.541  1.00 11.62 ? 145 ARG A CA  1 
ATOM   1130 C C   . ARG A 1 145 ? 2.575   -9.076  -3.309  1.00 13.65 ? 145 ARG A C   1 
ATOM   1131 O O   . ARG A 1 145 ? 2.155   -9.265  -2.160  1.00 12.32 ? 145 ARG A O   1 
ATOM   1132 C CB  . ARG A 1 145 ? 4.137   -7.158  -3.834  1.00 15.93 ? 145 ARG A CB  1 
ATOM   1133 C CG  . ARG A 1 145 ? 3.924   -6.280  -2.607  1.00 18.21 ? 145 ARG A CG  1 
ATOM   1134 C CD  . ARG A 1 145 ? 2.649   -5.555  -2.791  1.00 19.86 ? 145 ARG A CD  1 
ATOM   1135 N NE  . ARG A 1 145 ? 2.396   -4.493  -1.819  1.00 14.90 ? 145 ARG A NE  1 
ATOM   1136 C CZ  . ARG A 1 145 ? 2.924   -3.276  -1.850  1.00 13.86 ? 145 ARG A CZ  1 
ATOM   1137 N NH1 . ARG A 1 145 ? 3.800   -2.937  -2.785  1.00 15.35 ? 145 ARG A NH1 1 
ATOM   1138 N NH2 . ARG A 1 145 ? 2.545   -2.391  -0.942  1.00 13.02 ? 145 ARG A NH2 1 
ATOM   1139 N N   . ALA A 1 146 ? 1.811   -9.279  -4.381  1.00 12.03 ? 146 ALA A N   1 
ATOM   1140 C CA  . ALA A 1 146 ? 0.437   -9.742  -4.214  1.00 12.72 ? 146 ALA A CA  1 
ATOM   1141 C C   . ALA A 1 146 ? 0.390   -11.102 -3.529  1.00 13.11 ? 146 ALA A C   1 
ATOM   1142 O O   . ALA A 1 146 ? -0.473  -11.341 -2.672  1.00 13.07 ? 146 ALA A O   1 
ATOM   1143 C CB  . ALA A 1 146 ? -0.300  -9.765  -5.554  1.00 13.10 ? 146 ALA A CB  1 
ATOM   1144 N N   . LYS A 1 147 ? 1.307   -12.008 -3.881  1.00 11.41 ? 147 LYS A N   1 
ATOM   1145 C CA  . LYS A 1 147 ? 1.333   -13.313 -3.227  1.00 12.46 ? 147 LYS A CA  1 
ATOM   1146 C C   . LYS A 1 147 ? 1.598   -13.179 -1.732  1.00 13.06 ? 147 LYS A C   1 
ATOM   1147 O O   . LYS A 1 147 ? 0.988   -13.889 -0.927  1.00 13.01 ? 147 LYS A O   1 
ATOM   1148 C CB  . LYS A 1 147 ? 2.366   -14.230 -3.886  1.00 13.61 ? 147 LYS A CB  1 
ATOM   1149 C CG  . LYS A 1 147 ? 1.929   -14.835 -5.219  1.00 16.43 ? 147 LYS A CG  1 
ATOM   1150 C CD  . LYS A 1 147 ? 3.119   -15.460 -5.958  1.00 20.20 ? 147 LYS A CD  1 
ATOM   1151 C CE  . LYS A 1 147 ? 2.720   -15.987 -7.331  1.00 24.46 ? 147 LYS A CE  1 
ATOM   1152 N NZ  . LYS A 1 147 ? 3.871   -16.585 -8.073  1.00 28.91 ? 147 LYS A NZ  1 
ATOM   1153 N N   . ARG A 1 148 ? 2.493   -12.272 -1.335  1.00 12.39 ? 148 ARG A N   1 
ATOM   1154 C CA  . ARG A 1 148 ? 2.737   -12.092 0.096   1.00 11.61 ? 148 ARG A CA  1 
ATOM   1155 C C   . ARG A 1 148 ? 1.494   -11.578 0.803   1.00 11.08 ? 148 ARG A C   1 
ATOM   1156 O O   . ARG A 1 148 ? 1.142   -12.056 1.889   1.00 11.82 ? 148 ARG A O   1 
ATOM   1157 C CB  . ARG A 1 148 ? 3.898   -11.124 0.335   1.00 11.57 ? 148 ARG A CB  1 
ATOM   1158 C CG  . ARG A 1 148 ? 5.260   -11.682 -0.043  1.00 12.59 ? 148 ARG A CG  1 
ATOM   1159 C CD  . ARG A 1 148 ? 6.394   -10.826 0.511   1.00 13.26 ? 148 ARG A CD  1 
ATOM   1160 N NE  . ARG A 1 148 ? 6.491   -9.523  -0.145  1.00 12.80 ? 148 ARG A NE  1 
ATOM   1161 C CZ  . ARG A 1 148 ? 7.113   -9.298  -1.302  1.00 13.90 ? 148 ARG A CZ  1 
ATOM   1162 N NH1 . ARG A 1 148 ? 7.691   -10.298 -1.968  1.00 15.28 ? 148 ARG A NH1 1 
ATOM   1163 N NH2 . ARG A 1 148 ? 7.157   -8.070  -1.804  1.00 14.75 ? 148 ARG A NH2 1 
ATOM   1164 N N   . VAL A 1 149 ? 0.833   -10.588 0.207   1.00 10.70 ? 149 VAL A N   1 
ATOM   1165 C CA  . VAL A 1 149 ? -0.369  -10.021 0.810   1.00 11.96 ? 149 VAL A CA  1 
ATOM   1166 C C   . VAL A 1 149 ? -1.478  -11.062 0.861   1.00 11.60 ? 149 VAL A C   1 
ATOM   1167 O O   . VAL A 1 149 ? -2.172  -11.208 1.876   1.00 11.51 ? 149 VAL A O   1 
ATOM   1168 C CB  . VAL A 1 149 ? -0.788  -8.755  0.037   1.00 10.83 ? 149 VAL A CB  1 
ATOM   1169 C CG1 . VAL A 1 149 ? -2.125  -8.238  0.536   1.00 13.09 ? 149 VAL A CG1 1 
ATOM   1170 C CG2 . VAL A 1 149 ? 0.276   -7.676  0.169   1.00 11.64 ? 149 VAL A CG2 1 
ATOM   1171 N N   . ILE A 1 150 ? -1.671  -11.798 -0.235  1.00 11.80 ? 150 ILE A N   1 
ATOM   1172 C CA  . ILE A 1 150 ? -2.705  -12.830 -0.275  1.00 11.56 ? 150 ILE A CA  1 
ATOM   1173 C C   . ILE A 1 150 ? -2.417  -13.929 0.739   1.00 11.62 ? 150 ILE A C   1 
ATOM   1174 O O   . ILE A 1 150 ? -3.328  -14.413 1.418   1.00 12.34 ? 150 ILE A O   1 
ATOM   1175 C CB  . ILE A 1 150 ? -2.853  -13.385 -1.705  1.00 13.19 ? 150 ILE A CB  1 
ATOM   1176 C CG1 . ILE A 1 150 ? -3.451  -12.319 -2.620  1.00 13.62 ? 150 ILE A CG1 1 
ATOM   1177 C CG2 . ILE A 1 150 ? -3.708  -14.642 -1.704  1.00 13.79 ? 150 ILE A CG2 1 
ATOM   1178 C CD1 . ILE A 1 150 ? -3.450  -12.703 -4.097  1.00 14.03 ? 150 ILE A CD1 1 
ATOM   1179 N N   . THR A 1 151 ? -1.153  -14.335 0.871   1.00 11.62 ? 151 THR A N   1 
ATOM   1180 C CA  . THR A 1 151 ? -0.825  -15.348 1.870   1.00 13.56 ? 151 THR A CA  1 
ATOM   1181 C C   . THR A 1 151 ? -1.173  -14.859 3.272   1.00 13.09 ? 151 THR A C   1 
ATOM   1182 O O   . THR A 1 151 ? -1.625  -15.641 4.123   1.00 13.67 ? 151 THR A O   1 
ATOM   1183 C CB  . THR A 1 151 ? 0.652   -15.729 1.772   1.00 13.72 ? 151 THR A CB  1 
ATOM   1184 O OG1 . THR A 1 151 ? 0.872   -16.438 0.544   1.00 16.35 ? 151 THR A OG1 1 
ATOM   1185 C CG2 . THR A 1 151 ? 1.068   -16.625 2.942   1.00 15.83 ? 151 THR A CG2 1 
ATOM   1186 N N   . THR A 1 152 ? -0.969  -13.562 3.526   1.00 11.75 ? 152 THR A N   1 
ATOM   1187 C CA  . THR A 1 152 ? -1.344  -12.974 4.807   1.00 12.45 ? 152 THR A CA  1 
ATOM   1188 C C   . THR A 1 152 ? -2.856  -13.047 5.031   1.00 12.06 ? 152 THR A C   1 
ATOM   1189 O O   . THR A 1 152 ? -3.318  -13.395 6.129   1.00 12.58 ? 152 THR A O   1 
ATOM   1190 C CB  . THR A 1 152 ? -0.811  -11.533 4.882   1.00 12.11 ? 152 THR A CB  1 
ATOM   1191 O OG1 . THR A 1 152 ? 0.587   -11.519 4.554   1.00 12.34 ? 152 THR A OG1 1 
ATOM   1192 C CG2 . THR A 1 152 ? -0.990  -10.969 6.270   1.00 12.18 ? 152 THR A CG2 1 
ATOM   1193 N N   . PHE A 1 153 ? -3.649  -12.744 3.997   1.00 11.78 ? 153 PHE A N   1 
ATOM   1194 C CA  . PHE A 1 153 ? -5.102  -12.900 4.109   1.00 12.84 ? 153 PHE A CA  1 
ATOM   1195 C C   . PHE A 1 153 ? -5.497  -14.365 4.245   1.00 13.53 ? 153 PHE A C   1 
ATOM   1196 O O   . PHE A 1 153 ? -6.469  -14.693 4.942   1.00 15.12 ? 153 PHE A O   1 
ATOM   1197 C CB  . PHE A 1 153 ? -5.799  -12.337 2.870   1.00 12.26 ? 153 PHE A CB  1 
ATOM   1198 C CG  . PHE A 1 153 ? -6.042  -10.851 2.891   1.00 12.74 ? 153 PHE A CG  1 
ATOM   1199 C CD1 . PHE A 1 153 ? -6.729  -10.235 3.931   1.00 13.50 ? 153 PHE A CD1 1 
ATOM   1200 C CD2 . PHE A 1 153 ? -5.641  -10.086 1.811   1.00 13.72 ? 153 PHE A CD2 1 
ATOM   1201 C CE1 . PHE A 1 153 ? -6.969  -8.870  3.901   1.00 14.99 ? 153 PHE A CE1 1 
ATOM   1202 C CE2 . PHE A 1 153 ? -5.881  -8.732  1.777   1.00 14.26 ? 153 PHE A CE2 1 
ATOM   1203 C CZ  . PHE A 1 153 ? -6.549  -8.124  2.818   1.00 13.55 ? 153 PHE A CZ  1 
ATOM   1204 N N   . ARG A 1 154 ? -4.798  -15.258 3.552   1.00 12.47 ? 154 ARG A N   1 
ATOM   1205 C CA  . ARG A 1 154 ? -5.198  -16.661 3.582   1.00 13.28 ? 154 ARG A CA  1 
ATOM   1206 C C   . ARG A 1 154 ? -4.932  -17.282 4.944   1.00 14.76 ? 154 ARG A C   1 
ATOM   1207 O O   . ARG A 1 154 ? -5.777  -18.019 5.475   1.00 16.18 ? 154 ARG A O   1 
ATOM   1208 C CB  . ARG A 1 154 ? -4.477  -17.446 2.489   1.00 14.37 ? 154 ARG A CB  1 
ATOM   1209 C CG  . ARG A 1 154 ? -5.003  -18.861 2.371   1.00 17.46 ? 154 ARG A CG  1 
ATOM   1210 C CD  . ARG A 1 154 ? -4.354  -19.654 1.234   1.00 19.24 ? 154 ARG A CD  1 
ATOM   1211 N NE  . ARG A 1 154 ? -2.891  -19.626 1.259   1.00 23.87 ? 154 ARG A NE  1 
ATOM   1212 C CZ  . ARG A 1 154 ? -2.132  -20.419 2.011   1.00 23.20 ? 154 ARG A CZ  1 
ATOM   1213 N NH1 . ARG A 1 154 ? -2.691  -21.300 2.833   1.00 24.42 ? 154 ARG A NH1 1 
ATOM   1214 N NH2 . ARG A 1 154 ? -0.808  -20.314 1.961   1.00 28.84 ? 154 ARG A NH2 1 
ATOM   1215 N N   . THR A 1 155 ? -3.771  -16.992 5.530   1.00 14.68 ? 155 THR A N   1 
ATOM   1216 C CA  . THR A 1 155 ? -3.316  -17.685 6.729   1.00 15.28 ? 155 THR A CA  1 
ATOM   1217 C C   . THR A 1 155 ? -3.492  -16.890 8.013   1.00 15.87 ? 155 THR A C   1 
ATOM   1218 O O   . THR A 1 155 ? -3.523  -17.500 9.090   1.00 17.09 ? 155 THR A O   1 
ATOM   1219 C CB  . THR A 1 155 ? -1.835  -18.054 6.604   1.00 15.35 ? 155 THR A CB  1 
ATOM   1220 O OG1 . THR A 1 155 ? -1.038  -16.854 6.622   1.00 14.70 ? 155 THR A OG1 1 
ATOM   1221 C CG2 . THR A 1 155 ? -1.582  -18.839 5.325   1.00 16.76 ? 155 THR A CG2 1 
ATOM   1222 N N   . GLY A 1 156 ? -3.569  -15.563 7.939   1.00 14.39 ? 156 GLY A N   1 
ATOM   1223 C CA  . GLY A 1 156 ? -3.563  -14.773 9.148   1.00 14.59 ? 156 GLY A CA  1 
ATOM   1224 C C   . GLY A 1 156 ? -2.251  -14.816 9.895   1.00 14.48 ? 156 GLY A C   1 
ATOM   1225 O O   . GLY A 1 156 ? -2.222  -14.541 11.096  1.00 15.98 ? 156 GLY A O   1 
ATOM   1226 N N   . THR A 1 157 ? -1.163  -15.177 9.216   1.00 13.98 ? 157 THR A N   1 
ATOM   1227 C CA  . THR A 1 157 ? 0.175   -15.223 9.780   1.00 14.41 ? 157 THR A CA  1 
ATOM   1228 C C   . THR A 1 157 ? 1.076   -14.314 8.966   1.00 13.61 ? 157 THR A C   1 
ATOM   1229 O O   . THR A 1 157 ? 0.720   -13.857 7.874   1.00 13.34 ? 157 THR A O   1 
ATOM   1230 C CB  . THR A 1 157 ? 0.775   -16.634 9.723   1.00 15.25 ? 157 THR A CB  1 
ATOM   1231 O OG1 . THR A 1 157 ? 1.188   -16.926 8.378   1.00 15.16 ? 157 THR A OG1 1 
ATOM   1232 C CG2 . THR A 1 157 ? -0.231  -17.684 10.202  1.00 17.93 ? 157 THR A CG2 1 
ATOM   1233 N N   . TRP A 1 158 ? 2.270   -14.091 9.513   1.00 14.21 ? 158 TRP A N   1 
ATOM   1234 C CA  . TRP A 1 158 ? 3.321   -13.338 8.847   1.00 13.26 ? 158 TRP A CA  1 
ATOM   1235 C C   . TRP A 1 158 ? 4.247   -14.231 8.026   1.00 14.81 ? 158 TRP A C   1 
ATOM   1236 O O   . TRP A 1 158 ? 5.342   -13.794 7.661   1.00 15.69 ? 158 TRP A O   1 
ATOM   1237 C CB  . TRP A 1 158 ? 4.130   -12.557 9.880   1.00 14.63 ? 158 TRP A CB  1 
ATOM   1238 C CG  . TRP A 1 158 ? 3.368   -11.452 10.505  1.00 13.64 ? 158 TRP A CG  1 
ATOM   1239 C CD1 . TRP A 1 158 ? 2.969   -11.357 11.809  1.00 14.99 ? 158 TRP A CD1 1 
ATOM   1240 C CD2 . TRP A 1 158 ? 2.921   -10.258 9.857   1.00 14.19 ? 158 TRP A CD2 1 
ATOM   1241 N NE1 . TRP A 1 158 ? 2.294   -10.176 12.006  1.00 14.26 ? 158 TRP A NE1 1 
ATOM   1242 C CE2 . TRP A 1 158 ? 2.247   -9.487  10.823  1.00 13.98 ? 158 TRP A CE2 1 
ATOM   1243 C CE3 . TRP A 1 158 ? 3.017   -9.772  8.547   1.00 14.60 ? 158 TRP A CE3 1 
ATOM   1244 C CZ2 . TRP A 1 158 ? 1.689   -8.243  10.525  1.00 13.13 ? 158 TRP A CZ2 1 
ATOM   1245 C CZ3 . TRP A 1 158 ? 2.456   -8.548  8.253   1.00 14.78 ? 158 TRP A CZ3 1 
ATOM   1246 C CH2 . TRP A 1 158 ? 1.803   -7.795  9.237   1.00 13.51 ? 158 TRP A CH2 1 
ATOM   1247 N N   . ASP A 1 159 ? 3.822   -15.458 7.708   1.00 14.51 ? 159 ASP A N   1 
ATOM   1248 C CA  . ASP A 1 159 ? 4.740   -16.440 7.132   1.00 16.35 ? 159 ASP A CA  1 
ATOM   1249 C C   . ASP A 1 159 ? 5.381   -15.952 5.835   1.00 16.48 ? 159 ASP A C   1 
ATOM   1250 O O   . ASP A 1 159 ? 6.552   -16.250 5.571   1.00 17.29 ? 159 ASP A O   1 
ATOM   1251 C CB  . ASP A 1 159 ? 4.028   -17.770 6.907   1.00 16.95 ? 159 ASP A CB  1 
ATOM   1252 C CG  . ASP A 1 159 ? 3.822   -18.543 8.191   1.00 20.60 ? 159 ASP A CG  1 
ATOM   1253 O OD1 . ASP A 1 159 ? 4.251   -18.067 9.264   1.00 21.84 ? 159 ASP A OD1 1 
ATOM   1254 O OD2 . ASP A 1 159 ? 3.231   -19.640 8.122   1.00 24.17 ? 159 ASP A OD2 1 
ATOM   1255 N N   . ALA A 1 160 ? 4.634   -15.220 5.003   1.00 13.78 ? 160 ALA A N   1 
ATOM   1256 C CA  . ALA A 1 160 ? 5.193   -14.787 3.721   1.00 15.08 ? 160 ALA A CA  1 
ATOM   1257 C C   . ALA A 1 160 ? 6.308   -13.774 3.906   1.00 17.67 ? 160 ALA A C   1 
ATOM   1258 O O   . ALA A 1 160 ? 7.218   -13.696 3.069   1.00 19.50 ? 160 ALA A O   1 
ATOM   1259 C CB  . ALA A 1 160 ? 4.106   -14.214 2.810   1.00 16.13 ? 160 ALA A CB  1 
ATOM   1260 N N   . TYR A 1 161 ? 6.252   -12.998 4.983   1.00 14.16 ? 161 TYR A N   1 
ATOM   1261 C CA  . TYR A 1 161 ? 7.250   -11.978 5.263   1.00 15.81 ? 161 TYR A CA  1 
ATOM   1262 C C   . TYR A 1 161 ? 8.449   -12.554 6.007   1.00 19.81 ? 161 TYR A C   1 
ATOM   1263 O O   . TYR A 1 161 ? 9.593   -12.206 5.691   1.00 23.32 ? 161 TYR A O   1 
ATOM   1264 C CB  . TYR A 1 161 ? 6.587   -10.784 5.969   1.00 13.97 ? 161 TYR A CB  1 
ATOM   1265 C CG  . TYR A 1 161 ? 5.680   -10.046 5.004   1.00 12.75 ? 161 TYR A CG  1 
ATOM   1266 C CD1 . TYR A 1 161 ? 4.372   -10.463 4.789   1.00 13.41 ? 161 TYR A CD1 1 
ATOM   1267 C CD2 . TYR A 1 161 ? 6.155   -8.973  4.255   1.00 13.60 ? 161 TYR A CD2 1 
ATOM   1268 C CE1 . TYR A 1 161 ? 3.557   -9.821  3.874   1.00 12.14 ? 161 TYR A CE1 1 
ATOM   1269 C CE2 . TYR A 1 161 ? 5.341   -8.319  3.344   1.00 12.15 ? 161 TYR A CE2 1 
ATOM   1270 C CZ  . TYR A 1 161 ? 4.045   -8.750  3.154   1.00 11.62 ? 161 TYR A CZ  1 
ATOM   1271 O OH  . TYR A 1 161 ? 3.235   -8.124  2.244   1.00 11.82 ? 161 TYR A OH  1 
ATOM   1272 N N   . LYS A 1 162 ? 8.216   -13.470 6.944   1.00 20.52 ? 162 LYS A N   1 
ATOM   1273 C CA  . LYS A 1 162 ? 9.301   -14.154 7.636   1.00 22.54 ? 162 LYS A CA  1 
ATOM   1274 C C   . LYS A 1 162 ? 10.074  -15.030 6.657   1.00 25.28 ? 162 LYS A C   1 
ATOM   1275 O O   . LYS A 1 162 ? 11.301  -14.962 6.580   1.00 27.87 ? 162 LYS A O   1 
ATOM   1276 C CB  . LYS A 1 162 ? 8.747   -15.017 8.771   1.00 26.26 ? 162 LYS A CB  1 
ATOM   1277 C CG  . LYS A 1 162 ? 8.169   -14.225 9.938   1.00 27.85 ? 162 LYS A CG  1 
ATOM   1278 C CD  . LYS A 1 162 ? 7.641   -15.142 11.042  1.00 30.85 ? 162 LYS A CD  1 
ATOM   1279 C CE  . LYS A 1 162 ? 6.843   -16.308 10.473  1.00 31.09 ? 162 LYS A CE  1 
ATOM   1280 N NZ  . LYS A 1 162 ? 5.523   -16.478 11.152  1.00 33.12 ? 162 LYS A NZ  1 
HETATM 1281 C C10 . YGM B 2 .   ? -9.718  -5.675  2.500   1.00 18.32 ? 201 YGM A C10 1 
HETATM 1282 C C01 . YGM B 2 .   ? -8.866  -7.248  -0.175  1.00 27.22 ? 201 YGM A C01 1 
HETATM 1283 C C02 . YGM B 2 .   ? -9.505  -6.298  -0.821  1.00 23.79 ? 201 YGM A C02 1 
HETATM 1284 C C03 . YGM B 2 .   ? -9.248  -4.813  -0.551  1.00 23.23 ? 201 YGM A C03 1 
HETATM 1285 C C04 . YGM B 2 .   ? -8.416  -4.505  0.699   1.00 20.11 ? 201 YGM A C04 1 
HETATM 1286 C C05 . YGM B 2 .   ? -9.293  -4.472  1.954   1.00 17.16 ? 201 YGM A C05 1 
HETATM 1287 C C06 . YGM B 2 .   ? -9.670  -3.267  2.532   1.00 18.77 ? 201 YGM A C06 1 
HETATM 1288 C C07 . YGM B 2 .   ? -10.473 -3.277  3.666   1.00 18.93 ? 201 YGM A C07 1 
HETATM 1289 C C08 . YGM B 2 .   ? -10.889 -4.484  4.204   1.00 17.73 ? 201 YGM A C08 1 
HETATM 1290 C C09 . YGM B 2 .   ? -10.517 -5.682  3.627   1.00 18.58 ? 201 YGM A C09 1 
HETATM 1291 C C   . TRS C 3 .   ? 3.023   2.992   -4.541  1.00 15.08 ? 202 TRS A C   1 
HETATM 1292 C C1  . TRS C 3 .   ? 1.900   2.732   -5.548  1.00 17.69 ? 202 TRS A C1  1 
HETATM 1293 C C2  . TRS C 3 .   ? 2.724   2.333   -3.192  1.00 15.20 ? 202 TRS A C2  1 
HETATM 1294 C C3  . TRS C 3 .   ? 4.319   2.458   -5.152  1.00 17.40 ? 202 TRS A C3  1 
HETATM 1295 N N   . TRS C 3 .   ? 3.166   4.415   -4.278  1.00 15.91 ? 202 TRS A N   1 
HETATM 1296 O O1  . TRS C 3 .   ? 0.763   3.454   -5.169  1.00 19.36 ? 202 TRS A O1  1 
HETATM 1297 O O2  . TRS C 3 .   ? 2.536   0.960   -3.387  1.00 15.42 ? 202 TRS A O2  1 
HETATM 1298 O O3  . TRS C 3 .   ? 5.391   2.691   -4.281  1.00 17.77 ? 202 TRS A O3  1 
HETATM 1299 O O   . HOH D 4 .   ? -7.795  4.219   -5.672  1.00 31.31 ? 301 HOH A O   1 
HETATM 1300 O O   . HOH D 4 .   ? 1.694   14.428  -4.736  1.00 21.44 ? 302 HOH A O   1 
HETATM 1301 O O   . HOH D 4 .   ? 6.492   9.181   -14.903 1.00 26.47 ? 303 HOH A O   1 
HETATM 1302 O O   . HOH D 4 .   ? 2.935   15.109  10.080  1.00 22.43 ? 304 HOH A O   1 
HETATM 1303 O O   . HOH D 4 .   ? 12.470  8.243   12.125  1.00 28.62 ? 305 HOH A O   1 
HETATM 1304 O O   . HOH D 4 .   ? 3.044   5.466   13.800  1.00 17.32 ? 306 HOH A O   1 
HETATM 1305 O O   . HOH D 4 .   ? 4.104   5.474   -6.573  1.00 17.53 ? 307 HOH A O   1 
HETATM 1306 O O   . HOH D 4 .   ? -7.078  9.268   3.426   1.00 29.28 ? 308 HOH A O   1 
HETATM 1307 O O   . HOH D 4 .   ? -5.368  -22.277 3.535   1.00 27.63 ? 309 HOH A O   1 
HETATM 1308 O O   . HOH D 4 .   ? 16.013  15.157  8.166   1.00 26.91 ? 310 HOH A O   1 
HETATM 1309 O O   . HOH D 4 .   ? 3.132   14.108  -2.207  1.00 24.56 ? 311 HOH A O   1 
HETATM 1310 O O   . HOH D 4 .   ? -17.907 -5.597  10.616  1.00 23.60 ? 312 HOH A O   1 
HETATM 1311 O O   . HOH D 4 .   ? 4.479   16.923  7.500   1.00 17.95 ? 313 HOH A O   1 
HETATM 1312 O O   . HOH D 4 .   ? 7.840   5.464   10.002  1.00 24.60 ? 314 HOH A O   1 
HETATM 1313 O O   . HOH D 4 .   ? 1.416   3.086   -8.964  1.00 26.14 ? 315 HOH A O   1 
HETATM 1314 O O   . HOH D 4 .   ? 7.158   -5.383  -3.425  1.00 24.26 ? 316 HOH A O   1 
HETATM 1315 O O   . HOH D 4 .   ? 7.525   -14.793 0.635   1.00 21.53 ? 317 HOH A O   1 
HETATM 1316 O O   . HOH D 4 .   ? 3.567   -3.392  -14.596 1.00 28.41 ? 318 HOH A O   1 
HETATM 1317 O O   . HOH D 4 .   ? -11.296 -10.895 -11.993 1.00 20.97 ? 319 HOH A O   1 
HETATM 1318 O O   . HOH D 4 .   ? -0.705  10.212  1.813   1.00 28.68 ? 320 HOH A O   1 
HETATM 1319 O O   . HOH D 4 .   ? 4.931   10.134  -12.744 1.00 19.87 ? 321 HOH A O   1 
HETATM 1320 O O   . HOH D 4 .   ? 0.737   -12.360 -15.676 1.00 21.53 ? 322 HOH A O   1 
HETATM 1321 O O   . HOH D 4 .   ? 19.699  11.925  1.462   1.00 29.08 ? 323 HOH A O   1 
HETATM 1322 O O   . HOH D 4 .   ? 8.466   1.477   -3.542  1.00 18.05 ? 324 HOH A O   1 
HETATM 1323 O O   . HOH D 4 .   ? -13.353 -11.181 8.310   1.00 15.77 ? 325 HOH A O   1 
HETATM 1324 O O   . HOH D 4 .   ? -4.410  -13.704 12.729  1.00 18.92 ? 326 HOH A O   1 
HETATM 1325 O O   . HOH D 4 .   ? 5.706   6.637   2.223   1.00 13.36 ? 327 HOH A O   1 
HETATM 1326 O O   . HOH D 4 .   ? 12.379  18.473  -5.174  1.00 17.47 ? 328 HOH A O   1 
HETATM 1327 O O   . HOH D 4 .   ? 16.480  22.278  1.600   1.00 24.51 ? 329 HOH A O   1 
HETATM 1328 O O   . HOH D 4 .   ? 5.372   -6.227  -13.746 1.00 17.89 ? 330 HOH A O   1 
HETATM 1329 O O   . HOH D 4 .   ? -10.194 -8.157  15.277  1.00 17.84 ? 331 HOH A O   1 
HETATM 1330 O O   . HOH D 4 .   ? -0.917  -4.650  -1.724  1.00 13.36 ? 332 HOH A O   1 
HETATM 1331 O O   . HOH D 4 .   ? 8.397   -2.267  14.178  1.00 19.86 ? 333 HOH A O   1 
HETATM 1332 O O   . HOH D 4 .   ? -1.211  -14.780 13.658  1.00 27.70 ? 334 HOH A O   1 
HETATM 1333 O O   . HOH D 4 .   ? 5.457   0.024   -16.130 1.00 23.08 ? 335 HOH A O   1 
HETATM 1334 O O   . HOH D 4 .   ? -18.721 -4.118  2.368   1.00 31.67 ? 336 HOH A O   1 
HETATM 1335 O O   . HOH D 4 .   ? -2.179  -17.790 -0.691  1.00 25.99 ? 337 HOH A O   1 
HETATM 1336 O O   . HOH D 4 .   ? 10.736  10.676  10.990  1.00 21.12 ? 338 HOH A O   1 
HETATM 1337 O O   . HOH D 4 .   ? 12.477  18.192  7.216   1.00 26.72 ? 339 HOH A O   1 
HETATM 1338 O O   . HOH D 4 .   ? -14.488 -8.564  -6.895  1.00 22.68 ? 340 HOH A O   1 
HETATM 1339 O O   . HOH D 4 .   ? -3.273  -20.254 9.388   1.00 28.90 ? 341 HOH A O   1 
HETATM 1340 O O   . HOH D 4 .   ? 8.287   7.657   2.403   1.00 13.36 ? 342 HOH A O   1 
HETATM 1341 O O   . HOH D 4 .   ? -5.268  -13.429 -12.962 1.00 25.06 ? 343 HOH A O   1 
HETATM 1342 O O   . HOH D 4 .   ? 4.905   -3.721  -5.232  1.00 27.02 ? 344 HOH A O   1 
HETATM 1343 O O   . HOH D 4 .   ? -17.172 -11.297 9.950   1.00 22.18 ? 345 HOH A O   1 
HETATM 1344 O O   . HOH D 4 .   ? 2.226   -13.660 5.510   1.00 15.43 ? 346 HOH A O   1 
HETATM 1345 O O   . HOH D 4 .   ? 17.703  17.733  -0.203  1.00 22.51 ? 347 HOH A O   1 
HETATM 1346 O O   . HOH D 4 .   ? 2.484   12.029  3.282   1.00 19.54 ? 348 HOH A O   1 
HETATM 1347 O O   . HOH D 4 .   ? -12.865 -17.968 -5.110  1.00 19.85 ? 349 HOH A O   1 
HETATM 1348 O O   . HOH D 4 .   ? 11.841  2.463   -2.151  1.00 20.60 ? 350 HOH A O   1 
HETATM 1349 O O   . HOH D 4 .   ? 1.898   -9.196  14.638  1.00 20.23 ? 351 HOH A O   1 
HETATM 1350 O O   . HOH D 4 .   ? -6.668  -20.277 6.944   1.00 21.23 ? 352 HOH A O   1 
HETATM 1351 O O   . HOH D 4 .   ? -20.809 0.613   6.342   1.00 33.06 ? 353 HOH A O   1 
HETATM 1352 O O   . HOH D 4 .   ? 3.899   22.422  2.697   1.00 13.70 ? 354 HOH A O   1 
HETATM 1353 O O   . HOH D 4 .   ? -0.889  12.721  -10.312 1.00 27.88 ? 355 HOH A O   1 
HETATM 1354 O O   . HOH D 4 .   ? 7.672   6.470   -16.818 1.00 27.75 ? 356 HOH A O   1 
HETATM 1355 O O   . HOH D 4 .   ? 10.274  1.387   -12.434 1.00 21.65 ? 357 HOH A O   1 
HETATM 1356 O O   . HOH D 4 .   ? 5.805   -13.875 -2.970  1.00 18.99 ? 358 HOH A O   1 
HETATM 1357 O O   . HOH D 4 .   ? 12.949  2.708   -10.227 1.00 28.11 ? 359 HOH A O   1 
HETATM 1358 O O   . HOH D 4 .   ? -6.724  -17.486 -8.683  1.00 21.07 ? 360 HOH A O   1 
HETATM 1359 O O   . HOH D 4 .   ? 18.577  5.865   -1.346  1.00 24.70 ? 361 HOH A O   1 
HETATM 1360 O O   . HOH D 4 .   ? 1.907   8.197   -1.604  1.00 23.42 ? 362 HOH A O   1 
HETATM 1361 O O   . HOH D 4 .   ? 14.506  25.138  1.302   1.00 27.69 ? 363 HOH A O   1 
HETATM 1362 O O   . HOH D 4 .   ? 5.590   -1.108  -4.628  1.00 25.46 ? 364 HOH A O   1 
HETATM 1363 O O   . HOH D 4 .   ? -4.252  -17.069 -4.783  1.00 22.94 ? 365 HOH A O   1 
HETATM 1364 O O   . HOH D 4 .   ? 19.390  10.274  5.853   1.00 27.44 ? 366 HOH A O   1 
HETATM 1365 O O   . HOH D 4 .   ? 13.558  5.205   -11.608 1.00 25.44 ? 367 HOH A O   1 
HETATM 1366 O O   . HOH D 4 .   ? 0.028   -4.223  -9.312  1.00 19.84 ? 368 HOH A O   1 
HETATM 1367 O O   . HOH D 4 .   ? -18.119 5.298   1.285   1.00 32.23 ? 369 HOH A O   1 
HETATM 1368 O O   . HOH D 4 .   ? -1.893  6.151   1.529   1.00 22.85 ? 370 HOH A O   1 
HETATM 1369 O O   . HOH D 4 .   ? -3.980  4.963   0.398   1.00 25.81 ? 371 HOH A O   1 
HETATM 1370 O O   . HOH D 4 .   ? 8.039   -13.170 -1.412  1.00 17.63 ? 372 HOH A O   1 
HETATM 1371 O O   . HOH D 4 .   ? 2.808   -15.111 12.226  1.00 21.33 ? 373 HOH A O   1 
HETATM 1372 O O   . HOH D 4 .   ? -10.403 -2.588  -8.786  1.00 27.47 ? 374 HOH A O   1 
HETATM 1373 O O   . HOH D 4 .   ? 6.727   16.552  5.936   1.00 25.97 ? 375 HOH A O   1 
HETATM 1374 O O   . HOH D 4 .   ? 17.772  11.072  8.429   1.00 26.73 ? 376 HOH A O   1 
HETATM 1375 O O   . HOH D 4 .   ? 6.076   0.227   -7.261  1.00 29.41 ? 377 HOH A O   1 
HETATM 1376 O O   . HOH D 4 .   ? 15.060  -0.466  -1.021  1.00 28.91 ? 378 HOH A O   1 
HETATM 1377 O O   . HOH D 4 .   ? -0.939  11.506  9.147   1.00 22.79 ? 379 HOH A O   1 
HETATM 1378 O O   . HOH D 4 .   ? 15.611  0.954   6.954   1.00 32.93 ? 380 HOH A O   1 
HETATM 1379 O O   . HOH D 4 .   ? 0.551   16.047  -9.185  1.00 31.59 ? 381 HOH A O   1 
HETATM 1380 O O   . HOH D 4 .   ? -13.650 0.684   -2.415  1.00 33.38 ? 382 HOH A O   1 
HETATM 1381 O O   . HOH D 4 .   ? -6.465  -20.468 -1.785  1.00 23.81 ? 383 HOH A O   1 
HETATM 1382 O O   . HOH D 4 .   ? -4.070  -2.260  -11.243 1.00 27.78 ? 384 HOH A O   1 
HETATM 1383 O O   . HOH D 4 .   ? 10.964  -4.251  7.598   1.00 26.51 ? 385 HOH A O   1 
HETATM 1384 O O   . HOH D 4 .   ? -8.180  6.250   -3.786  1.00 30.55 ? 386 HOH A O   1 
HETATM 1385 O O   . HOH D 4 .   ? -8.373  -21.514 5.165   1.00 22.73 ? 387 HOH A O   1 
HETATM 1386 O O   . HOH D 4 .   ? 12.498  -12.799 4.478   1.00 31.99 ? 388 HOH A O   1 
HETATM 1387 O O   . HOH D 4 .   ? -12.997 -16.558 -7.529  1.00 15.67 ? 389 HOH A O   1 
HETATM 1388 O O   . HOH D 4 .   ? 9.929   -16.756 4.292   1.00 33.93 ? 390 HOH A O   1 
HETATM 1389 O O   . HOH D 4 .   ? 18.735  15.755  1.682   1.00 30.31 ? 391 HOH A O   1 
HETATM 1390 O O   . HOH D 4 .   ? 10.596  -14.395 3.309   1.00 32.02 ? 392 HOH A O   1 
HETATM 1391 O O   . HOH D 4 .   ? 12.026  0.934   -4.496  1.00 30.21 ? 393 HOH A O   1 
HETATM 1392 O O   . HOH D 4 .   ? -6.317  -17.500 11.632  1.00 30.40 ? 394 HOH A O   1 
HETATM 1393 O O   . HOH D 4 .   ? 10.500  -12.347 2.125   1.00 33.77 ? 395 HOH A O   1 
HETATM 1394 O O   . HOH D 4 .   ? -18.680 -6.923  1.760   1.00 32.22 ? 396 HOH A O   1 
HETATM 1395 O O   . HOH D 4 .   ? 4.769   -15.215 -0.662  1.00 25.00 ? 397 HOH A O   1 
HETATM 1396 O O   . HOH D 4 .   ? -1.730  -16.339 -4.627  1.00 27.85 ? 398 HOH A O   1 
HETATM 1397 O O   . HOH D 4 .   ? -7.835  -12.289 -14.207 1.00 14.37 ? 399 HOH A O   1 
HETATM 1398 O O   . HOH D 4 .   ? 10.637  13.386  11.795  1.00 23.89 ? 400 HOH A O   1 
HETATM 1399 O O   . HOH D 4 .   ? 13.027  -4.202  6.449   1.00 35.10 ? 401 HOH A O   1 
# 
loop_
_pdbx_poly_seq_scheme.asym_id 
_pdbx_poly_seq_scheme.entity_id 
_pdbx_poly_seq_scheme.seq_id 
_pdbx_poly_seq_scheme.mon_id 
_pdbx_poly_seq_scheme.ndb_seq_num 
_pdbx_poly_seq_scheme.pdb_seq_num 
_pdbx_poly_seq_scheme.auth_seq_num 
_pdbx_poly_seq_scheme.pdb_mon_id 
_pdbx_poly_seq_scheme.auth_mon_id 
_pdbx_poly_seq_scheme.pdb_strand_id 
_pdbx_poly_seq_scheme.pdb_ins_code 
_pdbx_poly_seq_scheme.hetero 
A 1 1   MET 1   1   1   MET MET A . n 
A 1 2   ASN 2   2   2   ASN ASN A . n 
A 1 3   ILE 3   3   3   ILE ILE A . n 
A 1 4   PHE 4   4   4   PHE PHE A . n 
A 1 5   GLU 5   5   5   GLU GLU A . n 
A 1 6   MET 6   6   6   MET MET A . n 
A 1 7   LEU 7   7   7   LEU LEU A . n 
A 1 8   ARG 8   8   8   ARG ARG A . n 
A 1 9   ILE 9   9   9   ILE ILE A . n 
A 1 10  ASP 10  10  10  ASP ASP A . n 
A 1 11  GLU 11  11  11  GLU GLU A . n 
A 1 12  GLY 12  12  12  GLY GLY A . n 
A 1 13  LEU 13  13  13  LEU LEU A . n 
A 1 14  ARG 14  14  14  ARG ARG A . n 
A 1 15  LEU 15  15  15  LEU LEU A . n 
A 1 16  LYS 16  16  16  LYS LYS A . n 
A 1 17  ILE 17  17  17  ILE ILE A . n 
A 1 18  TYR 18  18  18  TYR TYR A . n 
A 1 19  LYS 19  19  19  LYS LYS A . n 
A 1 20  ASP 20  20  20  ASP ASP A . n 
A 1 21  THR 21  21  21  THR THR A . n 
A 1 22  GLU 22  22  22  GLU GLU A . n 
A 1 23  GLY 23  23  23  GLY GLY A . n 
A 1 24  TYR 24  24  24  TYR TYR A . n 
A 1 25  TYR 25  25  25  TYR TYR A . n 
A 1 26  THR 26  26  26  THR THR A . n 
A 1 27  ILE 27  27  27  ILE ILE A . n 
A 1 28  GLY 28  28  28  GLY GLY A . n 
A 1 29  ILE 29  29  29  ILE ILE A . n 
A 1 30  GLY 30  30  30  GLY GLY A . n 
A 1 31  HIS 31  31  31  HIS HIS A . n 
A 1 32  LEU 32  32  32  LEU LEU A . n 
A 1 33  LEU 33  33  33  LEU LEU A . n 
A 1 34  THR 34  34  34  THR THR A . n 
A 1 35  LYS 35  35  35  LYS LYS A . n 
A 1 36  SER 36  36  36  SER SER A . n 
A 1 37  PRO 37  37  37  PRO PRO A . n 
A 1 38  SER 38  38  38  SER SER A . n 
A 1 39  LEU 39  39  39  LEU LEU A . n 
A 1 40  ASN 40  40  40  ASN ASN A . n 
A 1 41  ALA 41  41  41  ALA ALA A . n 
A 1 42  ALA 42  42  42  ALA ALA A . n 
A 1 43  LYS 43  43  43  LYS LYS A . n 
A 1 44  SER 44  44  44  SER SER A . n 
A 1 45  GLU 45  45  45  GLU GLU A . n 
A 1 46  LEU 46  46  46  LEU LEU A . n 
A 1 47  ASP 47  47  47  ASP ASP A . n 
A 1 48  LYS 48  48  48  LYS LYS A . n 
A 1 49  ALA 49  49  49  ALA ALA A . n 
A 1 50  ILE 50  50  50  ILE ILE A . n 
A 1 51  GLY 51  51  51  GLY GLY A . n 
A 1 52  ARG 52  52  52  ARG ARG A . n 
A 1 53  ASN 53  53  53  ASN ASN A . n 
A 1 54  CYS 54  54  54  CYS CYS A . n 
A 1 55  ASN 55  55  55  ASN ASN A . n 
A 1 56  GLY 56  56  56  GLY GLY A . n 
A 1 57  VAL 57  57  57  VAL VAL A . n 
A 1 58  ILE 58  58  58  ILE ILE A . n 
A 1 59  THR 59  59  59  THR THR A . n 
A 1 60  LYS 60  60  60  LYS LYS A . n 
A 1 61  ASP 61  61  61  ASP ASP A . n 
A 1 62  GLU 62  62  62  GLU GLU A . n 
A 1 63  ALA 63  63  63  ALA ALA A . n 
A 1 64  GLU 64  64  64  GLU GLU A . n 
A 1 65  LYS 65  65  65  LYS LYS A . n 
A 1 66  LEU 66  66  66  LEU LEU A . n 
A 1 67  PHE 67  67  67  PHE PHE A . n 
A 1 68  ASN 68  68  68  ASN ASN A . n 
A 1 69  GLN 69  69  69  GLN GLN A . n 
A 1 70  ASP 70  70  70  ASP ASP A . n 
A 1 71  VAL 71  71  71  VAL VAL A . n 
A 1 72  ASP 72  72  72  ASP ASP A . n 
A 1 73  ALA 73  73  73  ALA ALA A . n 
A 1 74  ALA 74  74  74  ALA ALA A . n 
A 1 75  VAL 75  75  75  VAL VAL A . n 
A 1 76  ARG 76  76  76  ARG ARG A . n 
A 1 77  GLY 77  77  77  GLY GLY A . n 
A 1 78  ILE 78  78  78  ILE ILE A . n 
A 1 79  LEU 79  79  79  LEU LEU A . n 
A 1 80  ARG 80  80  80  ARG ARG A . n 
A 1 81  ASN 81  81  81  ASN ASN A . n 
A 1 82  ALA 82  82  82  ALA ALA A . n 
A 1 83  LYS 83  83  83  LYS LYS A . n 
A 1 84  LEU 84  84  84  LEU LEU A . n 
A 1 85  LYS 85  85  85  LYS LYS A . n 
A 1 86  PRO 86  86  86  PRO PRO A . n 
A 1 87  VAL 87  87  87  VAL VAL A . n 
A 1 88  TYR 88  88  88  TYR TYR A . n 
A 1 89  ASP 89  89  89  ASP ASP A . n 
A 1 90  SER 90  90  90  SER SER A . n 
A 1 91  LEU 91  91  91  LEU LEU A . n 
A 1 92  ASP 92  92  92  ASP ASP A . n 
A 1 93  ALA 93  93  93  ALA ALA A . n 
A 1 94  VAL 94  94  94  VAL VAL A . n 
A 1 95  ARG 95  95  95  ARG ARG A . n 
A 1 96  ARG 96  96  96  ARG ARG A . n 
A 1 97  CYS 97  97  97  CYS CYS A . n 
A 1 98  ALA 98  98  98  ALA ALA A . n 
A 1 99  ALA 99  99  99  ALA ALA A . n 
A 1 100 ILE 100 100 100 ILE ILE A . n 
A 1 101 ASN 101 101 101 ASN ASN A . n 
A 1 102 MET 102 102 102 MET MET A . n 
A 1 103 VAL 103 103 103 VAL VAL A . n 
A 1 104 PHE 104 104 104 PHE PHE A . n 
A 1 105 GLN 105 105 105 GLN GLN A . n 
A 1 106 MET 106 106 106 MET MET A . n 
A 1 107 GLY 107 107 107 GLY GLY A . n 
A 1 108 GLU 108 108 108 GLU GLU A . n 
A 1 109 THR 109 109 109 THR THR A . n 
A 1 110 GLY 110 110 110 GLY GLY A . n 
A 1 111 VAL 111 111 ?   ?   ?   A . n 
A 1 112 ALA 112 112 ?   ?   ?   A . n 
A 1 113 GLY 113 113 113 GLY GLY A . n 
A 1 114 PHE 114 114 114 PHE PHE A . n 
A 1 115 THR 115 115 115 THR THR A . n 
A 1 116 ASN 116 116 116 ASN ASN A . n 
A 1 117 SER 117 117 117 SER SER A . n 
A 1 118 LEU 118 118 118 LEU LEU A . n 
A 1 119 ARG 119 119 119 ARG ARG A . n 
A 1 120 MET 120 120 120 MET MET A . n 
A 1 121 LEU 121 121 121 LEU LEU A . n 
A 1 122 GLN 122 122 122 GLN GLN A . n 
A 1 123 GLN 123 123 123 GLN GLN A . n 
A 1 124 LYS 124 124 124 LYS LYS A . n 
A 1 125 ARG 125 125 125 ARG ARG A . n 
A 1 126 TRP 126 126 126 TRP TRP A . n 
A 1 127 ASP 127 127 127 ASP ASP A . n 
A 1 128 GLU 128 128 128 GLU GLU A . n 
A 1 129 ALA 129 129 129 ALA ALA A . n 
A 1 130 ALA 130 130 130 ALA ALA A . n 
A 1 131 VAL 131 131 131 VAL VAL A . n 
A 1 132 ASN 132 132 132 ASN ASN A . n 
A 1 133 LEU 133 133 133 LEU LEU A . n 
A 1 134 ALA 134 134 134 ALA ALA A . n 
A 1 135 LYS 135 135 135 LYS LYS A . n 
A 1 136 SER 136 136 136 SER SER A . n 
A 1 137 ARG 137 137 137 ARG ARG A . n 
A 1 138 TRP 138 138 138 TRP TRP A . n 
A 1 139 TYR 139 139 139 TYR TYR A . n 
A 1 140 ASN 140 140 140 ASN ASN A . n 
A 1 141 GLN 141 141 141 GLN GLN A . n 
A 1 142 THR 142 142 142 THR THR A . n 
A 1 143 PRO 143 143 143 PRO PRO A . n 
A 1 144 ASN 144 144 144 ASN ASN A . n 
A 1 145 ARG 145 145 145 ARG ARG A . n 
A 1 146 ALA 146 146 146 ALA ALA A . n 
A 1 147 LYS 147 147 147 LYS LYS A . n 
A 1 148 ARG 148 148 148 ARG ARG A . n 
A 1 149 VAL 149 149 149 VAL VAL A . n 
A 1 150 ILE 150 150 150 ILE ILE A . n 
A 1 151 THR 151 151 151 THR THR A . n 
A 1 152 THR 152 152 152 THR THR A . n 
A 1 153 PHE 153 153 153 PHE PHE A . n 
A 1 154 ARG 154 154 154 ARG ARG A . n 
A 1 155 THR 155 155 155 THR THR A . n 
A 1 156 GLY 156 156 156 GLY GLY A . n 
A 1 157 THR 157 157 157 THR THR A . n 
A 1 158 TRP 158 158 158 TRP TRP A . n 
A 1 159 ASP 159 159 159 ASP ASP A . n 
A 1 160 ALA 160 160 160 ALA ALA A . n 
A 1 161 TYR 161 161 161 TYR TYR A . n 
A 1 162 LYS 162 162 162 LYS LYS A . n 
A 1 163 ASN 163 163 ?   ?   ?   A . n 
A 1 164 LEU 164 164 ?   ?   ?   A . n 
A 1 165 LEU 165 165 ?   ?   ?   A . n 
A 1 166 GLU 166 166 ?   ?   ?   A . n 
A 1 167 HIS 167 167 ?   ?   ?   A . n 
A 1 168 HIS 168 168 ?   ?   ?   A . n 
A 1 169 HIS 169 169 ?   ?   ?   A . n 
A 1 170 HIS 170 170 ?   ?   ?   A . n 
A 1 171 HIS 171 171 ?   ?   ?   A . n 
A 1 172 HIS 172 172 ?   ?   ?   A . n 
# 
loop_
_pdbx_nonpoly_scheme.asym_id 
_pdbx_nonpoly_scheme.entity_id 
_pdbx_nonpoly_scheme.mon_id 
_pdbx_nonpoly_scheme.ndb_seq_num 
_pdbx_nonpoly_scheme.pdb_seq_num 
_pdbx_nonpoly_scheme.auth_seq_num 
_pdbx_nonpoly_scheme.pdb_mon_id 
_pdbx_nonpoly_scheme.auth_mon_id 
_pdbx_nonpoly_scheme.pdb_strand_id 
_pdbx_nonpoly_scheme.pdb_ins_code 
B 2 YGM 1   201 201 YGM LIG A . 
C 3 TRS 1   202 210 TRS TRS A . 
D 4 HOH 1   301 96  HOH HOH A . 
D 4 HOH 2   302 29  HOH HOH A . 
D 4 HOH 3   303 72  HOH HOH A . 
D 4 HOH 4   304 75  HOH HOH A . 
D 4 HOH 5   305 10  HOH HOH A . 
D 4 HOH 6   306 12  HOH HOH A . 
D 4 HOH 7   307 21  HOH HOH A . 
D 4 HOH 8   308 86  HOH HOH A . 
D 4 HOH 9   309 78  HOH HOH A . 
D 4 HOH 10  310 74  HOH HOH A . 
D 4 HOH 11  311 77  HOH HOH A . 
D 4 HOH 12  312 38  HOH HOH A . 
D 4 HOH 13  313 16  HOH HOH A . 
D 4 HOH 14  314 91  HOH HOH A . 
D 4 HOH 15  315 46  HOH HOH A . 
D 4 HOH 16  316 31  HOH HOH A . 
D 4 HOH 17  317 22  HOH HOH A . 
D 4 HOH 18  318 53  HOH HOH A . 
D 4 HOH 19  319 61  HOH HOH A . 
D 4 HOH 20  320 90  HOH HOH A . 
D 4 HOH 21  321 27  HOH HOH A . 
D 4 HOH 22  322 49  HOH HOH A . 
D 4 HOH 23  323 88  HOH HOH A . 
D 4 HOH 24  324 18  HOH HOH A . 
D 4 HOH 25  325 6   HOH HOH A . 
D 4 HOH 26  326 19  HOH HOH A . 
D 4 HOH 27  327 1   HOH HOH A . 
D 4 HOH 28  328 11  HOH HOH A . 
D 4 HOH 29  329 63  HOH HOH A . 
D 4 HOH 30  330 14  HOH HOH A . 
D 4 HOH 31  331 13  HOH HOH A . 
D 4 HOH 32  332 4   HOH HOH A . 
D 4 HOH 33  333 20  HOH HOH A . 
D 4 HOH 34  334 54  HOH HOH A . 
D 4 HOH 35  335 60  HOH HOH A . 
D 4 HOH 36  336 37  HOH HOH A . 
D 4 HOH 37  337 62  HOH HOH A . 
D 4 HOH 38  338 43  HOH HOH A . 
D 4 HOH 39  339 39  HOH HOH A . 
D 4 HOH 40  340 44  HOH HOH A . 
D 4 HOH 41  341 81  HOH HOH A . 
D 4 HOH 42  342 9   HOH HOH A . 
D 4 HOH 43  343 45  HOH HOH A . 
D 4 HOH 44  344 57  HOH HOH A . 
D 4 HOH 45  345 15  HOH HOH A . 
D 4 HOH 46  346 2   HOH HOH A . 
D 4 HOH 47  347 23  HOH HOH A . 
D 4 HOH 48  348 17  HOH HOH A . 
D 4 HOH 49  349 26  HOH HOH A . 
D 4 HOH 50  350 25  HOH HOH A . 
D 4 HOH 51  351 58  HOH HOH A . 
D 4 HOH 52  352 24  HOH HOH A . 
D 4 HOH 53  353 92  HOH HOH A . 
D 4 HOH 54  354 3   HOH HOH A . 
D 4 HOH 55  355 64  HOH HOH A . 
D 4 HOH 56  356 73  HOH HOH A . 
D 4 HOH 57  357 55  HOH HOH A . 
D 4 HOH 58  358 28  HOH HOH A . 
D 4 HOH 59  359 59  HOH HOH A . 
D 4 HOH 60  360 42  HOH HOH A . 
D 4 HOH 61  361 33  HOH HOH A . 
D 4 HOH 62  362 70  HOH HOH A . 
D 4 HOH 63  363 85  HOH HOH A . 
D 4 HOH 64  364 89  HOH HOH A . 
D 4 HOH 65  365 50  HOH HOH A . 
D 4 HOH 66  366 65  HOH HOH A . 
D 4 HOH 67  367 34  HOH HOH A . 
D 4 HOH 68  368 48  HOH HOH A . 
D 4 HOH 69  369 69  HOH HOH A . 
D 4 HOH 70  370 36  HOH HOH A . 
D 4 HOH 71  371 94  HOH HOH A . 
D 4 HOH 72  372 7   HOH HOH A . 
D 4 HOH 73  373 5   HOH HOH A . 
D 4 HOH 74  374 56  HOH HOH A . 
D 4 HOH 75  375 35  HOH HOH A . 
D 4 HOH 76  376 32  HOH HOH A . 
D 4 HOH 77  377 97  HOH HOH A . 
D 4 HOH 78  378 40  HOH HOH A . 
D 4 HOH 79  379 66  HOH HOH A . 
D 4 HOH 80  380 93  HOH HOH A . 
D 4 HOH 81  381 30  HOH HOH A . 
D 4 HOH 82  382 80  HOH HOH A . 
D 4 HOH 83  383 52  HOH HOH A . 
D 4 HOH 84  384 82  HOH HOH A . 
D 4 HOH 85  385 67  HOH HOH A . 
D 4 HOH 86  386 102 HOH HOH A . 
D 4 HOH 87  387 87  HOH HOH A . 
D 4 HOH 88  388 103 HOH HOH A . 
D 4 HOH 89  389 99  HOH HOH A . 
D 4 HOH 90  390 68  HOH HOH A . 
D 4 HOH 91  391 47  HOH HOH A . 
D 4 HOH 92  392 100 HOH HOH A . 
D 4 HOH 93  393 83  HOH HOH A . 
D 4 HOH 94  394 84  HOH HOH A . 
D 4 HOH 95  395 101 HOH HOH A . 
D 4 HOH 96  396 95  HOH HOH A . 
D 4 HOH 97  397 79  HOH HOH A . 
D 4 HOH 98  398 71  HOH HOH A . 
D 4 HOH 99  399 98  HOH HOH A . 
D 4 HOH 100 400 41  HOH HOH A . 
D 4 HOH 101 401 76  HOH HOH A . 
# 
_pdbx_struct_assembly.id                   1 
_pdbx_struct_assembly.details              author_and_software_defined_assembly 
_pdbx_struct_assembly.method_details       PISA 
_pdbx_struct_assembly.oligomeric_details   monomeric 
_pdbx_struct_assembly.oligomeric_count     1 
# 
_pdbx_struct_assembly_gen.assembly_id       1 
_pdbx_struct_assembly_gen.oper_expression   1 
_pdbx_struct_assembly_gen.asym_id_list      A,B,C,D 
# 
_pdbx_struct_oper_list.id                   1 
_pdbx_struct_oper_list.type                 'identity operation' 
_pdbx_struct_oper_list.name                 1_555 
_pdbx_struct_oper_list.symmetry_operation   x,y,z 
_pdbx_struct_oper_list.matrix[1][1]         1.0000000000 
_pdbx_struct_oper_list.matrix[1][2]         0.0000000000 
_pdbx_struct_oper_list.matrix[1][3]         0.0000000000 
_pdbx_struct_oper_list.vector[1]            0.0000000000 
_pdbx_struct_oper_list.matrix[2][1]         0.0000000000 
_pdbx_struct_oper_list.matrix[2][2]         1.0000000000 
_pdbx_struct_oper_list.matrix[2][3]         0.0000000000 
_pdbx_struct_oper_list.vector[2]            0.0000000000 
_pdbx_struct_oper_list.matrix[3][1]         0.0000000000 
_pdbx_struct_oper_list.matrix[3][2]         0.0000000000 
_pdbx_struct_oper_list.matrix[3][3]         1.0000000000 
_pdbx_struct_oper_list.vector[3]            0.0000000000 
# 
loop_
_pdbx_audit_revision_history.ordinal 
_pdbx_audit_revision_history.data_content_type 
_pdbx_audit_revision_history.major_revision 
_pdbx_audit_revision_history.minor_revision 
_pdbx_audit_revision_history.revision_date 
1 'Structure model' 1 0 2021-05-19 
2 'Structure model' 1 1 2021-12-08 
3 'Structure model' 1 2 2023-10-18 
# 
_pdbx_audit_revision_details.ordinal             1 
_pdbx_audit_revision_details.revision_ordinal    1 
_pdbx_audit_revision_details.data_content_type   'Structure model' 
_pdbx_audit_revision_details.provider            repository 
_pdbx_audit_revision_details.type                'Initial release' 
_pdbx_audit_revision_details.description         ? 
_pdbx_audit_revision_details.details             ? 
# 
loop_
_pdbx_audit_revision_group.ordinal 
_pdbx_audit_revision_group.revision_ordinal 
_pdbx_audit_revision_group.data_content_type 
_pdbx_audit_revision_group.group 
1 2 'Structure model' 'Database references'    
2 3 'Structure model' 'Data collection'        
3 3 'Structure model' 'Refinement description' 
# 
loop_
_pdbx_audit_revision_category.ordinal 
_pdbx_audit_revision_category.revision_ordinal 
_pdbx_audit_revision_category.data_content_type 
_pdbx_audit_revision_category.category 
1 2 'Structure model' citation                      
2 2 'Structure model' citation_author               
3 2 'Structure model' database_2                    
4 3 'Structure model' chem_comp_atom                
5 3 'Structure model' chem_comp_bond                
6 3 'Structure model' pdbx_initial_refinement_model 
# 
loop_
_pdbx_audit_revision_item.ordinal 
_pdbx_audit_revision_item.revision_ordinal 
_pdbx_audit_revision_item.data_content_type 
_pdbx_audit_revision_item.item 
1  2 'Structure model' '_citation.country'                   
2  2 'Structure model' '_citation.journal_abbrev'            
3  2 'Structure model' '_citation.journal_id_ASTM'           
4  2 'Structure model' '_citation.journal_id_CSD'            
5  2 'Structure model' '_citation.journal_id_ISSN'           
6  2 'Structure model' '_citation.journal_volume'            
7  2 'Structure model' '_citation.pdbx_database_id_DOI'      
8  2 'Structure model' '_citation.pdbx_database_id_PubMed'   
9  2 'Structure model' '_citation.title'                     
10 2 'Structure model' '_citation.year'                      
11 2 'Structure model' '_citation_author.identifier_ORCID'   
12 2 'Structure model' '_database_2.pdbx_DOI'                
13 2 'Structure model' '_database_2.pdbx_database_accession' 
# 
_phasing.method   MR 
# 
loop_
_software.citation_id 
_software.classification 
_software.compiler_name 
_software.compiler_version 
_software.contact_author 
_software.contact_author_email 
_software.date 
_software.description 
_software.dependencies 
_software.hardware 
_software.language 
_software.location 
_software.mods 
_software.name 
_software.os 
_software.os_version 
_software.type 
_software.version 
_software.pdbx_ordinal 
? 'data reduction'  ? ? 'Wolfgang Kabsch' Wolfgang.Kabsch@mpimf-heidelberg.mpg.de ?               ? ? ? ?          
http://www.mpimf-heidelberg.mpg.de/~kabsch/xds/     ? XDS         ? ? package .           1 
? 'data scaling'    ? ? 'Phil Evans'      ?                                       29/03/17        ? ? ? ?          
http://www.mrc-lmb.cam.ac.uk/harry/pre/aimless.html ? Aimless     ? ? program 0.5.32      2 
? phasing           ? ? 'Alexei Vaguine'  alexei@ysbl.york.ac.uk                  ?               ? ? ? Fortran_77 
http://www.ccp4.ac.uk/dist/html/molrep.html         ? MOLREP      ? ? program .           3 
? refinement        ? ? 'Paul D. Adams'   PDAdams@lbl.gov                         ?               ? ? ? C++        
http://www.phenix-online.org/                       ? PHENIX      ? ? package 1.11.1_2575 4 
? 'data extraction' ? ? PDB               deposit@deposit.rcsb.org                'Oct. 31, 2020' ? ? ? C++        
http://sw-tools.pdb.org/apps/PDB_EXTRACT/           ? PDB_EXTRACT ? ? package 3.27        5 
# 
_pdbx_entry_details.entry_id                 7LX9 
_pdbx_entry_details.has_ligand_of_interest   Y 
_pdbx_entry_details.compound_details         ? 
_pdbx_entry_details.source_details           ? 
_pdbx_entry_details.nonpolymer_details       ? 
_pdbx_entry_details.sequence_details         ? 
# 
loop_
_pdbx_unobs_or_zero_occ_atoms.id 
_pdbx_unobs_or_zero_occ_atoms.PDB_model_num 
_pdbx_unobs_or_zero_occ_atoms.polymer_flag 
_pdbx_unobs_or_zero_occ_atoms.occupancy_flag 
_pdbx_unobs_or_zero_occ_atoms.auth_asym_id 
_pdbx_unobs_or_zero_occ_atoms.auth_comp_id 
_pdbx_unobs_or_zero_occ_atoms.auth_seq_id 
_pdbx_unobs_or_zero_occ_atoms.PDB_ins_code 
_pdbx_unobs_or_zero_occ_atoms.auth_atom_id 
_pdbx_unobs_or_zero_occ_atoms.label_alt_id 
_pdbx_unobs_or_zero_occ_atoms.label_asym_id 
_pdbx_unobs_or_zero_occ_atoms.label_comp_id 
_pdbx_unobs_or_zero_occ_atoms.label_seq_id 
_pdbx_unobs_or_zero_occ_atoms.label_atom_id 
1 1 Y 1 A ASN 116 ? OD1 ? A ASN 116 OD1 
2 1 Y 1 A ASN 116 ? ND2 ? A ASN 116 ND2 
# 
loop_
_pdbx_unobs_or_zero_occ_residues.id 
_pdbx_unobs_or_zero_occ_residues.PDB_model_num 
_pdbx_unobs_or_zero_occ_residues.polymer_flag 
_pdbx_unobs_or_zero_occ_residues.occupancy_flag 
_pdbx_unobs_or_zero_occ_residues.auth_asym_id 
_pdbx_unobs_or_zero_occ_residues.auth_comp_id 
_pdbx_unobs_or_zero_occ_residues.auth_seq_id 
_pdbx_unobs_or_zero_occ_residues.PDB_ins_code 
_pdbx_unobs_or_zero_occ_residues.label_asym_id 
_pdbx_unobs_or_zero_occ_residues.label_comp_id 
_pdbx_unobs_or_zero_occ_residues.label_seq_id 
1  1 Y 1 A VAL 111 ? A VAL 111 
2  1 Y 1 A ALA 112 ? A ALA 112 
3  1 Y 1 A ASN 163 ? A ASN 163 
4  1 Y 1 A LEU 164 ? A LEU 164 
5  1 Y 1 A LEU 165 ? A LEU 165 
6  1 Y 1 A GLU 166 ? A GLU 166 
7  1 Y 1 A HIS 167 ? A HIS 167 
8  1 Y 1 A HIS 168 ? A HIS 168 
9  1 Y 1 A HIS 169 ? A HIS 169 
10 1 Y 1 A HIS 170 ? A HIS 170 
11 1 Y 1 A HIS 171 ? A HIS 171 
12 1 Y 1 A HIS 172 ? A HIS 172 
# 
loop_
_chem_comp_atom.comp_id 
_chem_comp_atom.atom_id 
_chem_comp_atom.type_symbol 
_chem_comp_atom.pdbx_aromatic_flag 
_chem_comp_atom.pdbx_stereo_config 
_chem_comp_atom.pdbx_ordinal 
ALA N    N N N 1   
ALA CA   C N S 2   
ALA C    C N N 3   
ALA O    O N N 4   
ALA CB   C N N 5   
ALA OXT  O N N 6   
ALA H    H N N 7   
ALA H2   H N N 8   
ALA HA   H N N 9   
ALA HB1  H N N 10  
ALA HB2  H N N 11  
ALA HB3  H N N 12  
ALA HXT  H N N 13  
ARG N    N N N 14  
ARG CA   C N S 15  
ARG C    C N N 16  
ARG O    O N N 17  
ARG CB   C N N 18  
ARG CG   C N N 19  
ARG CD   C N N 20  
ARG NE   N N N 21  
ARG CZ   C N N 22  
ARG NH1  N N N 23  
ARG NH2  N N N 24  
ARG OXT  O N N 25  
ARG H    H N N 26  
ARG H2   H N N 27  
ARG HA   H N N 28  
ARG HB2  H N N 29  
ARG HB3  H N N 30  
ARG HG2  H N N 31  
ARG HG3  H N N 32  
ARG HD2  H N N 33  
ARG HD3  H N N 34  
ARG HE   H N N 35  
ARG HH11 H N N 36  
ARG HH12 H N N 37  
ARG HH21 H N N 38  
ARG HH22 H N N 39  
ARG HXT  H N N 40  
ASN N    N N N 41  
ASN CA   C N S 42  
ASN C    C N N 43  
ASN O    O N N 44  
ASN CB   C N N 45  
ASN CG   C N N 46  
ASN OD1  O N N 47  
ASN ND2  N N N 48  
ASN OXT  O N N 49  
ASN H    H N N 50  
ASN H2   H N N 51  
ASN HA   H N N 52  
ASN HB2  H N N 53  
ASN HB3  H N N 54  
ASN HD21 H N N 55  
ASN HD22 H N N 56  
ASN HXT  H N N 57  
ASP N    N N N 58  
ASP CA   C N S 59  
ASP C    C N N 60  
ASP O    O N N 61  
ASP CB   C N N 62  
ASP CG   C N N 63  
ASP OD1  O N N 64  
ASP OD2  O N N 65  
ASP OXT  O N N 66  
ASP H    H N N 67  
ASP H2   H N N 68  
ASP HA   H N N 69  
ASP HB2  H N N 70  
ASP HB3  H N N 71  
ASP HD2  H N N 72  
ASP HXT  H N N 73  
CYS N    N N N 74  
CYS CA   C N R 75  
CYS C    C N N 76  
CYS O    O N N 77  
CYS CB   C N N 78  
CYS SG   S N N 79  
CYS OXT  O N N 80  
CYS H    H N N 81  
CYS H2   H N N 82  
CYS HA   H N N 83  
CYS HB2  H N N 84  
CYS HB3  H N N 85  
CYS HG   H N N 86  
CYS HXT  H N N 87  
GLN N    N N N 88  
GLN CA   C N S 89  
GLN C    C N N 90  
GLN O    O N N 91  
GLN CB   C N N 92  
GLN CG   C N N 93  
GLN CD   C N N 94  
GLN OE1  O N N 95  
GLN NE2  N N N 96  
GLN OXT  O N N 97  
GLN H    H N N 98  
GLN H2   H N N 99  
GLN HA   H N N 100 
GLN HB2  H N N 101 
GLN HB3  H N N 102 
GLN HG2  H N N 103 
GLN HG3  H N N 104 
GLN HE21 H N N 105 
GLN HE22 H N N 106 
GLN HXT  H N N 107 
GLU N    N N N 108 
GLU CA   C N S 109 
GLU C    C N N 110 
GLU O    O N N 111 
GLU CB   C N N 112 
GLU CG   C N N 113 
GLU CD   C N N 114 
GLU OE1  O N N 115 
GLU OE2  O N N 116 
GLU OXT  O N N 117 
GLU H    H N N 118 
GLU H2   H N N 119 
GLU HA   H N N 120 
GLU HB2  H N N 121 
GLU HB3  H N N 122 
GLU HG2  H N N 123 
GLU HG3  H N N 124 
GLU HE2  H N N 125 
GLU HXT  H N N 126 
GLY N    N N N 127 
GLY CA   C N N 128 
GLY C    C N N 129 
GLY O    O N N 130 
GLY OXT  O N N 131 
GLY H    H N N 132 
GLY H2   H N N 133 
GLY HA2  H N N 134 
GLY HA3  H N N 135 
GLY HXT  H N N 136 
HIS N    N N N 137 
HIS CA   C N S 138 
HIS C    C N N 139 
HIS O    O N N 140 
HIS CB   C N N 141 
HIS CG   C Y N 142 
HIS ND1  N Y N 143 
HIS CD2  C Y N 144 
HIS CE1  C Y N 145 
HIS NE2  N Y N 146 
HIS OXT  O N N 147 
HIS H    H N N 148 
HIS H2   H N N 149 
HIS HA   H N N 150 
HIS HB2  H N N 151 
HIS HB3  H N N 152 
HIS HD1  H N N 153 
HIS HD2  H N N 154 
HIS HE1  H N N 155 
HIS HE2  H N N 156 
HIS HXT  H N N 157 
HOH O    O N N 158 
HOH H1   H N N 159 
HOH H2   H N N 160 
ILE N    N N N 161 
ILE CA   C N S 162 
ILE C    C N N 163 
ILE O    O N N 164 
ILE CB   C N S 165 
ILE CG1  C N N 166 
ILE CG2  C N N 167 
ILE CD1  C N N 168 
ILE OXT  O N N 169 
ILE H    H N N 170 
ILE H2   H N N 171 
ILE HA   H N N 172 
ILE HB   H N N 173 
ILE HG12 H N N 174 
ILE HG13 H N N 175 
ILE HG21 H N N 176 
ILE HG22 H N N 177 
ILE HG23 H N N 178 
ILE HD11 H N N 179 
ILE HD12 H N N 180 
ILE HD13 H N N 181 
ILE HXT  H N N 182 
LEU N    N N N 183 
LEU CA   C N S 184 
LEU C    C N N 185 
LEU O    O N N 186 
LEU CB   C N N 187 
LEU CG   C N N 188 
LEU CD1  C N N 189 
LEU CD2  C N N 190 
LEU OXT  O N N 191 
LEU H    H N N 192 
LEU H2   H N N 193 
LEU HA   H N N 194 
LEU HB2  H N N 195 
LEU HB3  H N N 196 
LEU HG   H N N 197 
LEU HD11 H N N 198 
LEU HD12 H N N 199 
LEU HD13 H N N 200 
LEU HD21 H N N 201 
LEU HD22 H N N 202 
LEU HD23 H N N 203 
LEU HXT  H N N 204 
LYS N    N N N 205 
LYS CA   C N S 206 
LYS C    C N N 207 
LYS O    O N N 208 
LYS CB   C N N 209 
LYS CG   C N N 210 
LYS CD   C N N 211 
LYS CE   C N N 212 
LYS NZ   N N N 213 
LYS OXT  O N N 214 
LYS H    H N N 215 
LYS H2   H N N 216 
LYS HA   H N N 217 
LYS HB2  H N N 218 
LYS HB3  H N N 219 
LYS HG2  H N N 220 
LYS HG3  H N N 221 
LYS HD2  H N N 222 
LYS HD3  H N N 223 
LYS HE2  H N N 224 
LYS HE3  H N N 225 
LYS HZ1  H N N 226 
LYS HZ2  H N N 227 
LYS HZ3  H N N 228 
LYS HXT  H N N 229 
MET N    N N N 230 
MET CA   C N S 231 
MET C    C N N 232 
MET O    O N N 233 
MET CB   C N N 234 
MET CG   C N N 235 
MET SD   S N N 236 
MET CE   C N N 237 
MET OXT  O N N 238 
MET H    H N N 239 
MET H2   H N N 240 
MET HA   H N N 241 
MET HB2  H N N 242 
MET HB3  H N N 243 
MET HG2  H N N 244 
MET HG3  H N N 245 
MET HE1  H N N 246 
MET HE2  H N N 247 
MET HE3  H N N 248 
MET HXT  H N N 249 
PHE N    N N N 250 
PHE CA   C N S 251 
PHE C    C N N 252 
PHE O    O N N 253 
PHE CB   C N N 254 
PHE CG   C Y N 255 
PHE CD1  C Y N 256 
PHE CD2  C Y N 257 
PHE CE1  C Y N 258 
PHE CE2  C Y N 259 
PHE CZ   C Y N 260 
PHE OXT  O N N 261 
PHE H    H N N 262 
PHE H2   H N N 263 
PHE HA   H N N 264 
PHE HB2  H N N 265 
PHE HB3  H N N 266 
PHE HD1  H N N 267 
PHE HD2  H N N 268 
PHE HE1  H N N 269 
PHE HE2  H N N 270 
PHE HZ   H N N 271 
PHE HXT  H N N 272 
PRO N    N N N 273 
PRO CA   C N S 274 
PRO C    C N N 275 
PRO O    O N N 276 
PRO CB   C N N 277 
PRO CG   C N N 278 
PRO CD   C N N 279 
PRO OXT  O N N 280 
PRO H    H N N 281 
PRO HA   H N N 282 
PRO HB2  H N N 283 
PRO HB3  H N N 284 
PRO HG2  H N N 285 
PRO HG3  H N N 286 
PRO HD2  H N N 287 
PRO HD3  H N N 288 
PRO HXT  H N N 289 
SER N    N N N 290 
SER CA   C N S 291 
SER C    C N N 292 
SER O    O N N 293 
SER CB   C N N 294 
SER OG   O N N 295 
SER OXT  O N N 296 
SER H    H N N 297 
SER H2   H N N 298 
SER HA   H N N 299 
SER HB2  H N N 300 
SER HB3  H N N 301 
SER HG   H N N 302 
SER HXT  H N N 303 
THR N    N N N 304 
THR CA   C N S 305 
THR C    C N N 306 
THR O    O N N 307 
THR CB   C N R 308 
THR OG1  O N N 309 
THR CG2  C N N 310 
THR OXT  O N N 311 
THR H    H N N 312 
THR H2   H N N 313 
THR HA   H N N 314 
THR HB   H N N 315 
THR HG1  H N N 316 
THR HG21 H N N 317 
THR HG22 H N N 318 
THR HG23 H N N 319 
THR HXT  H N N 320 
TRP N    N N N 321 
TRP CA   C N S 322 
TRP C    C N N 323 
TRP O    O N N 324 
TRP CB   C N N 325 
TRP CG   C Y N 326 
TRP CD1  C Y N 327 
TRP CD2  C Y N 328 
TRP NE1  N Y N 329 
TRP CE2  C Y N 330 
TRP CE3  C Y N 331 
TRP CZ2  C Y N 332 
TRP CZ3  C Y N 333 
TRP CH2  C Y N 334 
TRP OXT  O N N 335 
TRP H    H N N 336 
TRP H2   H N N 337 
TRP HA   H N N 338 
TRP HB2  H N N 339 
TRP HB3  H N N 340 
TRP HD1  H N N 341 
TRP HE1  H N N 342 
TRP HE3  H N N 343 
TRP HZ2  H N N 344 
TRP HZ3  H N N 345 
TRP HH2  H N N 346 
TRP HXT  H N N 347 
TRS C    C N N 348 
TRS C1   C N N 349 
TRS C2   C N N 350 
TRS C3   C N N 351 
TRS N    N N N 352 
TRS O1   O N N 353 
TRS O2   O N N 354 
TRS O3   O N N 355 
TRS H11  H N N 356 
TRS H12  H N N 357 
TRS H21  H N N 358 
TRS H22  H N N 359 
TRS H31  H N N 360 
TRS H32  H N N 361 
TRS HN1  H N N 362 
TRS HN2  H N N 363 
TRS HN3  H N N 364 
TRS HO1  H N N 365 
TRS HO2  H N N 366 
TRS HO3  H N N 367 
TYR N    N N N 368 
TYR CA   C N S 369 
TYR C    C N N 370 
TYR O    O N N 371 
TYR CB   C N N 372 
TYR CG   C Y N 373 
TYR CD1  C Y N 374 
TYR CD2  C Y N 375 
TYR CE1  C Y N 376 
TYR CE2  C Y N 377 
TYR CZ   C Y N 378 
TYR OH   O N N 379 
TYR OXT  O N N 380 
TYR H    H N N 381 
TYR H2   H N N 382 
TYR HA   H N N 383 
TYR HB2  H N N 384 
TYR HB3  H N N 385 
TYR HD1  H N N 386 
TYR HD2  H N N 387 
TYR HE1  H N N 388 
TYR HE2  H N N 389 
TYR HH   H N N 390 
TYR HXT  H N N 391 
VAL N    N N N 392 
VAL CA   C N S 393 
VAL C    C N N 394 
VAL O    O N N 395 
VAL CB   C N N 396 
VAL CG1  C N N 397 
VAL CG2  C N N 398 
VAL OXT  O N N 399 
VAL H    H N N 400 
VAL H2   H N N 401 
VAL HA   H N N 402 
VAL HB   H N N 403 
VAL HG11 H N N 404 
VAL HG12 H N N 405 
VAL HG13 H N N 406 
VAL HG21 H N N 407 
VAL HG22 H N N 408 
VAL HG23 H N N 409 
VAL HXT  H N N 410 
YGM C10  C Y N 411 
YGM C01  C N N 412 
YGM C02  C N N 413 
YGM C03  C N N 414 
YGM C04  C N N 415 
YGM C05  C Y N 416 
YGM C06  C Y N 417 
YGM C07  C Y N 418 
YGM C08  C Y N 419 
YGM C09  C Y N 420 
YGM H1   H N N 421 
YGM H2   H N N 422 
YGM H3   H N N 423 
YGM H4   H N N 424 
YGM H5   H N N 425 
YGM H6   H N N 426 
YGM H7   H N N 427 
YGM H8   H N N 428 
YGM H9   H N N 429 
YGM H10  H N N 430 
YGM H11  H N N 431 
YGM H12  H N N 432 
# 
loop_
_chem_comp_bond.comp_id 
_chem_comp_bond.atom_id_1 
_chem_comp_bond.atom_id_2 
_chem_comp_bond.value_order 
_chem_comp_bond.pdbx_aromatic_flag 
_chem_comp_bond.pdbx_stereo_config 
_chem_comp_bond.pdbx_ordinal 
ALA N   CA   sing N N 1   
ALA N   H    sing N N 2   
ALA N   H2   sing N N 3   
ALA CA  C    sing N N 4   
ALA CA  CB   sing N N 5   
ALA CA  HA   sing N N 6   
ALA C   O    doub N N 7   
ALA C   OXT  sing N N 8   
ALA CB  HB1  sing N N 9   
ALA CB  HB2  sing N N 10  
ALA CB  HB3  sing N N 11  
ALA OXT HXT  sing N N 12  
ARG N   CA   sing N N 13  
ARG N   H    sing N N 14  
ARG N   H2   sing N N 15  
ARG CA  C    sing N N 16  
ARG CA  CB   sing N N 17  
ARG CA  HA   sing N N 18  
ARG C   O    doub N N 19  
ARG C   OXT  sing N N 20  
ARG CB  CG   sing N N 21  
ARG CB  HB2  sing N N 22  
ARG CB  HB3  sing N N 23  
ARG CG  CD   sing N N 24  
ARG CG  HG2  sing N N 25  
ARG CG  HG3  sing N N 26  
ARG CD  NE   sing N N 27  
ARG CD  HD2  sing N N 28  
ARG CD  HD3  sing N N 29  
ARG NE  CZ   sing N N 30  
ARG NE  HE   sing N N 31  
ARG CZ  NH1  sing N N 32  
ARG CZ  NH2  doub N N 33  
ARG NH1 HH11 sing N N 34  
ARG NH1 HH12 sing N N 35  
ARG NH2 HH21 sing N N 36  
ARG NH2 HH22 sing N N 37  
ARG OXT HXT  sing N N 38  
ASN N   CA   sing N N 39  
ASN N   H    sing N N 40  
ASN N   H2   sing N N 41  
ASN CA  C    sing N N 42  
ASN CA  CB   sing N N 43  
ASN CA  HA   sing N N 44  
ASN C   O    doub N N 45  
ASN C   OXT  sing N N 46  
ASN CB  CG   sing N N 47  
ASN CB  HB2  sing N N 48  
ASN CB  HB3  sing N N 49  
ASN CG  OD1  doub N N 50  
ASN CG  ND2  sing N N 51  
ASN ND2 HD21 sing N N 52  
ASN ND2 HD22 sing N N 53  
ASN OXT HXT  sing N N 54  
ASP N   CA   sing N N 55  
ASP N   H    sing N N 56  
ASP N   H2   sing N N 57  
ASP CA  C    sing N N 58  
ASP CA  CB   sing N N 59  
ASP CA  HA   sing N N 60  
ASP C   O    doub N N 61  
ASP C   OXT  sing N N 62  
ASP CB  CG   sing N N 63  
ASP CB  HB2  sing N N 64  
ASP CB  HB3  sing N N 65  
ASP CG  OD1  doub N N 66  
ASP CG  OD2  sing N N 67  
ASP OD2 HD2  sing N N 68  
ASP OXT HXT  sing N N 69  
CYS N   CA   sing N N 70  
CYS N   H    sing N N 71  
CYS N   H2   sing N N 72  
CYS CA  C    sing N N 73  
CYS CA  CB   sing N N 74  
CYS CA  HA   sing N N 75  
CYS C   O    doub N N 76  
CYS C   OXT  sing N N 77  
CYS CB  SG   sing N N 78  
CYS CB  HB2  sing N N 79  
CYS CB  HB3  sing N N 80  
CYS SG  HG   sing N N 81  
CYS OXT HXT  sing N N 82  
GLN N   CA   sing N N 83  
GLN N   H    sing N N 84  
GLN N   H2   sing N N 85  
GLN CA  C    sing N N 86  
GLN CA  CB   sing N N 87  
GLN CA  HA   sing N N 88  
GLN C   O    doub N N 89  
GLN C   OXT  sing N N 90  
GLN CB  CG   sing N N 91  
GLN CB  HB2  sing N N 92  
GLN CB  HB3  sing N N 93  
GLN CG  CD   sing N N 94  
GLN CG  HG2  sing N N 95  
GLN CG  HG3  sing N N 96  
GLN CD  OE1  doub N N 97  
GLN CD  NE2  sing N N 98  
GLN NE2 HE21 sing N N 99  
GLN NE2 HE22 sing N N 100 
GLN OXT HXT  sing N N 101 
GLU N   CA   sing N N 102 
GLU N   H    sing N N 103 
GLU N   H2   sing N N 104 
GLU CA  C    sing N N 105 
GLU CA  CB   sing N N 106 
GLU CA  HA   sing N N 107 
GLU C   O    doub N N 108 
GLU C   OXT  sing N N 109 
GLU CB  CG   sing N N 110 
GLU CB  HB2  sing N N 111 
GLU CB  HB3  sing N N 112 
GLU CG  CD   sing N N 113 
GLU CG  HG2  sing N N 114 
GLU CG  HG3  sing N N 115 
GLU CD  OE1  doub N N 116 
GLU CD  OE2  sing N N 117 
GLU OE2 HE2  sing N N 118 
GLU OXT HXT  sing N N 119 
GLY N   CA   sing N N 120 
GLY N   H    sing N N 121 
GLY N   H2   sing N N 122 
GLY CA  C    sing N N 123 
GLY CA  HA2  sing N N 124 
GLY CA  HA3  sing N N 125 
GLY C   O    doub N N 126 
GLY C   OXT  sing N N 127 
GLY OXT HXT  sing N N 128 
HIS N   CA   sing N N 129 
HIS N   H    sing N N 130 
HIS N   H2   sing N N 131 
HIS CA  C    sing N N 132 
HIS CA  CB   sing N N 133 
HIS CA  HA   sing N N 134 
HIS C   O    doub N N 135 
HIS C   OXT  sing N N 136 
HIS CB  CG   sing N N 137 
HIS CB  HB2  sing N N 138 
HIS CB  HB3  sing N N 139 
HIS CG  ND1  sing Y N 140 
HIS CG  CD2  doub Y N 141 
HIS ND1 CE1  doub Y N 142 
HIS ND1 HD1  sing N N 143 
HIS CD2 NE2  sing Y N 144 
HIS CD2 HD2  sing N N 145 
HIS CE1 NE2  sing Y N 146 
HIS CE1 HE1  sing N N 147 
HIS NE2 HE2  sing N N 148 
HIS OXT HXT  sing N N 149 
HOH O   H1   sing N N 150 
HOH O   H2   sing N N 151 
ILE N   CA   sing N N 152 
ILE N   H    sing N N 153 
ILE N   H2   sing N N 154 
ILE CA  C    sing N N 155 
ILE CA  CB   sing N N 156 
ILE CA  HA   sing N N 157 
ILE C   O    doub N N 158 
ILE C   OXT  sing N N 159 
ILE CB  CG1  sing N N 160 
ILE CB  CG2  sing N N 161 
ILE CB  HB   sing N N 162 
ILE CG1 CD1  sing N N 163 
ILE CG1 HG12 sing N N 164 
ILE CG1 HG13 sing N N 165 
ILE CG2 HG21 sing N N 166 
ILE CG2 HG22 sing N N 167 
ILE CG2 HG23 sing N N 168 
ILE CD1 HD11 sing N N 169 
ILE CD1 HD12 sing N N 170 
ILE CD1 HD13 sing N N 171 
ILE OXT HXT  sing N N 172 
LEU N   CA   sing N N 173 
LEU N   H    sing N N 174 
LEU N   H2   sing N N 175 
LEU CA  C    sing N N 176 
LEU CA  CB   sing N N 177 
LEU CA  HA   sing N N 178 
LEU C   O    doub N N 179 
LEU C   OXT  sing N N 180 
LEU CB  CG   sing N N 181 
LEU CB  HB2  sing N N 182 
LEU CB  HB3  sing N N 183 
LEU CG  CD1  sing N N 184 
LEU CG  CD2  sing N N 185 
LEU CG  HG   sing N N 186 
LEU CD1 HD11 sing N N 187 
LEU CD1 HD12 sing N N 188 
LEU CD1 HD13 sing N N 189 
LEU CD2 HD21 sing N N 190 
LEU CD2 HD22 sing N N 191 
LEU CD2 HD23 sing N N 192 
LEU OXT HXT  sing N N 193 
LYS N   CA   sing N N 194 
LYS N   H    sing N N 195 
LYS N   H2   sing N N 196 
LYS CA  C    sing N N 197 
LYS CA  CB   sing N N 198 
LYS CA  HA   sing N N 199 
LYS C   O    doub N N 200 
LYS C   OXT  sing N N 201 
LYS CB  CG   sing N N 202 
LYS CB  HB2  sing N N 203 
LYS CB  HB3  sing N N 204 
LYS CG  CD   sing N N 205 
LYS CG  HG2  sing N N 206 
LYS CG  HG3  sing N N 207 
LYS CD  CE   sing N N 208 
LYS CD  HD2  sing N N 209 
LYS CD  HD3  sing N N 210 
LYS CE  NZ   sing N N 211 
LYS CE  HE2  sing N N 212 
LYS CE  HE3  sing N N 213 
LYS NZ  HZ1  sing N N 214 
LYS NZ  HZ2  sing N N 215 
LYS NZ  HZ3  sing N N 216 
LYS OXT HXT  sing N N 217 
MET N   CA   sing N N 218 
MET N   H    sing N N 219 
MET N   H2   sing N N 220 
MET CA  C    sing N N 221 
MET CA  CB   sing N N 222 
MET CA  HA   sing N N 223 
MET C   O    doub N N 224 
MET C   OXT  sing N N 225 
MET CB  CG   sing N N 226 
MET CB  HB2  sing N N 227 
MET CB  HB3  sing N N 228 
MET CG  SD   sing N N 229 
MET CG  HG2  sing N N 230 
MET CG  HG3  sing N N 231 
MET SD  CE   sing N N 232 
MET CE  HE1  sing N N 233 
MET CE  HE2  sing N N 234 
MET CE  HE3  sing N N 235 
MET OXT HXT  sing N N 236 
PHE N   CA   sing N N 237 
PHE N   H    sing N N 238 
PHE N   H2   sing N N 239 
PHE CA  C    sing N N 240 
PHE CA  CB   sing N N 241 
PHE CA  HA   sing N N 242 
PHE C   O    doub N N 243 
PHE C   OXT  sing N N 244 
PHE CB  CG   sing N N 245 
PHE CB  HB2  sing N N 246 
PHE CB  HB3  sing N N 247 
PHE CG  CD1  doub Y N 248 
PHE CG  CD2  sing Y N 249 
PHE CD1 CE1  sing Y N 250 
PHE CD1 HD1  sing N N 251 
PHE CD2 CE2  doub Y N 252 
PHE CD2 HD2  sing N N 253 
PHE CE1 CZ   doub Y N 254 
PHE CE1 HE1  sing N N 255 
PHE CE2 CZ   sing Y N 256 
PHE CE2 HE2  sing N N 257 
PHE CZ  HZ   sing N N 258 
PHE OXT HXT  sing N N 259 
PRO N   CA   sing N N 260 
PRO N   CD   sing N N 261 
PRO N   H    sing N N 262 
PRO CA  C    sing N N 263 
PRO CA  CB   sing N N 264 
PRO CA  HA   sing N N 265 
PRO C   O    doub N N 266 
PRO C   OXT  sing N N 267 
PRO CB  CG   sing N N 268 
PRO CB  HB2  sing N N 269 
PRO CB  HB3  sing N N 270 
PRO CG  CD   sing N N 271 
PRO CG  HG2  sing N N 272 
PRO CG  HG3  sing N N 273 
PRO CD  HD2  sing N N 274 
PRO CD  HD3  sing N N 275 
PRO OXT HXT  sing N N 276 
SER N   CA   sing N N 277 
SER N   H    sing N N 278 
SER N   H2   sing N N 279 
SER CA  C    sing N N 280 
SER CA  CB   sing N N 281 
SER CA  HA   sing N N 282 
SER C   O    doub N N 283 
SER C   OXT  sing N N 284 
SER CB  OG   sing N N 285 
SER CB  HB2  sing N N 286 
SER CB  HB3  sing N N 287 
SER OG  HG   sing N N 288 
SER OXT HXT  sing N N 289 
THR N   CA   sing N N 290 
THR N   H    sing N N 291 
THR N   H2   sing N N 292 
THR CA  C    sing N N 293 
THR CA  CB   sing N N 294 
THR CA  HA   sing N N 295 
THR C   O    doub N N 296 
THR C   OXT  sing N N 297 
THR CB  OG1  sing N N 298 
THR CB  CG2  sing N N 299 
THR CB  HB   sing N N 300 
THR OG1 HG1  sing N N 301 
THR CG2 HG21 sing N N 302 
THR CG2 HG22 sing N N 303 
THR CG2 HG23 sing N N 304 
THR OXT HXT  sing N N 305 
TRP N   CA   sing N N 306 
TRP N   H    sing N N 307 
TRP N   H2   sing N N 308 
TRP CA  C    sing N N 309 
TRP CA  CB   sing N N 310 
TRP CA  HA   sing N N 311 
TRP C   O    doub N N 312 
TRP C   OXT  sing N N 313 
TRP CB  CG   sing N N 314 
TRP CB  HB2  sing N N 315 
TRP CB  HB3  sing N N 316 
TRP CG  CD1  doub Y N 317 
TRP CG  CD2  sing Y N 318 
TRP CD1 NE1  sing Y N 319 
TRP CD1 HD1  sing N N 320 
TRP CD2 CE2  doub Y N 321 
TRP CD2 CE3  sing Y N 322 
TRP NE1 CE2  sing Y N 323 
TRP NE1 HE1  sing N N 324 
TRP CE2 CZ2  sing Y N 325 
TRP CE3 CZ3  doub Y N 326 
TRP CE3 HE3  sing N N 327 
TRP CZ2 CH2  doub Y N 328 
TRP CZ2 HZ2  sing N N 329 
TRP CZ3 CH2  sing Y N 330 
TRP CZ3 HZ3  sing N N 331 
TRP CH2 HH2  sing N N 332 
TRP OXT HXT  sing N N 333 
TRS C   C1   sing N N 334 
TRS C   C2   sing N N 335 
TRS C   C3   sing N N 336 
TRS C   N    sing N N 337 
TRS C1  O1   sing N N 338 
TRS C1  H11  sing N N 339 
TRS C1  H12  sing N N 340 
TRS C2  O2   sing N N 341 
TRS C2  H21  sing N N 342 
TRS C2  H22  sing N N 343 
TRS C3  O3   sing N N 344 
TRS C3  H31  sing N N 345 
TRS C3  H32  sing N N 346 
TRS N   HN1  sing N N 347 
TRS N   HN2  sing N N 348 
TRS N   HN3  sing N N 349 
TRS O1  HO1  sing N N 350 
TRS O2  HO2  sing N N 351 
TRS O3  HO3  sing N N 352 
TYR N   CA   sing N N 353 
TYR N   H    sing N N 354 
TYR N   H2   sing N N 355 
TYR CA  C    sing N N 356 
TYR CA  CB   sing N N 357 
TYR CA  HA   sing N N 358 
TYR C   O    doub N N 359 
TYR C   OXT  sing N N 360 
TYR CB  CG   sing N N 361 
TYR CB  HB2  sing N N 362 
TYR CB  HB3  sing N N 363 
TYR CG  CD1  doub Y N 364 
TYR CG  CD2  sing Y N 365 
TYR CD1 CE1  sing Y N 366 
TYR CD1 HD1  sing N N 367 
TYR CD2 CE2  doub Y N 368 
TYR CD2 HD2  sing N N 369 
TYR CE1 CZ   doub Y N 370 
TYR CE1 HE1  sing N N 371 
TYR CE2 CZ   sing Y N 372 
TYR CE2 HE2  sing N N 373 
TYR CZ  OH   sing N N 374 
TYR OH  HH   sing N N 375 
TYR OXT HXT  sing N N 376 
VAL N   CA   sing N N 377 
VAL N   H    sing N N 378 
VAL N   H2   sing N N 379 
VAL CA  C    sing N N 380 
VAL CA  CB   sing N N 381 
VAL CA  HA   sing N N 382 
VAL C   O    doub N N 383 
VAL C   OXT  sing N N 384 
VAL CB  CG1  sing N N 385 
VAL CB  CG2  sing N N 386 
VAL CB  HB   sing N N 387 
VAL CG1 HG11 sing N N 388 
VAL CG1 HG12 sing N N 389 
VAL CG1 HG13 sing N N 390 
VAL CG2 HG21 sing N N 391 
VAL CG2 HG22 sing N N 392 
VAL CG2 HG23 sing N N 393 
VAL OXT HXT  sing N N 394 
YGM C01 C02  doub N N 395 
YGM C02 C03  sing N N 396 
YGM C03 C04  sing N N 397 
YGM C10 C09  doub Y N 398 
YGM C10 C05  sing Y N 399 
YGM C09 C08  sing Y N 400 
YGM C04 C05  sing N N 401 
YGM C05 C06  doub Y N 402 
YGM C08 C07  doub Y N 403 
YGM C06 C07  sing Y N 404 
YGM C10 H1   sing N N 405 
YGM C01 H2   sing N N 406 
YGM C01 H3   sing N N 407 
YGM C02 H4   sing N N 408 
YGM C03 H5   sing N N 409 
YGM C03 H6   sing N N 410 
YGM C04 H7   sing N N 411 
YGM C04 H8   sing N N 412 
YGM C06 H9   sing N N 413 
YGM C07 H10  sing N N 414 
YGM C08 H11  sing N N 415 
YGM C09 H12  sing N N 416 
# 
_pdbx_audit_support.funding_organization   
'National Institutes of Health/National Institute of General Medical Sciences (NIH/NIGMS)' 
_pdbx_audit_support.country                'United States' 
_pdbx_audit_support.grant_number           ? 
_pdbx_audit_support.ordinal                1 
# 
_pdbx_entity_instance_feature.ordinal        1 
_pdbx_entity_instance_feature.comp_id        YGM 
_pdbx_entity_instance_feature.asym_id        ? 
_pdbx_entity_instance_feature.seq_num        ? 
_pdbx_entity_instance_feature.auth_comp_id   YGM 
_pdbx_entity_instance_feature.auth_asym_id   ? 
_pdbx_entity_instance_feature.auth_seq_num   ? 
_pdbx_entity_instance_feature.feature_type   'SUBJECT OF INVESTIGATION' 
_pdbx_entity_instance_feature.details        ? 
# 
loop_
_pdbx_entity_nonpoly.entity_id 
_pdbx_entity_nonpoly.name 
_pdbx_entity_nonpoly.comp_id 
2 '(but-3-en-1-yl)benzene'                 YGM 
3 2-AMINO-2-HYDROXYMETHYL-PROPANE-1,3-DIOL TRS 
4 water                                    HOH 
# 
_pdbx_initial_refinement_model.id               1 
_pdbx_initial_refinement_model.entity_id_list   ? 
_pdbx_initial_refinement_model.type             'experimental model' 
_pdbx_initial_refinement_model.source_name      PDB 
_pdbx_initial_refinement_model.accession_code   4W57 
_pdbx_initial_refinement_model.details          ? 
# 
_pdbx_struct_assembly_auth_evidence.id                     1 
_pdbx_struct_assembly_auth_evidence.assembly_id            1 
_pdbx_struct_assembly_auth_evidence.experimental_support   none 
_pdbx_struct_assembly_auth_evidence.details                ? 
# 
